data_8JG7
#
_entry.id   8JG7
#
_cell.length_a   115.360
_cell.length_b   149.450
_cell.length_c   139.126
_cell.angle_alpha   90.00
_cell.angle_beta   109.18
_cell.angle_gamma   90.00
#
_symmetry.space_group_name_H-M   'C 1 2 1'
#
loop_
_entity.id
_entity.type
_entity.pdbx_description
1 polymer 'Serine decarboxylase'
2 non-polymer "PYRIDOXAL-5'-PHOSPHATE"
3 non-polymer 'ZINC ION'
4 non-polymer GLYCEROL
#
_entity_poly.entity_id   1
_entity_poly.type   'polypeptide(L)'
_entity_poly.pdbx_seq_one_letter_code
;TSLAVTEPEVNDEFTGDKEAYMASVLARYRKTLVERTKNHLGYPYNLDFDYGALGQLQHFSINNLGDPFIESNYGVHSRP
FEVGVLDWFARLWEIERDDYWGYITNCGTEGNLHGILVGREMFPDGILYASRESHYSVFKAARMYRMECEKVDTLMSGEI
DCDDLRKKLLANKDKPAILNVNIGTTVKGAVDDLDLVIKTLEECGFSHDRFYIHCDGALFGLMMPFVKRAPKVTFNKPIG
SVSVSGHKFVGCPMPCGVQITRMEHIKVLSSNVEYLASRDATIMGSRNGHAPLFLWYTLNRKGYKGFQKEVQKCLRNAHY
LKDRLREAGISAMLNELSSTVVFERPKDEEFVRRWQLACQGDIAHVVVMPSVTIEKLDNFLKDLVKHRLIWYEDGSQPPC
LASEVGTNNCICPAHKAA
;
_entity_poly.pdbx_strand_id   A,C,D,E
#
loop_
_chem_comp.id
_chem_comp.type
_chem_comp.name
_chem_comp.formula
GOL non-polymer GLYCEROL 'C3 H8 O3'
PLP non-polymer PYRIDOXAL-5'-PHOSPHATE 'C8 H10 N O6 P'
ZN non-polymer 'ZINC ION' 'Zn 2'
#
# COMPACT_ATOMS: atom_id res chain seq x y z
N THR A 1 -23.24 -18.82 -5.85
CA THR A 1 -22.10 -18.71 -6.80
C THR A 1 -20.91 -19.43 -6.17
N SER A 2 -19.83 -19.49 -6.95
CA SER A 2 -18.52 -19.91 -6.51
C SER A 2 -17.50 -19.35 -7.50
N LEU A 3 -16.27 -19.10 -7.04
CA LEU A 3 -15.14 -18.78 -7.91
C LEU A 3 -14.15 -19.93 -7.85
N ALA A 4 -14.19 -20.79 -8.86
CA ALA A 4 -13.48 -22.04 -8.81
C ALA A 4 -11.99 -21.78 -8.56
N VAL A 5 -11.32 -22.80 -8.04
CA VAL A 5 -9.88 -22.84 -8.02
C VAL A 5 -9.49 -23.88 -9.05
N THR A 6 -8.91 -23.40 -10.16
CA THR A 6 -8.52 -24.25 -11.25
C THR A 6 -7.00 -24.32 -11.29
N GLU A 7 -6.48 -25.46 -11.78
CA GLU A 7 -5.05 -25.63 -11.89
C GLU A 7 -4.54 -24.62 -12.91
N PRO A 8 -3.33 -24.06 -12.74
CA PRO A 8 -2.77 -23.20 -13.79
C PRO A 8 -2.42 -24.09 -14.97
N GLU A 9 -2.43 -23.50 -16.17
CA GLU A 9 -1.96 -24.15 -17.38
C GLU A 9 -0.50 -24.54 -17.18
N VAL A 10 0.02 -25.45 -18.03
CA VAL A 10 1.44 -25.80 -17.96
C VAL A 10 2.27 -24.61 -18.42
N ASN A 11 1.65 -23.73 -19.22
CA ASN A 11 2.26 -22.54 -19.81
C ASN A 11 2.40 -21.34 -18.86
N ASP A 12 1.92 -21.46 -17.60
CA ASP A 12 1.47 -20.29 -16.86
C ASP A 12 2.62 -19.35 -16.50
N GLU A 13 3.80 -19.91 -16.20
CA GLU A 13 4.97 -19.11 -15.83
C GLU A 13 5.39 -18.19 -16.97
N PHE A 14 5.13 -18.58 -18.22
CA PHE A 14 5.44 -17.75 -19.38
C PHE A 14 4.36 -16.66 -19.51
N THR A 15 3.06 -17.04 -19.48
CA THR A 15 1.95 -16.22 -19.96
C THR A 15 1.32 -15.31 -18.89
N GLY A 16 1.40 -15.73 -17.61
CA GLY A 16 0.85 -15.02 -16.48
C GLY A 16 -0.68 -14.84 -16.57
N ASP A 17 -1.39 -15.85 -17.11
CA ASP A 17 -2.80 -15.70 -17.45
C ASP A 17 -3.64 -15.82 -16.18
N LYS A 18 -3.14 -16.60 -15.22
CA LYS A 18 -3.83 -16.74 -13.94
C LYS A 18 -3.87 -15.39 -13.20
N GLU A 19 -2.70 -14.79 -12.94
CA GLU A 19 -2.64 -13.53 -12.21
C GLU A 19 -3.49 -12.49 -12.93
N ALA A 20 -3.51 -12.56 -14.27
CA ALA A 20 -4.32 -11.63 -15.04
C ALA A 20 -5.81 -11.91 -14.82
N TYR A 21 -6.23 -13.20 -14.86
CA TYR A 21 -7.64 -13.52 -14.67
C TYR A 21 -8.07 -12.98 -13.30
N MET A 22 -7.27 -13.34 -12.28
CA MET A 22 -7.55 -13.06 -10.88
C MET A 22 -7.66 -11.55 -10.62
N ALA A 23 -6.80 -10.78 -11.27
CA ALA A 23 -6.81 -9.32 -11.17
C ALA A 23 -8.16 -8.73 -11.54
N SER A 24 -8.78 -9.27 -12.62
CA SER A 24 -10.10 -8.82 -13.04
C SER A 24 -11.14 -9.22 -12.02
N VAL A 25 -11.04 -10.47 -11.55
CA VAL A 25 -11.98 -10.97 -10.57
C VAL A 25 -11.96 -10.03 -9.35
N LEU A 26 -10.75 -9.77 -8.83
CA LEU A 26 -10.57 -8.92 -7.65
C LEU A 26 -11.04 -7.50 -7.93
N ALA A 27 -10.76 -6.99 -9.14
CA ALA A 27 -11.25 -5.66 -9.51
C ALA A 27 -12.77 -5.60 -9.44
N ARG A 28 -13.41 -6.57 -10.12
CA ARG A 28 -14.86 -6.68 -10.13
C ARG A 28 -15.37 -6.76 -8.71
N TYR A 29 -14.71 -7.61 -7.89
CA TYR A 29 -15.14 -7.85 -6.51
C TYR A 29 -15.12 -6.55 -5.69
N ARG A 30 -13.96 -5.88 -5.75
CA ARG A 30 -13.70 -4.63 -5.04
C ARG A 30 -14.80 -3.62 -5.34
N LYS A 31 -15.22 -3.54 -6.60
CA LYS A 31 -16.22 -2.56 -7.01
C LYS A 31 -17.53 -2.84 -6.27
N THR A 32 -17.87 -4.12 -6.12
CA THR A 32 -19.14 -4.47 -5.52
C THR A 32 -19.02 -4.23 -4.00
N LEU A 33 -17.84 -4.50 -3.44
CA LEU A 33 -17.61 -4.21 -2.03
C LEU A 33 -17.78 -2.71 -1.72
N VAL A 34 -17.32 -1.87 -2.64
CA VAL A 34 -17.35 -0.43 -2.43
C VAL A 34 -18.80 0.04 -2.32
N GLU A 35 -19.68 -0.48 -3.18
CA GLU A 35 -21.05 0.01 -3.20
C GLU A 35 -21.81 -0.61 -2.01
N ARG A 36 -21.53 -1.89 -1.68
CA ARG A 36 -22.19 -2.55 -0.57
C ARG A 36 -21.87 -1.80 0.73
N THR A 37 -20.60 -1.38 0.86
CA THR A 37 -20.16 -0.60 2.00
C THR A 37 -20.91 0.72 2.06
N LYS A 38 -20.95 1.43 0.91
CA LYS A 38 -21.62 2.71 0.77
C LYS A 38 -23.04 2.64 1.34
N ASN A 39 -23.77 1.57 0.99
CA ASN A 39 -25.21 1.53 1.22
C ASN A 39 -25.59 0.57 2.34
N HIS A 40 -24.72 0.39 3.34
CA HIS A 40 -25.00 -0.56 4.41
C HIS A 40 -25.59 0.18 5.61
N LEU A 41 -26.65 -0.42 6.23
CA LEU A 41 -27.31 0.16 7.40
C LEU A 41 -27.68 -0.89 8.47
N GLY A 42 -28.00 -2.13 8.07
CA GLY A 42 -28.70 -3.07 8.94
C GLY A 42 -27.88 -3.63 10.11
N TYR A 43 -26.54 -3.75 9.96
CA TYR A 43 -25.71 -4.53 10.88
C TYR A 43 -24.81 -3.63 11.74
N PRO A 44 -24.38 -4.14 12.92
CA PRO A 44 -23.71 -3.31 13.93
C PRO A 44 -22.21 -3.16 13.71
N TYR A 45 -21.82 -2.92 12.46
CA TYR A 45 -20.41 -2.79 12.12
C TYR A 45 -20.15 -1.35 11.68
N ASN A 46 -19.19 -0.73 12.37
CA ASN A 46 -18.60 0.53 11.98
C ASN A 46 -17.66 0.30 10.79
N LEU A 47 -18.00 0.93 9.66
CA LEU A 47 -17.29 0.76 8.41
C LEU A 47 -16.27 1.88 8.17
N ASP A 48 -16.16 2.79 9.15
CA ASP A 48 -15.34 4.00 9.06
C ASP A 48 -14.05 3.80 9.85
N PHE A 49 -12.97 3.44 9.15
CA PHE A 49 -11.66 3.31 9.78
C PHE A 49 -10.57 3.54 8.73
N ASP A 50 -9.44 4.14 9.18
CA ASP A 50 -8.22 4.31 8.40
C ASP A 50 -7.05 3.73 9.22
N TYR A 51 -6.55 2.57 8.79
CA TYR A 51 -5.37 1.95 9.36
C TYR A 51 -4.24 1.96 8.35
N GLY A 52 -4.15 3.07 7.58
CA GLY A 52 -3.05 3.26 6.66
C GLY A 52 -1.71 3.21 7.38
N ALA A 53 -1.68 3.71 8.63
CA ALA A 53 -0.48 3.76 9.46
C ALA A 53 0.08 2.37 9.74
N LEU A 54 -0.76 1.33 9.60
CA LEU A 54 -0.38 -0.05 9.91
C LEU A 54 -0.07 -0.80 8.62
N GLY A 55 -0.09 -0.06 7.51
CA GLY A 55 0.14 -0.60 6.17
C GLY A 55 1.41 -1.44 6.07
N GLN A 56 2.46 -1.04 6.79
CA GLN A 56 3.77 -1.66 6.59
C GLN A 56 3.92 -2.92 7.44
N LEU A 57 2.85 -3.32 8.15
CA LEU A 57 2.92 -4.45 9.08
C LEU A 57 2.07 -5.62 8.58
N GLN A 58 1.43 -5.41 7.43
CA GLN A 58 0.35 -6.26 6.98
C GLN A 58 0.91 -7.56 6.40
N HIS A 59 2.24 -7.65 6.22
CA HIS A 59 2.82 -8.73 5.44
C HIS A 59 3.47 -9.80 6.35
N PHE A 60 3.36 -9.59 7.66
CA PHE A 60 3.95 -10.51 8.62
C PHE A 60 2.86 -11.40 9.17
N SER A 61 3.21 -12.65 9.54
CA SER A 61 2.21 -13.49 10.16
C SER A 61 2.35 -13.39 11.68
N ILE A 62 1.64 -12.38 12.22
CA ILE A 62 1.62 -12.06 13.63
C ILE A 62 0.58 -12.94 14.29
N ASN A 63 1.01 -13.63 15.36
CA ASN A 63 0.24 -14.66 16.03
C ASN A 63 0.55 -14.62 17.52
N ASN A 64 -0.49 -14.26 18.28
CA ASN A 64 -0.44 -14.26 19.73
C ASN A 64 -0.98 -15.61 20.21
N LEU A 65 -0.11 -16.62 20.26
CA LEU A 65 -0.46 -17.90 20.84
C LEU A 65 -0.86 -17.72 22.29
N GLY A 66 -1.95 -18.38 22.69
CA GLY A 66 -2.35 -18.52 24.07
C GLY A 66 -2.39 -17.19 24.84
N ASP A 67 -1.83 -17.24 26.06
CA ASP A 67 -2.02 -16.19 27.05
C ASP A 67 -1.32 -14.91 26.60
N PRO A 68 -2.02 -13.75 26.59
CA PRO A 68 -1.38 -12.46 26.33
C PRO A 68 -0.21 -12.15 27.27
N PHE A 69 -0.21 -12.78 28.46
CA PHE A 69 0.72 -12.38 29.52
C PHE A 69 1.91 -13.35 29.55
N ILE A 70 1.71 -14.63 29.22
CA ILE A 70 2.80 -15.60 29.14
C ILE A 70 3.56 -15.36 27.82
N GLU A 71 4.88 -15.51 27.86
CA GLU A 71 5.72 -15.39 26.66
C GLU A 71 5.81 -16.76 25.98
N SER A 72 6.06 -16.71 24.68
CA SER A 72 6.19 -17.88 23.84
C SER A 72 7.41 -17.64 22.95
N ASN A 73 8.01 -18.72 22.43
CA ASN A 73 9.25 -18.62 21.68
C ASN A 73 9.02 -18.14 20.25
N TYR A 74 7.77 -18.20 19.75
CA TYR A 74 7.40 -17.58 18.47
C TYR A 74 7.46 -16.06 18.62
N GLY A 75 8.32 -15.44 17.79
CA GLY A 75 8.74 -14.06 18.00
C GLY A 75 7.88 -13.06 17.25
N VAL A 76 7.04 -13.54 16.32
CA VAL A 76 6.24 -12.65 15.48
C VAL A 76 4.88 -12.47 16.15
N HIS A 77 4.82 -11.54 17.10
CA HIS A 77 3.61 -11.36 17.90
C HIS A 77 3.48 -9.90 18.30
N SER A 78 2.38 -9.59 19.00
CA SER A 78 2.04 -8.22 19.33
C SER A 78 1.54 -8.09 20.77
N ARG A 79 2.09 -8.92 21.67
CA ARG A 79 1.60 -9.02 23.04
C ARG A 79 1.63 -7.64 23.72
N PRO A 80 2.71 -6.84 23.62
CA PRO A 80 2.76 -5.54 24.28
C PRO A 80 1.57 -4.66 23.91
N PHE A 81 1.16 -4.72 22.63
CA PHE A 81 0.01 -4.00 22.13
C PHE A 81 -1.25 -4.60 22.75
N GLU A 82 -1.33 -5.93 22.80
CA GLU A 82 -2.53 -6.58 23.32
C GLU A 82 -2.77 -6.11 24.76
N VAL A 83 -1.70 -6.22 25.56
CA VAL A 83 -1.75 -5.90 26.98
C VAL A 83 -2.17 -4.44 27.18
N GLY A 84 -1.56 -3.53 26.42
CA GLY A 84 -1.97 -2.15 26.50
C GLY A 84 -3.47 -1.97 26.25
N VAL A 85 -4.03 -2.80 25.35
CA VAL A 85 -5.42 -2.66 24.96
C VAL A 85 -6.31 -3.21 26.08
N LEU A 86 -5.82 -4.31 26.68
CA LEU A 86 -6.54 -4.99 27.73
C LEU A 86 -6.57 -4.08 28.96
N ASP A 87 -5.42 -3.51 29.32
CA ASP A 87 -5.32 -2.57 30.43
C ASP A 87 -6.37 -1.48 30.26
N TRP A 88 -6.53 -0.99 29.04
CA TRP A 88 -7.45 0.10 28.76
C TRP A 88 -8.88 -0.36 29.05
N PHE A 89 -9.18 -1.60 28.65
CA PHE A 89 -10.53 -2.14 28.83
C PHE A 89 -10.80 -2.45 30.31
N ALA A 90 -9.76 -2.92 31.02
CA ALA A 90 -9.82 -3.11 32.45
C ALA A 90 -10.12 -1.80 33.17
N ARG A 91 -9.34 -0.75 32.89
CA ARG A 91 -9.58 0.56 33.47
C ARG A 91 -11.02 1.02 33.18
N LEU A 92 -11.49 0.80 31.95
CA LEU A 92 -12.84 1.21 31.56
C LEU A 92 -13.88 0.57 32.49
N TRP A 93 -13.70 -0.70 32.84
CA TRP A 93 -14.66 -1.38 33.69
C TRP A 93 -14.16 -1.53 35.13
N GLU A 94 -13.25 -0.63 35.55
CA GLU A 94 -12.94 -0.44 36.96
C GLU A 94 -12.44 -1.74 37.56
N ILE A 95 -11.41 -2.32 36.93
CA ILE A 95 -10.71 -3.44 37.51
C ILE A 95 -9.22 -3.21 37.31
N GLU A 96 -8.45 -3.52 38.34
CA GLU A 96 -7.07 -3.08 38.45
C GLU A 96 -6.21 -4.04 37.63
N ARG A 97 -5.04 -3.58 37.21
CA ARG A 97 -4.19 -4.38 36.33
C ARG A 97 -4.01 -5.78 36.92
N ASP A 98 -3.80 -5.89 38.24
CA ASP A 98 -3.39 -7.18 38.83
C ASP A 98 -4.56 -8.10 39.15
N ASP A 99 -5.79 -7.59 39.10
CA ASP A 99 -6.98 -8.36 39.46
C ASP A 99 -7.59 -9.05 38.23
N TYR A 100 -7.46 -8.44 37.02
CA TYR A 100 -8.17 -8.92 35.84
C TYR A 100 -7.30 -9.87 35.03
N TRP A 101 -7.97 -10.72 34.27
CA TRP A 101 -7.38 -11.44 33.15
C TRP A 101 -8.32 -11.31 31.95
N GLY A 102 -7.73 -11.28 30.76
CA GLY A 102 -8.50 -11.14 29.54
C GLY A 102 -7.65 -11.40 28.31
N TYR A 103 -8.30 -11.33 27.15
CA TYR A 103 -7.60 -11.49 25.88
C TYR A 103 -8.47 -10.95 24.75
N ILE A 104 -7.85 -10.82 23.57
CA ILE A 104 -8.56 -10.34 22.39
C ILE A 104 -9.08 -11.53 21.59
N THR A 105 -10.42 -11.58 21.46
CA THR A 105 -11.16 -12.70 20.92
C THR A 105 -11.28 -12.58 19.40
N ASN A 106 -11.73 -13.65 18.74
CA ASN A 106 -12.01 -13.65 17.30
C ASN A 106 -13.31 -12.93 16.99
N CYS A 107 -14.24 -12.90 17.95
CA CYS A 107 -15.58 -12.39 17.68
C CYS A 107 -16.39 -12.31 18.97
N GLY A 108 -17.64 -11.89 18.82
CA GLY A 108 -18.60 -11.84 19.92
C GLY A 108 -18.97 -13.24 20.45
N THR A 109 -19.12 -14.24 19.55
CA THR A 109 -19.53 -15.54 20.05
C THR A 109 -18.42 -16.09 20.95
N GLU A 110 -17.14 -15.88 20.55
CA GLU A 110 -16.04 -16.43 21.32
C GLU A 110 -16.08 -15.89 22.73
N GLY A 111 -16.44 -14.61 22.89
CA GLY A 111 -16.51 -13.98 24.20
C GLY A 111 -17.58 -14.65 25.09
N ASN A 112 -18.75 -14.82 24.50
CA ASN A 112 -19.85 -15.53 25.14
C ASN A 112 -19.41 -16.97 25.48
N LEU A 113 -18.80 -17.68 24.53
CA LEU A 113 -18.27 -19.00 24.78
C LEU A 113 -17.30 -18.99 25.97
N HIS A 114 -16.43 -17.96 26.06
CA HIS A 114 -15.42 -17.97 27.10
C HIS A 114 -16.06 -17.69 28.47
N GLY A 115 -16.83 -16.59 28.57
CA GLY A 115 -17.45 -16.16 29.82
C GLY A 115 -18.36 -17.24 30.42
N ILE A 116 -19.17 -17.85 29.56
CA ILE A 116 -20.04 -18.91 29.99
C ILE A 116 -19.24 -20.12 30.45
N LEU A 117 -18.15 -20.47 29.76
CA LEU A 117 -17.31 -21.59 30.16
C LEU A 117 -16.73 -21.30 31.54
N VAL A 118 -16.34 -20.05 31.77
CA VAL A 118 -15.82 -19.64 33.06
C VAL A 118 -16.90 -19.86 34.14
N GLY A 119 -18.10 -19.35 33.86
CA GLY A 119 -19.22 -19.52 34.78
C GLY A 119 -19.36 -20.99 35.16
N ARG A 120 -19.29 -21.89 34.17
CA ARG A 120 -19.50 -23.32 34.38
C ARG A 120 -18.43 -23.90 35.30
N GLU A 121 -17.15 -23.51 35.12
CA GLU A 121 -16.09 -24.07 35.95
C GLU A 121 -16.17 -23.48 37.35
N MET A 122 -16.78 -22.30 37.50
CA MET A 122 -17.10 -21.75 38.80
C MET A 122 -18.17 -22.60 39.49
N PHE A 123 -19.25 -22.89 38.78
CA PHE A 123 -20.42 -23.55 39.32
C PHE A 123 -20.77 -24.71 38.39
N PRO A 124 -20.02 -25.84 38.44
CA PRO A 124 -20.31 -26.99 37.59
C PRO A 124 -21.76 -27.51 37.60
N ASP A 125 -22.55 -27.17 38.65
CA ASP A 125 -23.95 -27.56 38.75
C ASP A 125 -24.90 -26.40 38.48
N GLY A 126 -24.35 -25.21 38.21
CA GLY A 126 -25.12 -24.02 37.85
C GLY A 126 -26.11 -24.27 36.71
N ILE A 127 -27.26 -23.57 36.77
CA ILE A 127 -28.14 -23.41 35.64
C ILE A 127 -27.76 -22.12 34.92
N LEU A 128 -27.79 -22.14 33.58
CA LEU A 128 -27.65 -20.91 32.81
C LEU A 128 -29.02 -20.28 32.62
N TYR A 129 -29.19 -19.04 33.12
CA TYR A 129 -30.39 -18.23 32.88
C TYR A 129 -30.02 -17.12 31.89
N ALA A 130 -30.86 -16.95 30.86
CA ALA A 130 -30.64 -15.92 29.84
C ALA A 130 -31.97 -15.51 29.22
N SER A 131 -32.11 -14.20 28.93
CA SER A 131 -33.20 -13.68 28.13
C SER A 131 -33.48 -14.55 26.90
N ARG A 132 -34.75 -14.63 26.47
CA ARG A 132 -35.08 -15.30 25.20
C ARG A 132 -34.47 -14.54 24.02
N GLU A 133 -34.15 -13.24 24.20
CA GLU A 133 -33.65 -12.44 23.11
C GLU A 133 -32.13 -12.25 23.20
N SER A 134 -31.48 -13.06 24.04
CA SER A 134 -30.02 -13.10 24.02
C SER A 134 -29.56 -13.84 22.76
N HIS A 135 -28.30 -13.64 22.38
CA HIS A 135 -27.80 -14.08 21.08
C HIS A 135 -27.72 -15.61 21.03
N TYR A 136 -27.82 -16.18 19.83
CA TYR A 136 -27.88 -17.64 19.72
C TYR A 136 -26.60 -18.29 20.25
N SER A 137 -25.47 -17.55 20.27
CA SER A 137 -24.23 -18.09 20.81
C SER A 137 -24.39 -18.54 22.27
N VAL A 138 -25.24 -17.82 23.04
CA VAL A 138 -25.47 -18.15 24.44
C VAL A 138 -26.05 -19.56 24.57
N PHE A 139 -27.01 -19.87 23.68
CA PHE A 139 -27.70 -21.15 23.74
C PHE A 139 -26.81 -22.25 23.17
N LYS A 140 -26.03 -21.88 22.15
CA LYS A 140 -25.06 -22.81 21.57
C LYS A 140 -24.04 -23.21 22.63
N ALA A 141 -23.58 -22.24 23.42
CA ALA A 141 -22.63 -22.52 24.49
C ALA A 141 -23.21 -23.55 25.45
N ALA A 142 -24.49 -23.38 25.86
CA ALA A 142 -25.17 -24.29 26.76
C ALA A 142 -25.11 -25.73 26.18
N ARG A 143 -25.55 -25.88 24.92
CA ARG A 143 -25.48 -27.15 24.22
C ARG A 143 -24.05 -27.70 24.15
N MET A 144 -23.10 -26.87 23.71
CA MET A 144 -21.73 -27.34 23.56
C MET A 144 -21.18 -27.88 24.88
N TYR A 145 -21.44 -27.11 25.95
CA TYR A 145 -20.86 -27.34 27.28
C TYR A 145 -21.75 -28.22 28.19
N ARG A 146 -22.87 -28.73 27.65
CA ARG A 146 -23.76 -29.63 28.38
C ARG A 146 -24.20 -29.00 29.70
N MET A 147 -24.96 -27.90 29.57
CA MET A 147 -25.43 -27.15 30.71
C MET A 147 -26.94 -27.01 30.56
N GLU A 148 -27.65 -27.07 31.70
CA GLU A 148 -29.06 -26.76 31.75
C GLU A 148 -29.23 -25.27 31.52
N CYS A 149 -30.13 -24.95 30.59
CA CYS A 149 -30.43 -23.56 30.33
C CYS A 149 -31.91 -23.27 30.56
N GLU A 150 -32.16 -22.16 31.24
CA GLU A 150 -33.48 -21.66 31.54
C GLU A 150 -33.65 -20.33 30.81
N LYS A 151 -34.43 -20.34 29.72
CA LYS A 151 -34.67 -19.15 28.92
C LYS A 151 -35.69 -18.23 29.60
N VAL A 152 -35.21 -17.13 30.18
CA VAL A 152 -36.07 -16.16 30.84
C VAL A 152 -36.87 -15.36 29.81
N ASP A 153 -38.11 -15.02 30.22
CA ASP A 153 -39.01 -14.18 29.44
C ASP A 153 -38.50 -12.73 29.37
N THR A 154 -39.13 -11.96 28.47
CA THR A 154 -38.62 -10.67 28.01
C THR A 154 -39.76 -9.65 28.01
N LEU A 155 -39.49 -8.37 28.31
CA LEU A 155 -40.45 -7.29 28.10
C LEU A 155 -40.58 -6.97 26.61
N MET A 156 -41.49 -6.03 26.27
CA MET A 156 -41.66 -5.52 24.91
C MET A 156 -40.36 -4.98 24.34
N SER A 157 -39.60 -4.31 25.22
CA SER A 157 -38.37 -3.64 24.84
C SER A 157 -37.36 -4.67 24.31
N GLY A 158 -37.44 -5.92 24.80
CA GLY A 158 -36.44 -6.94 24.54
C GLY A 158 -35.58 -7.24 25.77
N GLU A 159 -35.71 -6.41 26.82
CA GLU A 159 -35.10 -6.66 28.12
C GLU A 159 -35.55 -7.97 28.76
N ILE A 160 -34.65 -8.55 29.56
CA ILE A 160 -35.03 -9.62 30.46
C ILE A 160 -36.10 -9.09 31.43
N ASP A 161 -37.16 -9.90 31.59
CA ASP A 161 -38.20 -9.69 32.59
C ASP A 161 -37.70 -10.26 33.91
N CYS A 162 -37.26 -9.38 34.83
CA CYS A 162 -36.69 -9.81 36.10
C CYS A 162 -37.73 -10.48 37.01
N ASP A 163 -39.03 -10.28 36.76
CA ASP A 163 -40.06 -10.96 37.54
C ASP A 163 -40.06 -12.45 37.19
N ASP A 164 -40.01 -12.78 35.89
CA ASP A 164 -39.88 -14.17 35.45
C ASP A 164 -38.54 -14.77 35.89
N LEU A 165 -37.49 -13.93 36.02
CA LEU A 165 -36.24 -14.44 36.55
C LEU A 165 -36.44 -14.91 38.00
N ARG A 166 -37.18 -14.13 38.83
CA ARG A 166 -37.51 -14.54 40.20
C ARG A 166 -38.05 -15.97 40.20
N LYS A 167 -39.15 -16.16 39.47
CA LYS A 167 -39.83 -17.44 39.38
C LYS A 167 -38.80 -18.55 39.13
N LYS A 168 -37.99 -18.35 38.08
CA LYS A 168 -37.00 -19.32 37.64
C LYS A 168 -35.97 -19.64 38.72
N LEU A 169 -35.37 -18.58 39.29
CA LEU A 169 -34.39 -18.71 40.37
C LEU A 169 -34.99 -19.45 41.58
N LEU A 170 -36.13 -18.97 42.10
CA LEU A 170 -36.80 -19.57 43.25
C LEU A 170 -37.04 -21.06 43.02
N ALA A 171 -37.46 -21.42 41.80
CA ALA A 171 -37.72 -22.82 41.46
C ALA A 171 -36.43 -23.63 41.43
N ASN A 172 -35.25 -22.98 41.52
CA ASN A 172 -33.99 -23.69 41.44
C ASN A 172 -32.99 -23.12 42.46
N LYS A 173 -33.45 -22.85 43.69
CA LYS A 173 -32.59 -22.40 44.79
C LYS A 173 -31.58 -23.47 45.17
N ASP A 174 -31.94 -24.74 44.90
CA ASP A 174 -31.12 -25.93 45.01
C ASP A 174 -29.68 -25.64 44.52
N LYS A 175 -29.56 -25.12 43.29
CA LYS A 175 -28.30 -25.07 42.56
C LYS A 175 -27.88 -23.61 42.32
N PRO A 176 -26.58 -23.34 42.04
CA PRO A 176 -26.12 -21.99 41.75
C PRO A 176 -26.68 -21.46 40.42
N ALA A 177 -26.37 -20.18 40.12
CA ALA A 177 -26.95 -19.51 38.97
C ALA A 177 -25.86 -18.87 38.12
N ILE A 178 -25.87 -19.19 36.81
CA ILE A 178 -24.99 -18.56 35.83
C ILE A 178 -25.88 -17.72 34.92
N LEU A 179 -25.63 -16.41 34.87
CA LEU A 179 -26.45 -15.50 34.09
C LEU A 179 -25.70 -14.98 32.85
N ASN A 180 -26.45 -14.84 31.75
CA ASN A 180 -26.03 -14.03 30.62
C ASN A 180 -26.88 -12.76 30.52
N VAL A 181 -26.21 -11.63 30.74
CA VAL A 181 -26.81 -10.30 30.74
C VAL A 181 -26.47 -9.58 29.42
N ASN A 182 -27.50 -9.14 28.70
CA ASN A 182 -27.32 -8.53 27.39
C ASN A 182 -27.18 -7.02 27.49
N ILE A 183 -25.98 -6.52 27.19
CA ILE A 183 -25.80 -5.09 26.98
C ILE A 183 -25.98 -4.80 25.48
N GLY A 184 -27.26 -4.66 25.10
CA GLY A 184 -27.63 -4.46 23.72
C GLY A 184 -27.93 -5.81 23.04
N THR A 185 -29.23 -6.10 22.90
CA THR A 185 -29.67 -7.31 22.23
C THR A 185 -29.61 -7.13 20.71
N THR A 186 -29.27 -8.22 20.03
CA THR A 186 -29.20 -8.29 18.59
C THR A 186 -30.35 -7.56 17.92
N VAL A 187 -31.60 -7.84 18.34
CA VAL A 187 -32.76 -7.50 17.53
C VAL A 187 -33.31 -6.12 17.90
N LYS A 188 -33.50 -5.83 19.20
CA LYS A 188 -34.18 -4.58 19.54
C LYS A 188 -33.22 -3.58 20.18
N GLY A 189 -31.97 -3.97 20.32
CA GLY A 189 -31.02 -3.15 21.05
C GLY A 189 -31.49 -2.85 22.47
N ALA A 190 -32.03 -3.89 23.17
CA ALA A 190 -32.40 -3.81 24.58
C ALA A 190 -31.19 -3.93 25.48
N VAL A 191 -31.22 -3.24 26.63
CA VAL A 191 -30.22 -3.40 27.68
C VAL A 191 -30.84 -4.03 28.93
N ASP A 192 -30.50 -5.30 29.19
CA ASP A 192 -30.85 -5.95 30.44
C ASP A 192 -30.38 -5.02 31.56
N ASP A 193 -31.28 -4.82 32.53
CA ASP A 193 -30.98 -4.03 33.72
C ASP A 193 -30.10 -4.87 34.63
N LEU A 194 -28.79 -4.62 34.59
CA LEU A 194 -27.85 -5.41 35.38
C LEU A 194 -28.21 -5.31 36.86
N ASP A 195 -28.47 -4.09 37.35
CA ASP A 195 -28.69 -3.87 38.77
C ASP A 195 -29.90 -4.63 39.28
N LEU A 196 -30.99 -4.59 38.51
CA LEU A 196 -32.21 -5.27 38.90
C LEU A 196 -32.01 -6.79 38.84
N VAL A 197 -31.07 -7.23 38.00
CA VAL A 197 -30.72 -8.64 37.93
C VAL A 197 -29.97 -9.02 39.20
N ILE A 198 -28.94 -8.24 39.54
CA ILE A 198 -28.20 -8.47 40.77
C ILE A 198 -29.18 -8.44 41.93
N LYS A 199 -30.06 -7.41 41.96
CA LYS A 199 -31.05 -7.26 43.03
C LYS A 199 -31.87 -8.55 43.14
N THR A 200 -32.50 -8.97 42.03
CA THR A 200 -33.33 -10.16 42.01
C THR A 200 -32.58 -11.37 42.58
N LEU A 201 -31.31 -11.51 42.21
CA LEU A 201 -30.49 -12.63 42.64
C LEU A 201 -30.39 -12.67 44.16
N GLU A 202 -30.04 -11.53 44.77
CA GLU A 202 -29.79 -11.44 46.20
C GLU A 202 -31.07 -11.72 46.99
N GLU A 203 -32.16 -11.09 46.55
CA GLU A 203 -33.41 -11.28 47.28
C GLU A 203 -34.12 -12.56 46.80
N CYS A 204 -33.44 -13.43 46.03
CA CYS A 204 -33.88 -14.82 45.89
C CYS A 204 -32.91 -15.75 46.63
N GLY A 205 -32.00 -15.18 47.43
CA GLY A 205 -31.12 -15.94 48.29
C GLY A 205 -29.90 -16.50 47.55
N PHE A 206 -29.50 -15.80 46.48
CA PHE A 206 -28.24 -16.07 45.82
C PHE A 206 -27.26 -14.99 46.24
N SER A 207 -26.39 -15.32 47.18
CA SER A 207 -25.32 -14.43 47.56
C SER A 207 -24.28 -14.47 46.46
N HIS A 208 -23.38 -13.49 46.50
CA HIS A 208 -22.32 -13.37 45.50
C HIS A 208 -21.56 -14.66 45.20
N ASP A 209 -21.37 -15.53 46.20
CA ASP A 209 -20.55 -16.73 46.03
C ASP A 209 -21.35 -17.87 45.39
N ARG A 210 -22.59 -17.60 44.95
CA ARG A 210 -23.48 -18.65 44.47
C ARG A 210 -24.10 -18.26 43.12
N PHE A 211 -23.56 -17.21 42.47
CA PHE A 211 -23.90 -16.91 41.07
C PHE A 211 -22.66 -16.38 40.33
N TYR A 212 -22.77 -16.38 38.99
CA TYR A 212 -21.77 -15.81 38.09
C TYR A 212 -22.49 -15.12 36.94
N ILE A 213 -22.11 -13.87 36.66
CA ILE A 213 -22.72 -13.10 35.57
C ILE A 213 -21.67 -12.84 34.49
N HIS A 214 -22.01 -13.23 33.25
CA HIS A 214 -21.32 -12.74 32.07
C HIS A 214 -22.18 -11.65 31.41
N CYS A 215 -21.56 -10.50 31.16
CA CYS A 215 -22.18 -9.44 30.39
C CYS A 215 -21.76 -9.50 28.92
N ASP A 216 -22.70 -9.88 28.04
CA ASP A 216 -22.47 -9.84 26.61
C ASP A 216 -22.74 -8.43 26.10
N GLY A 217 -21.69 -7.62 26.02
CA GLY A 217 -21.84 -6.25 25.55
C GLY A 217 -21.32 -6.03 24.13
N ALA A 218 -21.40 -7.07 23.28
CA ALA A 218 -20.89 -7.05 21.91
C ALA A 218 -20.94 -5.65 21.29
N LEU A 219 -22.16 -5.13 21.10
CA LEU A 219 -22.32 -3.81 20.49
C LEU A 219 -22.12 -2.74 21.56
N PHE A 220 -23.14 -2.66 22.44
CA PHE A 220 -23.40 -1.46 23.23
C PHE A 220 -22.53 -1.44 24.49
N GLY A 221 -21.87 -2.56 24.77
CA GLY A 221 -20.98 -2.67 25.92
C GLY A 221 -19.89 -1.60 25.87
N LEU A 222 -19.51 -1.15 24.66
CA LEU A 222 -18.48 -0.14 24.49
C LEU A 222 -19.12 1.25 24.43
N MET A 223 -20.44 1.31 24.20
CA MET A 223 -21.07 2.61 24.04
C MET A 223 -21.59 3.14 25.37
N MET A 224 -22.28 2.26 26.14
CA MET A 224 -22.90 2.62 27.40
C MET A 224 -21.95 3.39 28.33
N PRO A 225 -20.70 2.92 28.55
CA PRO A 225 -19.78 3.61 29.45
C PRO A 225 -19.69 5.11 29.20
N PHE A 226 -19.97 5.56 27.97
CA PHE A 226 -19.83 6.95 27.58
C PHE A 226 -21.19 7.64 27.57
N VAL A 227 -22.23 6.95 28.05
CA VAL A 227 -23.53 7.58 28.23
C VAL A 227 -23.61 8.08 29.67
N LYS A 228 -23.80 9.39 29.84
CA LYS A 228 -23.88 10.00 31.15
C LYS A 228 -25.16 9.54 31.82
N ARG A 229 -25.06 9.20 33.11
CA ARG A 229 -26.20 8.75 33.91
C ARG A 229 -26.76 7.47 33.29
N ALA A 230 -25.91 6.44 33.12
CA ALA A 230 -26.35 5.15 32.62
C ALA A 230 -25.81 4.07 33.56
N PRO A 231 -26.61 3.05 33.97
CA PRO A 231 -26.11 2.02 34.87
C PRO A 231 -24.83 1.39 34.28
N LYS A 232 -23.76 1.43 35.09
CA LYS A 232 -22.44 1.03 34.65
C LYS A 232 -22.30 -0.49 34.80
N VAL A 233 -21.63 -1.10 33.82
CA VAL A 233 -21.10 -2.43 34.06
C VAL A 233 -19.66 -2.23 34.55
N THR A 234 -19.33 -2.85 35.68
CA THR A 234 -18.10 -2.57 36.40
C THR A 234 -17.83 -3.76 37.33
N PHE A 235 -16.55 -4.02 37.57
CA PHE A 235 -16.19 -5.14 38.42
C PHE A 235 -16.37 -4.79 39.90
N ASN A 236 -16.86 -3.55 40.17
CA ASN A 236 -17.30 -3.12 41.50
C ASN A 236 -18.66 -3.72 41.84
N LYS A 237 -19.36 -4.26 40.85
CA LYS A 237 -20.55 -5.07 41.09
C LYS A 237 -20.15 -6.52 40.92
N PRO A 238 -20.96 -7.49 41.40
CA PRO A 238 -20.66 -8.93 41.25
C PRO A 238 -20.82 -9.39 39.80
N ILE A 239 -19.85 -8.94 39.00
CA ILE A 239 -19.70 -9.20 37.56
C ILE A 239 -18.58 -10.24 37.42
N GLY A 240 -18.86 -11.30 36.65
CA GLY A 240 -17.86 -12.30 36.32
C GLY A 240 -16.95 -11.86 35.16
N SER A 241 -17.59 -11.37 34.08
CA SER A 241 -16.91 -11.13 32.82
C SER A 241 -17.73 -10.22 31.91
N VAL A 242 -17.02 -9.61 30.94
CA VAL A 242 -17.61 -8.74 29.94
C VAL A 242 -16.94 -9.01 28.59
N SER A 243 -17.78 -9.27 27.57
CA SER A 243 -17.35 -9.37 26.19
C SER A 243 -17.77 -8.10 25.43
N VAL A 244 -16.99 -7.75 24.40
CA VAL A 244 -17.24 -6.57 23.56
C VAL A 244 -16.55 -6.78 22.21
N SER A 245 -17.17 -6.27 21.12
CA SER A 245 -16.71 -6.50 19.75
C SER A 245 -15.98 -5.29 19.17
N GLY A 246 -14.80 -5.57 18.58
CA GLY A 246 -13.97 -4.57 17.93
C GLY A 246 -14.52 -4.16 16.56
N HIS A 247 -14.95 -5.15 15.79
CA HIS A 247 -15.45 -4.95 14.44
C HIS A 247 -16.79 -4.21 14.45
N LYS A 248 -17.41 -4.14 15.63
CA LYS A 248 -18.67 -3.45 15.77
C LYS A 248 -18.40 -1.94 15.86
N PHE A 249 -18.12 -1.41 17.07
CA PHE A 249 -18.05 0.03 17.28
C PHE A 249 -16.74 0.60 16.75
N VAL A 250 -15.62 -0.03 17.11
CA VAL A 250 -14.31 0.53 16.81
C VAL A 250 -14.13 0.62 15.30
N GLY A 251 -14.55 -0.42 14.59
CA GLY A 251 -14.29 -0.52 13.16
C GLY A 251 -12.98 -1.26 12.91
N CYS A 252 -13.08 -2.47 12.36
CA CYS A 252 -11.93 -3.30 12.01
C CYS A 252 -12.19 -4.04 10.70
N PRO A 253 -11.14 -4.25 9.88
CA PRO A 253 -11.26 -5.15 8.72
C PRO A 253 -11.48 -6.64 9.05
N MET A 254 -10.95 -7.09 10.21
CA MET A 254 -11.15 -8.44 10.71
C MET A 254 -12.05 -8.39 11.95
N PRO A 255 -12.89 -9.42 12.19
CA PRO A 255 -13.63 -9.53 13.44
C PRO A 255 -12.68 -9.81 14.60
N CYS A 256 -13.08 -9.31 15.76
CA CYS A 256 -12.31 -9.41 16.98
C CYS A 256 -13.14 -8.85 18.13
N GLY A 257 -12.69 -9.09 19.35
CA GLY A 257 -13.30 -8.48 20.52
C GLY A 257 -12.40 -8.57 21.74
N VAL A 258 -12.99 -8.29 22.89
CA VAL A 258 -12.23 -8.25 24.13
C VAL A 258 -13.08 -8.95 25.18
N GLN A 259 -12.53 -10.03 25.76
CA GLN A 259 -13.11 -10.70 26.91
C GLN A 259 -12.31 -10.29 28.14
N ILE A 260 -13.02 -9.82 29.17
CA ILE A 260 -12.36 -9.48 30.41
C ILE A 260 -13.11 -10.10 31.58
N THR A 261 -12.38 -10.82 32.42
CA THR A 261 -12.89 -11.48 33.62
C THR A 261 -11.95 -11.15 34.79
N ARG A 262 -12.16 -11.84 35.91
CA ARG A 262 -11.31 -11.71 37.10
C ARG A 262 -10.21 -12.77 37.12
N MET A 263 -9.02 -12.41 37.65
CA MET A 263 -7.87 -13.31 37.77
C MET A 263 -8.23 -14.57 38.55
N GLU A 264 -8.96 -14.39 39.66
CA GLU A 264 -9.40 -15.48 40.52
C GLU A 264 -10.16 -16.53 39.73
N HIS A 265 -11.01 -16.10 38.81
CA HIS A 265 -11.85 -16.99 38.05
C HIS A 265 -11.02 -17.85 37.09
N ILE A 266 -9.87 -17.33 36.65
CA ILE A 266 -9.11 -17.95 35.58
C ILE A 266 -8.19 -19.04 36.14
N LYS A 267 -7.80 -18.92 37.42
CA LYS A 267 -7.04 -19.95 38.10
C LYS A 267 -7.92 -21.17 38.39
N VAL A 268 -9.21 -20.92 38.66
CA VAL A 268 -10.23 -21.95 38.81
C VAL A 268 -10.64 -22.51 37.43
N LEU A 269 -10.00 -22.05 36.34
CA LEU A 269 -10.19 -22.65 35.02
C LEU A 269 -9.04 -23.61 34.74
N SER A 270 -7.94 -23.54 35.51
CA SER A 270 -6.81 -24.47 35.39
C SER A 270 -7.28 -25.85 34.90
N ASP A 280 -3.36 -22.49 29.79
CA ASP A 280 -3.97 -21.84 28.59
C ASP A 280 -5.48 -21.72 28.77
N ALA A 281 -5.96 -20.47 28.90
CA ALA A 281 -7.32 -20.17 29.29
C ALA A 281 -8.16 -19.51 28.18
N THR A 282 -7.62 -19.49 26.95
CA THR A 282 -8.32 -18.94 25.79
C THR A 282 -9.05 -20.08 25.12
N ILE A 283 -10.25 -19.83 24.52
CA ILE A 283 -10.94 -20.88 23.77
C ILE A 283 -10.06 -21.27 22.58
N MET A 284 -9.58 -20.29 21.83
CA MET A 284 -8.82 -20.57 20.61
C MET A 284 -7.32 -20.55 20.92
N GLY A 285 -6.50 -21.06 19.98
CA GLY A 285 -5.07 -21.26 20.20
C GLY A 285 -4.18 -20.20 19.51
N SER A 286 -4.06 -20.32 18.18
CA SER A 286 -3.50 -19.23 17.38
C SER A 286 -4.51 -18.09 17.39
N ARG A 287 -4.02 -16.85 17.50
CA ARG A 287 -4.86 -15.68 17.59
C ARG A 287 -4.28 -14.57 16.72
N ASN A 288 -5.14 -13.89 15.97
CA ASN A 288 -4.70 -12.95 14.96
C ASN A 288 -4.01 -11.78 15.66
N GLY A 289 -2.70 -11.68 15.47
CA GLY A 289 -1.93 -10.65 16.17
C GLY A 289 -2.11 -9.25 15.54
N HIS A 290 -2.87 -9.15 14.45
CA HIS A 290 -3.14 -7.86 13.83
C HIS A 290 -4.24 -7.14 14.59
N ALA A 291 -5.16 -7.92 15.16
CA ALA A 291 -6.32 -7.32 15.80
C ALA A 291 -5.85 -6.39 16.91
N PRO A 292 -4.93 -6.82 17.79
CA PRO A 292 -4.42 -5.95 18.85
C PRO A 292 -3.86 -4.62 18.36
N LEU A 293 -3.22 -4.64 17.17
CA LEU A 293 -2.62 -3.44 16.62
C LEU A 293 -3.71 -2.47 16.22
N PHE A 294 -4.77 -3.01 15.63
CA PHE A 294 -5.84 -2.18 15.12
C PHE A 294 -6.50 -1.51 16.33
N LEU A 295 -6.83 -2.31 17.35
CA LEU A 295 -7.46 -1.78 18.54
C LEU A 295 -6.52 -0.79 19.23
N TRP A 296 -5.24 -1.15 19.40
CA TRP A 296 -4.25 -0.27 20.02
C TRP A 296 -4.23 1.10 19.33
N TYR A 297 -4.22 1.09 17.99
CA TYR A 297 -4.10 2.31 17.21
C TYR A 297 -5.33 3.19 17.40
N THR A 298 -6.54 2.62 17.39
CA THR A 298 -7.76 3.42 17.46
C THR A 298 -7.99 4.00 18.86
N LEU A 299 -7.85 3.16 19.90
CA LEU A 299 -7.95 3.59 21.30
C LEU A 299 -7.00 4.76 21.55
N ASN A 300 -5.73 4.59 21.13
CA ASN A 300 -4.72 5.63 21.28
C ASN A 300 -5.15 6.91 20.56
N ARG A 301 -5.82 6.74 19.42
CA ARG A 301 -6.08 7.88 18.53
C ARG A 301 -7.27 8.67 19.05
N LYS A 302 -8.23 7.98 19.69
CA LYS A 302 -9.53 8.57 20.01
C LYS A 302 -9.68 8.84 21.50
N GLY A 303 -9.33 7.85 22.34
CA GLY A 303 -9.44 7.98 23.79
C GLY A 303 -10.91 7.92 24.26
N TYR A 304 -11.10 8.07 25.59
CA TYR A 304 -12.44 8.11 26.21
C TYR A 304 -13.19 9.27 25.55
N LYS A 305 -12.44 10.35 25.29
CA LYS A 305 -13.00 11.56 24.72
C LYS A 305 -13.64 11.26 23.35
N GLY A 306 -12.83 10.74 22.42
CA GLY A 306 -13.28 10.47 21.06
C GLY A 306 -14.45 9.49 21.02
N PHE A 307 -14.41 8.46 21.89
CA PHE A 307 -15.49 7.50 21.96
C PHE A 307 -16.75 8.20 22.43
N GLN A 308 -16.61 9.12 23.39
CA GLN A 308 -17.74 9.88 23.89
C GLN A 308 -18.43 10.62 22.74
N LYS A 309 -17.66 11.35 21.92
CA LYS A 309 -18.23 12.11 20.81
C LYS A 309 -19.07 11.19 19.94
N GLU A 310 -18.46 10.06 19.54
CA GLU A 310 -19.06 9.18 18.55
C GLU A 310 -20.33 8.53 19.07
N VAL A 311 -20.33 8.16 20.36
CA VAL A 311 -21.52 7.56 20.98
C VAL A 311 -22.66 8.58 20.95
N GLN A 312 -22.37 9.82 21.38
CA GLN A 312 -23.37 10.88 21.43
C GLN A 312 -23.93 11.13 20.03
N LYS A 313 -23.07 11.06 19.01
CA LYS A 313 -23.50 11.25 17.63
C LYS A 313 -24.41 10.09 17.17
N CYS A 314 -24.07 8.86 17.55
CA CYS A 314 -24.85 7.69 17.13
C CYS A 314 -26.24 7.73 17.76
N LEU A 315 -26.33 8.27 18.97
CA LEU A 315 -27.62 8.42 19.65
C LEU A 315 -28.40 9.52 18.93
N ARG A 316 -27.78 10.67 18.73
CA ARG A 316 -28.44 11.77 18.06
C ARG A 316 -29.01 11.29 16.72
N ASN A 317 -28.20 10.58 15.94
CA ASN A 317 -28.58 10.14 14.60
C ASN A 317 -29.63 9.03 14.65
N ALA A 318 -29.56 8.17 15.66
CA ALA A 318 -30.62 7.19 15.82
C ALA A 318 -31.94 7.91 16.08
N HIS A 319 -31.91 8.88 17.01
CA HIS A 319 -33.10 9.66 17.35
C HIS A 319 -33.62 10.42 16.14
N TYR A 320 -32.71 10.95 15.32
CA TYR A 320 -33.07 11.57 14.06
C TYR A 320 -33.86 10.59 13.20
N LEU A 321 -33.31 9.38 12.99
CA LEU A 321 -33.94 8.41 12.11
C LEU A 321 -35.33 8.04 12.59
N LYS A 322 -35.48 7.86 13.92
CA LYS A 322 -36.76 7.46 14.47
C LYS A 322 -37.78 8.59 14.22
N ASP A 323 -37.47 9.81 14.66
CA ASP A 323 -38.32 10.97 14.43
C ASP A 323 -38.81 11.00 12.99
N ARG A 324 -37.86 10.92 12.04
CA ARG A 324 -38.14 11.11 10.62
C ARG A 324 -39.06 10.00 10.09
N LEU A 325 -38.91 8.79 10.62
CA LEU A 325 -39.78 7.69 10.25
C LEU A 325 -41.22 7.96 10.71
N ARG A 326 -41.39 8.53 11.92
CA ARG A 326 -42.71 8.77 12.47
C ARG A 326 -43.44 9.83 11.66
N GLU A 327 -42.74 10.95 11.40
CA GLU A 327 -43.22 12.03 10.55
C GLU A 327 -43.70 11.50 9.20
N ALA A 328 -42.97 10.55 8.62
CA ALA A 328 -43.36 9.95 7.35
C ALA A 328 -44.53 8.97 7.51
N GLY A 329 -44.99 8.70 8.74
CA GLY A 329 -46.13 7.84 8.98
C GLY A 329 -45.74 6.42 9.37
N ILE A 330 -44.42 6.13 9.37
CA ILE A 330 -43.88 4.79 9.57
C ILE A 330 -43.67 4.54 11.07
N SER A 331 -44.19 3.44 11.60
CA SER A 331 -44.02 3.16 13.02
C SER A 331 -42.64 2.57 13.26
N ALA A 332 -42.04 3.06 14.36
CA ALA A 332 -40.65 2.83 14.69
C ALA A 332 -40.47 2.97 16.20
N MET A 333 -39.42 2.36 16.74
CA MET A 333 -39.13 2.37 18.16
C MET A 333 -37.64 2.50 18.37
N LEU A 334 -37.23 3.12 19.48
CA LEU A 334 -35.82 3.21 19.84
C LEU A 334 -35.66 3.21 21.36
N ASN A 335 -35.27 2.06 21.90
CA ASN A 335 -35.03 1.93 23.34
C ASN A 335 -34.06 3.02 23.79
N GLU A 336 -34.12 3.31 25.09
CA GLU A 336 -33.10 4.08 25.78
C GLU A 336 -31.86 3.20 25.75
N LEU A 337 -30.67 3.82 25.73
CA LEU A 337 -29.43 3.07 25.72
C LEU A 337 -29.35 2.19 24.46
N SER A 338 -29.64 2.81 23.31
CA SER A 338 -29.63 2.10 22.04
C SER A 338 -29.40 3.08 20.89
N SER A 339 -28.57 2.65 19.93
CA SER A 339 -28.44 3.33 18.64
C SER A 339 -29.16 2.55 17.54
N THR A 340 -30.09 1.65 17.90
CA THR A 340 -30.71 0.78 16.91
C THR A 340 -32.24 0.97 16.88
N VAL A 341 -32.67 1.32 15.67
CA VAL A 341 -34.00 1.78 15.39
C VAL A 341 -34.76 0.64 14.74
N VAL A 342 -35.85 0.26 15.37
CA VAL A 342 -36.71 -0.81 14.91
C VAL A 342 -37.95 -0.18 14.31
N PHE A 343 -38.18 -0.43 13.02
CA PHE A 343 -39.30 0.16 12.29
C PHE A 343 -39.94 -0.94 11.44
N GLU A 344 -41.01 -0.59 10.71
CA GLU A 344 -41.77 -1.62 10.03
C GLU A 344 -41.00 -2.10 8.81
N ARG A 345 -40.90 -3.42 8.69
CA ARG A 345 -40.15 -4.09 7.65
C ARG A 345 -40.61 -3.62 6.26
N PRO A 346 -39.68 -3.16 5.40
CA PRO A 346 -39.97 -3.03 3.97
C PRO A 346 -40.64 -4.25 3.36
N LYS A 347 -41.67 -4.02 2.54
CA LYS A 347 -42.50 -5.09 1.99
C LYS A 347 -41.73 -5.89 0.95
N ASP A 348 -41.26 -5.22 -0.11
CA ASP A 348 -40.47 -5.86 -1.16
C ASP A 348 -39.05 -6.01 -0.63
N GLU A 349 -38.66 -7.25 -0.36
CA GLU A 349 -37.45 -7.46 0.42
C GLU A 349 -36.27 -7.67 -0.53
N GLU A 350 -36.35 -7.04 -1.71
CA GLU A 350 -35.16 -6.74 -2.48
C GLU A 350 -34.62 -5.39 -2.02
N PHE A 351 -35.53 -4.49 -1.59
CA PHE A 351 -35.16 -3.25 -0.92
C PHE A 351 -34.37 -3.56 0.35
N VAL A 352 -34.69 -4.69 0.97
CA VAL A 352 -34.01 -5.14 2.17
C VAL A 352 -32.58 -5.55 1.83
N ARG A 353 -32.40 -6.23 0.70
CA ARG A 353 -31.08 -6.73 0.34
C ARG A 353 -30.17 -5.58 -0.10
N ARG A 354 -30.74 -4.57 -0.80
CA ARG A 354 -29.95 -3.44 -1.27
C ARG A 354 -29.42 -2.67 -0.06
N TRP A 355 -30.26 -2.52 0.98
CA TRP A 355 -29.91 -1.75 2.16
C TRP A 355 -29.35 -2.65 3.26
N GLN A 356 -29.26 -3.96 2.99
CA GLN A 356 -28.62 -4.89 3.90
C GLN A 356 -29.22 -4.72 5.29
N LEU A 357 -30.56 -4.65 5.33
CA LEU A 357 -31.32 -4.52 6.56
C LEU A 357 -31.47 -5.89 7.22
N ALA A 358 -31.58 -5.86 8.55
CA ALA A 358 -31.81 -7.06 9.33
C ALA A 358 -33.29 -7.12 9.70
N CYS A 359 -33.91 -8.27 9.43
CA CYS A 359 -35.36 -8.38 9.47
C CYS A 359 -35.77 -9.64 10.22
N GLN A 360 -36.97 -9.57 10.81
CA GLN A 360 -37.53 -10.63 11.61
C GLN A 360 -39.02 -10.32 11.83
N GLY A 361 -39.88 -11.30 11.55
CA GLY A 361 -41.31 -11.07 11.50
C GLY A 361 -41.56 -9.91 10.55
N ASP A 362 -42.47 -9.01 10.92
CA ASP A 362 -42.63 -7.81 10.11
C ASP A 362 -42.03 -6.63 10.87
N ILE A 363 -40.74 -6.77 11.18
CA ILE A 363 -39.94 -5.68 11.67
C ILE A 363 -38.55 -5.73 11.02
N ALA A 364 -37.89 -4.57 10.96
CA ALA A 364 -36.51 -4.49 10.51
C ALA A 364 -35.79 -3.45 11.37
N HIS A 365 -34.45 -3.50 11.41
CA HIS A 365 -33.72 -2.52 12.18
C HIS A 365 -32.52 -1.93 11.43
N VAL A 366 -32.23 -0.67 11.82
CA VAL A 366 -31.06 0.07 11.41
C VAL A 366 -30.23 0.35 12.67
N VAL A 367 -29.00 -0.18 12.65
CA VAL A 367 -28.03 0.05 13.72
C VAL A 367 -27.16 1.22 13.32
N VAL A 368 -27.30 2.31 14.08
CA VAL A 368 -26.61 3.55 13.77
C VAL A 368 -25.24 3.49 14.42
N MET A 369 -24.23 3.18 13.59
CA MET A 369 -22.84 3.14 13.99
C MET A 369 -22.18 4.48 13.64
N PRO A 370 -20.91 4.74 14.02
CA PRO A 370 -20.18 5.93 13.55
C PRO A 370 -20.19 6.21 12.06
N SER A 371 -20.06 5.15 11.24
CA SER A 371 -20.04 5.29 9.79
C SER A 371 -21.40 5.71 9.24
N VAL A 372 -22.49 5.48 9.99
CA VAL A 372 -23.83 5.85 9.56
C VAL A 372 -24.03 7.34 9.84
N THR A 373 -24.26 8.04 8.73
CA THR A 373 -24.20 9.48 8.65
C THR A 373 -25.60 9.98 8.26
N ILE A 374 -25.93 11.21 8.66
CA ILE A 374 -27.22 11.83 8.33
C ILE A 374 -27.48 11.78 6.83
N GLU A 375 -26.46 12.14 6.03
CA GLU A 375 -26.58 12.10 4.58
C GLU A 375 -27.09 10.72 4.15
N LYS A 376 -26.51 9.66 4.71
CA LYS A 376 -26.79 8.28 4.30
C LYS A 376 -28.17 7.86 4.79
N LEU A 377 -28.61 8.42 5.92
CA LEU A 377 -29.93 8.15 6.47
C LEU A 377 -30.98 8.82 5.59
N ASP A 378 -30.73 10.09 5.24
CA ASP A 378 -31.60 10.85 4.35
C ASP A 378 -31.75 10.10 3.01
N ASN A 379 -30.67 9.51 2.49
CA ASN A 379 -30.71 8.74 1.24
C ASN A 379 -31.62 7.53 1.38
N PHE A 380 -31.45 6.78 2.49
CA PHE A 380 -32.30 5.65 2.84
C PHE A 380 -33.78 6.03 2.91
N LEU A 381 -34.09 7.14 3.60
CA LEU A 381 -35.45 7.61 3.85
C LEU A 381 -36.17 7.96 2.55
N LYS A 382 -35.50 8.70 1.64
CA LYS A 382 -36.06 9.01 0.33
C LYS A 382 -36.44 7.72 -0.37
N ASP A 383 -35.48 6.78 -0.41
CA ASP A 383 -35.67 5.58 -1.21
C ASP A 383 -36.73 4.68 -0.57
N LEU A 384 -36.93 4.80 0.76
CA LEU A 384 -37.94 4.03 1.46
C LEU A 384 -39.32 4.59 1.10
N VAL A 385 -39.53 5.89 1.39
CA VAL A 385 -40.78 6.59 1.12
C VAL A 385 -41.22 6.34 -0.33
N LYS A 386 -40.30 6.51 -1.29
CA LYS A 386 -40.56 6.29 -2.71
C LYS A 386 -41.09 4.87 -2.96
N HIS A 387 -40.44 3.85 -2.39
CA HIS A 387 -40.83 2.46 -2.62
C HIS A 387 -42.07 2.08 -1.78
N ARG A 388 -42.34 2.83 -0.71
CA ARG A 388 -43.54 2.63 0.10
C ARG A 388 -44.79 2.89 -0.73
N LEU A 389 -44.80 4.04 -1.41
CA LEU A 389 -45.90 4.44 -2.28
C LEU A 389 -46.25 3.30 -3.23
N ILE A 390 -45.24 2.68 -3.84
CA ILE A 390 -45.42 1.59 -4.80
C ILE A 390 -45.97 0.36 -4.08
N TRP A 391 -45.44 0.00 -2.91
CA TRP A 391 -45.85 -1.19 -2.18
C TRP A 391 -47.32 -1.11 -1.75
N TYR A 392 -47.81 0.11 -1.49
CA TYR A 392 -49.08 0.31 -0.78
C TYR A 392 -50.05 1.17 -1.59
N GLU A 393 -49.81 1.29 -2.91
CA GLU A 393 -50.68 1.99 -3.85
C GLU A 393 -51.97 1.20 -4.05
N ASP A 394 -51.97 -0.10 -3.72
CA ASP A 394 -53.11 -0.97 -3.92
C ASP A 394 -54.17 -0.76 -2.86
N GLY A 395 -54.04 0.30 -2.05
CA GLY A 395 -54.93 0.56 -0.93
C GLY A 395 -54.65 -0.33 0.29
N SER A 396 -53.72 -1.28 0.11
CA SER A 396 -53.22 -2.16 1.16
C SER A 396 -52.50 -1.32 2.22
N GLN A 397 -52.63 -1.71 3.50
CA GLN A 397 -52.01 -1.00 4.61
C GLN A 397 -50.84 -1.81 5.17
N PRO A 398 -49.90 -1.19 5.93
CA PRO A 398 -48.79 -1.92 6.54
C PRO A 398 -49.27 -2.79 7.71
N PRO A 399 -48.46 -3.72 8.24
CA PRO A 399 -48.82 -4.49 9.43
C PRO A 399 -48.87 -3.64 10.70
N CYS A 400 -49.41 -4.21 11.79
CA CYS A 400 -49.83 -3.39 12.92
C CYS A 400 -48.73 -3.17 13.96
N LEU A 401 -47.76 -4.08 14.11
CA LEU A 401 -46.48 -3.74 14.73
C LEU A 401 -46.54 -3.57 16.25
N ALA A 402 -47.73 -3.51 16.86
CA ALA A 402 -47.85 -3.31 18.31
C ALA A 402 -47.46 -4.57 19.09
N SER A 403 -47.79 -5.75 18.52
CA SER A 403 -47.27 -7.02 18.97
C SER A 403 -45.74 -6.94 19.13
N GLU A 404 -45.04 -6.37 18.14
CA GLU A 404 -43.59 -6.48 18.08
C GLU A 404 -42.89 -5.39 18.91
N VAL A 405 -43.54 -4.23 19.08
CA VAL A 405 -42.82 -3.02 19.43
C VAL A 405 -43.51 -2.24 20.57
N GLY A 406 -44.77 -2.59 20.89
CA GLY A 406 -45.57 -1.90 21.90
C GLY A 406 -46.60 -0.96 21.28
N THR A 407 -47.81 -0.89 21.86
CA THR A 407 -48.89 -0.04 21.36
C THR A 407 -48.49 1.43 21.42
N ASN A 408 -47.71 1.78 22.46
CA ASN A 408 -47.26 3.15 22.70
C ASN A 408 -46.31 3.62 21.59
N ASN A 409 -45.86 2.71 20.71
CA ASN A 409 -44.89 3.00 19.66
C ASN A 409 -45.51 2.83 18.26
N CYS A 410 -46.73 2.29 18.17
CA CYS A 410 -47.34 1.96 16.89
C CYS A 410 -48.21 3.10 16.36
N ILE A 411 -48.30 3.20 15.01
CA ILE A 411 -48.97 4.30 14.32
C ILE A 411 -50.04 3.80 13.35
N CYS A 412 -50.23 2.49 13.20
CA CYS A 412 -51.25 1.97 12.29
C CYS A 412 -52.58 2.68 12.55
N PRO A 413 -53.56 2.64 11.61
CA PRO A 413 -54.85 3.31 11.80
C PRO A 413 -55.47 3.12 13.19
N ALA A 414 -55.44 1.87 13.68
CA ALA A 414 -55.98 1.48 14.97
C ALA A 414 -55.26 2.16 16.15
N HIS A 415 -54.02 2.64 15.93
CA HIS A 415 -53.22 3.11 17.03
C HIS A 415 -53.07 4.64 16.96
N LYS A 416 -52.29 5.17 16.01
CA LYS A 416 -51.87 6.56 16.10
C LYS A 416 -51.87 7.01 17.58
N ALA A 417 -51.40 6.14 18.50
CA ALA A 417 -51.73 6.12 19.92
C ALA A 417 -50.98 7.19 20.72
N THR B 1 11.84 26.81 7.26
CA THR B 1 12.29 25.57 7.96
C THR B 1 13.40 24.94 7.11
N SER B 2 13.93 23.84 7.65
CA SER B 2 14.60 22.79 6.91
C SER B 2 14.56 21.54 7.78
N LEU B 3 14.61 20.34 7.15
CA LEU B 3 14.73 19.08 7.89
C LEU B 3 16.10 18.50 7.58
N ALA B 4 17.03 18.71 8.52
CA ALA B 4 18.41 18.38 8.30
C ALA B 4 18.54 16.93 7.88
N VAL B 5 19.66 16.64 7.20
CA VAL B 5 20.07 15.27 6.99
C VAL B 5 21.28 15.08 7.90
N THR B 6 21.11 14.30 8.97
CA THR B 6 22.19 14.07 9.91
C THR B 6 22.67 12.63 9.74
N GLU B 7 23.96 12.40 10.03
CA GLU B 7 24.53 11.07 9.94
C GLU B 7 23.83 10.20 10.98
N PRO B 8 23.58 8.91 10.70
CA PRO B 8 23.09 7.99 11.72
C PRO B 8 24.21 7.78 12.72
N GLU B 9 23.84 7.49 13.98
CA GLU B 9 24.81 7.12 15.01
C GLU B 9 25.51 5.84 14.59
N VAL B 10 26.62 5.48 15.25
CA VAL B 10 27.32 4.24 14.94
C VAL B 10 26.44 3.06 15.35
N ASN B 11 25.55 3.31 16.33
CA ASN B 11 24.70 2.28 16.93
C ASN B 11 23.40 2.03 16.15
N ASP B 12 23.21 2.68 14.99
CA ASP B 12 21.86 2.87 14.45
C ASP B 12 21.23 1.55 14.01
N GLU B 13 22.05 0.61 13.50
CA GLU B 13 21.56 -0.67 13.03
C GLU B 13 20.90 -1.46 14.17
N PHE B 14 21.36 -1.25 15.41
CA PHE B 14 20.81 -1.90 16.59
C PHE B 14 19.50 -1.20 16.99
N THR B 15 19.53 0.15 17.11
CA THR B 15 18.50 0.93 17.82
C THR B 15 17.33 1.37 16.93
N GLY B 16 17.61 1.55 15.63
CA GLY B 16 16.61 1.95 14.64
C GLY B 16 16.05 3.34 14.92
N ASP B 17 16.88 4.25 15.44
CA ASP B 17 16.39 5.53 15.95
C ASP B 17 16.10 6.48 14.79
N LYS B 18 16.87 6.32 13.71
CA LYS B 18 16.65 7.10 12.50
C LYS B 18 15.28 6.78 11.90
N GLU B 19 15.02 5.51 11.56
CA GLU B 19 13.74 5.12 10.94
C GLU B 19 12.59 5.59 11.83
N ALA B 20 12.81 5.52 13.15
CA ALA B 20 11.78 5.95 14.07
C ALA B 20 11.61 7.47 14.02
N TYR B 21 12.72 8.23 14.00
CA TYR B 21 12.63 9.69 13.97
C TYR B 21 11.85 10.08 12.70
N MET B 22 12.28 9.50 11.57
CA MET B 22 11.77 9.85 10.25
C MET B 22 10.28 9.56 10.13
N ALA B 23 9.84 8.44 10.74
CA ALA B 23 8.44 8.06 10.75
C ALA B 23 7.55 9.14 11.36
N SER B 24 8.03 9.76 12.45
CA SER B 24 7.31 10.85 13.09
C SER B 24 7.29 12.07 12.18
N VAL B 25 8.44 12.38 11.60
CA VAL B 25 8.52 13.52 10.71
C VAL B 25 7.50 13.36 9.59
N LEU B 26 7.53 12.17 8.93
CA LEU B 26 6.62 11.88 7.83
C LEU B 26 5.16 11.87 8.29
N ALA B 27 4.88 11.33 9.48
CA ALA B 27 3.53 11.37 10.03
C ALA B 27 3.05 12.81 10.17
N ARG B 28 3.88 13.63 10.83
CA ARG B 28 3.58 15.03 11.04
C ARG B 28 3.35 15.69 9.69
N TYR B 29 4.23 15.39 8.72
CA TYR B 29 4.17 16.00 7.39
C TYR B 29 2.82 15.70 6.71
N ARG B 30 2.51 14.41 6.66
CA ARG B 30 1.30 13.89 6.05
C ARG B 30 0.06 14.61 6.59
N LYS B 31 0.02 14.85 7.90
CA LYS B 31 -1.13 15.47 8.52
C LYS B 31 -1.31 16.89 7.97
N THR B 32 -0.19 17.57 7.74
CA THR B 32 -0.26 18.96 7.31
C THR B 32 -0.67 18.92 5.82
N LEU B 33 -0.18 17.94 5.08
CA LEU B 33 -0.58 17.81 3.68
C LEU B 33 -2.08 17.57 3.54
N VAL B 34 -2.65 16.78 4.47
CA VAL B 34 -4.06 16.46 4.41
C VAL B 34 -4.89 17.74 4.52
N GLU B 35 -4.53 18.64 5.44
CA GLU B 35 -5.34 19.81 5.68
C GLU B 35 -5.09 20.83 4.56
N ARG B 36 -3.84 20.94 4.08
CA ARG B 36 -3.51 21.86 3.00
C ARG B 36 -4.29 21.48 1.74
N THR B 37 -4.37 20.18 1.48
CA THR B 37 -5.14 19.65 0.37
C THR B 37 -6.61 20.01 0.53
N LYS B 38 -7.16 19.74 1.73
CA LYS B 38 -8.55 20.03 2.07
C LYS B 38 -8.89 21.48 1.71
N ASN B 39 -8.03 22.43 2.05
CA ASN B 39 -8.38 23.85 2.00
C ASN B 39 -7.70 24.58 0.84
N HIS B 40 -7.41 23.87 -0.26
CA HIS B 40 -6.67 24.48 -1.36
C HIS B 40 -7.66 24.97 -2.43
N LEU B 41 -7.44 26.20 -2.93
CA LEU B 41 -8.31 26.81 -3.94
C LEU B 41 -7.51 27.56 -5.03
N GLY B 42 -6.35 28.15 -4.71
CA GLY B 42 -5.73 29.16 -5.58
C GLY B 42 -5.14 28.64 -6.90
N TYR B 43 -4.67 27.37 -6.93
CA TYR B 43 -3.83 26.88 -8.02
C TYR B 43 -4.56 25.85 -8.87
N PRO B 44 -4.13 25.68 -10.16
CA PRO B 44 -4.88 24.92 -11.15
C PRO B 44 -4.62 23.43 -11.12
N TYR B 45 -4.59 22.87 -9.90
CA TYR B 45 -4.30 21.46 -9.74
C TYR B 45 -5.55 20.77 -9.21
N ASN B 46 -5.98 19.75 -9.97
CA ASN B 46 -6.97 18.79 -9.54
C ASN B 46 -6.34 17.83 -8.51
N LEU B 47 -6.87 17.87 -7.29
CA LEU B 47 -6.35 17.12 -6.16
C LEU B 47 -7.12 15.81 -5.96
N ASP B 48 -8.10 15.55 -6.84
CA ASP B 48 -9.02 14.43 -6.75
C ASP B 48 -8.58 13.32 -7.71
N PHE B 49 -7.86 12.32 -7.20
CA PHE B 49 -7.46 11.16 -8.01
C PHE B 49 -7.25 9.95 -7.09
N ASP B 50 -7.57 8.75 -7.62
CA ASP B 50 -7.31 7.46 -6.99
C ASP B 50 -6.58 6.56 -7.99
N TYR B 51 -5.28 6.38 -7.75
CA TYR B 51 -4.44 5.47 -8.51
C TYR B 51 -4.01 4.31 -7.60
N GLY B 52 -4.93 3.87 -6.74
CA GLY B 52 -4.74 2.65 -5.97
C GLY B 52 -4.47 1.45 -6.87
N ALA B 53 -5.11 1.45 -8.06
CA ALA B 53 -4.95 0.38 -9.05
C ALA B 53 -3.51 0.23 -9.53
N LEU B 54 -2.70 1.30 -9.39
CA LEU B 54 -1.32 1.34 -9.84
C LEU B 54 -0.36 1.15 -8.68
N GLY B 55 -0.94 0.85 -7.51
CA GLY B 55 -0.22 0.66 -6.27
C GLY B 55 0.98 -0.28 -6.39
N GLN B 56 0.82 -1.36 -7.16
CA GLN B 56 1.81 -2.42 -7.14
C GLN B 56 2.93 -2.15 -8.14
N LEU B 57 2.91 -0.97 -8.77
CA LEU B 57 3.90 -0.64 -9.79
C LEU B 57 4.85 0.45 -9.30
N GLN B 58 4.62 0.91 -8.07
CA GLN B 58 5.24 2.13 -7.58
C GLN B 58 6.69 1.88 -7.20
N HIS B 59 7.15 0.62 -7.21
CA HIS B 59 8.46 0.29 -6.65
C HIS B 59 9.51 0.07 -7.73
N PHE B 60 9.12 0.25 -9.00
CA PHE B 60 10.02 0.04 -10.11
C PHE B 60 10.51 1.39 -10.60
N SER B 61 11.75 1.43 -11.10
CA SER B 61 12.21 2.66 -11.73
C SER B 61 11.96 2.61 -13.24
N ILE B 62 10.75 3.06 -13.58
CA ILE B 62 10.26 3.10 -14.95
C ILE B 62 10.72 4.40 -15.58
N ASN B 63 11.35 4.28 -16.76
CA ASN B 63 12.06 5.37 -17.42
C ASN B 63 11.95 5.21 -18.92
N ASN B 64 11.24 6.16 -19.53
CA ASN B 64 11.10 6.23 -20.97
C ASN B 64 12.17 7.19 -21.49
N LEU B 65 13.37 6.66 -21.73
CA LEU B 65 14.45 7.40 -22.37
C LEU B 65 14.00 7.88 -23.75
N GLY B 66 14.28 9.15 -24.04
CA GLY B 66 14.11 9.74 -25.37
C GLY B 66 12.75 9.47 -26.00
N ASP B 67 12.78 9.05 -27.29
CA ASP B 67 11.61 9.04 -28.14
C ASP B 67 10.63 7.98 -27.66
N PRO B 68 9.33 8.32 -27.45
CA PRO B 68 8.29 7.33 -27.15
C PRO B 68 8.20 6.21 -28.18
N PHE B 69 8.65 6.49 -29.41
CA PHE B 69 8.38 5.60 -30.54
C PHE B 69 9.61 4.74 -30.82
N ILE B 70 10.82 5.26 -30.60
CA ILE B 70 12.04 4.48 -30.77
C ILE B 70 12.19 3.57 -29.54
N GLU B 71 12.70 2.35 -29.76
CA GLU B 71 13.00 1.42 -28.68
C GLU B 71 14.40 1.68 -28.14
N SER B 72 14.58 1.32 -26.87
CA SER B 72 15.84 1.43 -26.17
C SER B 72 16.04 0.11 -25.42
N ASN B 73 17.29 -0.22 -25.08
CA ASN B 73 17.61 -1.50 -24.49
C ASN B 73 17.25 -1.58 -23.00
N TYR B 74 17.03 -0.42 -22.36
CA TYR B 74 16.52 -0.38 -20.99
C TYR B 74 15.07 -0.88 -20.98
N GLY B 75 14.83 -1.94 -20.19
CA GLY B 75 13.63 -2.74 -20.31
C GLY B 75 12.50 -2.26 -19.39
N VAL B 76 12.84 -1.42 -18.41
CA VAL B 76 11.88 -0.99 -17.41
C VAL B 76 11.24 0.32 -17.89
N HIS B 77 10.21 0.21 -18.75
CA HIS B 77 9.63 1.40 -19.35
C HIS B 77 8.15 1.17 -19.60
N SER B 78 7.46 2.19 -20.12
CA SER B 78 6.02 2.16 -20.27
C SER B 78 5.57 2.75 -21.62
N ARG B 79 6.41 2.55 -22.67
CA ARG B 79 6.20 3.21 -23.95
C ARG B 79 4.82 2.86 -24.52
N PRO B 80 4.36 1.59 -24.48
CA PRO B 80 3.04 1.25 -25.01
C PRO B 80 1.91 2.08 -24.40
N PHE B 81 2.04 2.35 -23.09
CA PHE B 81 1.10 3.22 -22.40
C PHE B 81 1.25 4.66 -22.91
N GLU B 82 2.49 5.11 -23.07
CA GLU B 82 2.72 6.50 -23.47
C GLU B 82 2.03 6.75 -24.82
N VAL B 83 2.31 5.84 -25.76
CA VAL B 83 1.83 5.93 -27.13
C VAL B 83 0.29 5.94 -27.12
N GLY B 84 -0.32 5.02 -26.37
CA GLY B 84 -1.76 5.04 -26.23
C GLY B 84 -2.27 6.40 -25.80
N VAL B 85 -1.53 7.08 -24.92
CA VAL B 85 -1.99 8.34 -24.36
C VAL B 85 -1.85 9.45 -25.41
N LEU B 86 -0.75 9.35 -26.15
CA LEU B 86 -0.42 10.31 -27.20
C LEU B 86 -1.46 10.19 -28.30
N ASP B 87 -1.73 8.96 -28.75
CA ASP B 87 -2.75 8.71 -29.76
C ASP B 87 -4.05 9.41 -29.36
N TRP B 88 -4.43 9.30 -28.08
CA TRP B 88 -5.67 9.87 -27.60
C TRP B 88 -5.65 11.38 -27.73
N PHE B 89 -4.50 11.98 -27.44
CA PHE B 89 -4.37 13.44 -27.51
C PHE B 89 -4.31 13.93 -28.97
N ALA B 90 -3.67 13.11 -29.83
CA ALA B 90 -3.70 13.33 -31.27
C ALA B 90 -5.14 13.34 -31.79
N ARG B 91 -5.90 12.27 -31.49
CA ARG B 91 -7.30 12.19 -31.90
C ARG B 91 -8.07 13.42 -31.36
N LEU B 92 -7.81 13.83 -30.12
CA LEU B 92 -8.51 14.96 -29.52
C LEU B 92 -8.31 16.21 -30.37
N TRP B 93 -7.10 16.44 -30.89
CA TRP B 93 -6.82 17.61 -31.69
C TRP B 93 -6.72 17.29 -33.18
N GLU B 94 -7.40 16.21 -33.61
CA GLU B 94 -7.70 15.95 -35.02
C GLU B 94 -6.41 15.90 -35.82
N ILE B 95 -5.50 15.04 -35.39
CA ILE B 95 -4.32 14.74 -36.18
C ILE B 95 -4.10 13.23 -36.13
N GLU B 96 -3.75 12.67 -37.30
CA GLU B 96 -3.76 11.24 -37.52
C GLU B 96 -2.52 10.63 -36.87
N ARG B 97 -2.57 9.33 -36.56
CA ARG B 97 -1.43 8.66 -35.94
C ARG B 97 -0.13 8.97 -36.71
N ASP B 98 -0.18 8.94 -38.05
CA ASP B 98 1.04 9.01 -38.86
C ASP B 98 1.55 10.43 -39.07
N ASP B 99 0.73 11.46 -38.79
CA ASP B 99 1.13 12.84 -39.01
C ASP B 99 1.78 13.49 -37.78
N TYR B 100 1.41 13.05 -36.57
CA TYR B 100 1.82 13.75 -35.36
C TYR B 100 3.07 13.11 -34.77
N TRP B 101 3.80 13.91 -34.00
CA TRP B 101 4.78 13.43 -33.04
C TRP B 101 4.56 14.16 -31.72
N GLY B 102 4.85 13.46 -30.62
CA GLY B 102 4.65 14.04 -29.30
C GLY B 102 5.31 13.19 -28.22
N TYR B 103 5.23 13.67 -26.98
CA TYR B 103 5.73 12.93 -25.83
C TYR B 103 5.13 13.50 -24.56
N ILE B 104 5.32 12.77 -23.46
CA ILE B 104 4.82 13.19 -22.16
C ILE B 104 5.93 13.94 -21.41
N THR B 105 5.62 15.21 -21.12
CA THR B 105 6.56 16.18 -20.59
C THR B 105 6.61 16.10 -19.06
N ASN B 106 7.58 16.79 -18.45
CA ASN B 106 7.66 16.91 -17.00
C ASN B 106 6.65 17.93 -16.49
N CYS B 107 6.25 18.91 -17.30
CA CYS B 107 5.41 19.99 -16.82
C CYS B 107 4.96 20.89 -17.98
N GLY B 108 4.24 21.96 -17.63
CA GLY B 108 3.82 22.97 -18.58
C GLY B 108 4.99 23.73 -19.22
N THR B 109 6.00 24.10 -18.42
CA THR B 109 7.07 24.91 -18.98
C THR B 109 7.80 24.07 -20.04
N GLU B 110 7.98 22.76 -19.79
CA GLU B 110 8.70 21.93 -20.73
C GLU B 110 8.00 21.95 -22.09
N GLY B 111 6.67 21.93 -22.08
CA GLY B 111 5.90 21.96 -23.32
C GLY B 111 6.14 23.26 -24.11
N ASN B 112 6.06 24.38 -23.38
CA ASN B 112 6.36 25.70 -23.93
C ASN B 112 7.80 25.70 -24.48
N LEU B 113 8.77 25.20 -23.68
CA LEU B 113 10.15 25.10 -24.14
C LEU B 113 10.23 24.32 -25.43
N HIS B 114 9.48 23.21 -25.53
CA HIS B 114 9.63 22.34 -26.69
C HIS B 114 9.02 23.02 -27.93
N GLY B 115 7.76 23.45 -27.83
CA GLY B 115 7.03 24.03 -28.95
C GLY B 115 7.71 25.29 -29.51
N ILE B 116 8.15 26.16 -28.61
CA ILE B 116 8.87 27.35 -29.03
C ILE B 116 10.21 26.96 -29.69
N LEU B 117 10.92 25.94 -29.17
CA LEU B 117 12.16 25.50 -29.80
C LEU B 117 11.88 25.01 -31.21
N VAL B 118 10.75 24.32 -31.36
CA VAL B 118 10.35 23.82 -32.67
C VAL B 118 10.12 25.01 -33.61
N GLY B 119 9.36 25.99 -33.14
CA GLY B 119 9.12 27.19 -33.90
C GLY B 119 10.44 27.77 -34.42
N ARG B 120 11.43 27.85 -33.54
CA ARG B 120 12.72 28.47 -33.84
C ARG B 120 13.44 27.69 -34.94
N GLU B 121 13.42 26.36 -34.89
CA GLU B 121 14.14 25.58 -35.89
C GLU B 121 13.38 25.60 -37.22
N MET B 122 12.07 25.88 -37.17
CA MET B 122 11.29 26.17 -38.37
C MET B 122 11.73 27.49 -39.00
N PHE B 123 11.82 28.53 -38.17
CA PHE B 123 12.09 29.88 -38.62
C PHE B 123 13.21 30.45 -37.76
N PRO B 124 14.47 30.05 -38.03
CA PRO B 124 15.62 30.59 -37.29
C PRO B 124 15.71 32.11 -37.20
N ASP B 125 14.98 32.84 -38.07
CA ASP B 125 14.99 34.31 -38.06
C ASP B 125 13.70 34.87 -37.47
N GLY B 126 12.74 33.98 -37.15
CA GLY B 126 11.45 34.35 -36.59
C GLY B 126 11.56 35.24 -35.37
N ILE B 127 10.57 36.14 -35.22
CA ILE B 127 10.33 36.85 -33.97
C ILE B 127 9.28 36.05 -33.20
N LEU B 128 9.46 35.95 -31.88
CA LEU B 128 8.43 35.39 -31.02
C LEU B 128 7.48 36.51 -30.62
N TYR B 129 6.18 36.36 -30.96
CA TYR B 129 5.13 37.25 -30.50
C TYR B 129 4.31 36.49 -29.47
N ALA B 130 4.04 37.15 -28.32
CA ALA B 130 3.24 36.53 -27.25
C ALA B 130 2.55 37.62 -26.44
N SER B 131 1.33 37.32 -25.97
CA SER B 131 0.63 38.17 -25.01
C SER B 131 1.55 38.59 -23.85
N ARG B 132 1.34 39.78 -23.28
CA ARG B 132 2.03 40.17 -22.05
C ARG B 132 1.62 39.27 -20.87
N GLU B 133 0.45 38.62 -20.97
CA GLU B 133 -0.05 37.81 -19.88
C GLU B 133 0.17 36.31 -20.17
N SER B 134 1.02 36.00 -21.15
CA SER B 134 1.44 34.62 -21.35
C SER B 134 2.44 34.27 -20.24
N HIS B 135 2.62 32.97 -19.97
CA HIS B 135 3.35 32.51 -18.80
C HIS B 135 4.85 32.86 -18.93
N TYR B 136 5.52 33.04 -17.79
CA TYR B 136 6.89 33.51 -17.82
C TYR B 136 7.79 32.49 -18.53
N SER B 137 7.39 31.21 -18.58
CA SER B 137 8.16 30.21 -19.33
C SER B 137 8.38 30.63 -20.78
N VAL B 138 7.39 31.30 -21.38
CA VAL B 138 7.49 31.74 -22.77
C VAL B 138 8.65 32.71 -22.93
N PHE B 139 8.81 33.64 -21.99
CA PHE B 139 9.83 34.66 -22.08
C PHE B 139 11.18 34.05 -21.71
N LYS B 140 11.17 33.11 -20.77
CA LYS B 140 12.38 32.38 -20.41
C LYS B 140 12.90 31.62 -21.64
N ALA B 141 11.99 30.99 -22.39
CA ALA B 141 12.39 30.25 -23.57
C ALA B 141 13.08 31.19 -24.56
N ALA B 142 12.54 32.40 -24.77
CA ALA B 142 13.13 33.39 -25.65
C ALA B 142 14.55 33.71 -25.21
N ARG B 143 14.76 34.03 -23.94
CA ARG B 143 16.09 34.26 -23.38
C ARG B 143 16.99 33.02 -23.54
N MET B 144 16.49 31.84 -23.16
CA MET B 144 17.30 30.64 -23.24
C MET B 144 17.79 30.39 -24.66
N TYR B 145 16.87 30.56 -25.62
CA TYR B 145 17.07 30.19 -27.01
C TYR B 145 17.54 31.38 -27.87
N ARG B 146 17.79 32.55 -27.23
CA ARG B 146 18.36 33.73 -27.89
C ARG B 146 17.49 34.14 -29.08
N MET B 147 16.25 34.53 -28.76
CA MET B 147 15.24 34.84 -29.75
C MET B 147 14.71 36.23 -29.44
N GLU B 148 14.40 36.98 -30.50
CA GLU B 148 13.76 38.27 -30.37
C GLU B 148 12.32 37.99 -29.96
N CYS B 149 11.87 38.68 -28.91
CA CYS B 149 10.50 38.53 -28.48
C CYS B 149 9.81 39.89 -28.46
N GLU B 150 8.60 39.88 -29.03
CA GLU B 150 7.74 41.03 -29.11
C GLU B 150 6.49 40.75 -28.27
N LYS B 151 6.42 41.38 -27.09
CA LYS B 151 5.34 41.21 -26.15
C LYS B 151 4.11 41.99 -26.62
N VAL B 152 3.10 41.28 -27.12
CA VAL B 152 1.86 41.89 -27.57
C VAL B 152 1.04 42.33 -26.37
N ASP B 153 0.34 43.47 -26.52
CA ASP B 153 -0.59 44.01 -25.53
C ASP B 153 -1.82 43.09 -25.42
N THR B 154 -2.60 43.37 -24.37
CA THR B 154 -3.63 42.46 -23.88
C THR B 154 -4.92 43.28 -23.64
N LEU B 155 -6.09 42.68 -23.91
CA LEU B 155 -7.37 43.27 -23.50
C LEU B 155 -7.54 43.16 -21.98
N MET B 156 -8.62 43.78 -21.45
CA MET B 156 -8.94 43.71 -20.02
C MET B 156 -9.16 42.26 -19.59
N SER B 157 -9.70 41.44 -20.50
CA SER B 157 -9.95 40.04 -20.21
C SER B 157 -8.64 39.29 -19.92
N GLY B 158 -7.52 39.74 -20.50
CA GLY B 158 -6.25 39.01 -20.45
C GLY B 158 -5.88 38.38 -21.80
N GLU B 159 -6.83 38.39 -22.75
CA GLU B 159 -6.59 37.99 -24.13
C GLU B 159 -5.53 38.86 -24.82
N ILE B 160 -4.86 38.26 -25.80
CA ILE B 160 -4.06 39.02 -26.73
C ILE B 160 -4.97 40.01 -27.47
N ASP B 161 -4.51 41.27 -27.53
CA ASP B 161 -5.11 42.32 -28.34
C ASP B 161 -4.60 42.15 -29.78
N CYS B 162 -5.45 41.61 -30.66
CA CYS B 162 -5.02 41.33 -32.03
C CYS B 162 -4.79 42.60 -32.85
N ASP B 163 -5.30 43.77 -32.40
CA ASP B 163 -4.99 45.03 -33.06
C ASP B 163 -3.51 45.36 -32.87
N ASP B 164 -3.02 45.25 -31.63
CA ASP B 164 -1.61 45.47 -31.34
C ASP B 164 -0.74 44.39 -32.00
N LEU B 165 -1.29 43.19 -32.21
CA LEU B 165 -0.54 42.18 -32.95
C LEU B 165 -0.32 42.67 -34.38
N ARG B 166 -1.36 43.25 -35.03
CA ARG B 166 -1.23 43.82 -36.37
C ARG B 166 -0.01 44.74 -36.41
N LYS B 167 -0.04 45.76 -35.56
CA LYS B 167 1.01 46.78 -35.50
C LYS B 167 2.38 46.08 -35.50
N LYS B 168 2.54 45.14 -34.57
CA LYS B 168 3.80 44.44 -34.34
C LYS B 168 4.23 43.64 -35.57
N LEU B 169 3.31 42.83 -36.13
CA LEU B 169 3.56 42.05 -37.33
C LEU B 169 3.98 42.95 -38.50
N LEU B 170 3.15 43.96 -38.82
CA LEU B 170 3.39 44.88 -39.93
C LEU B 170 4.78 45.51 -39.80
N ALA B 171 5.16 45.89 -38.57
CA ALA B 171 6.47 46.49 -38.34
C ALA B 171 7.60 45.49 -38.54
N ASN B 172 7.28 44.20 -38.72
CA ASN B 172 8.31 43.17 -38.84
C ASN B 172 7.91 42.15 -39.92
N LYS B 173 7.38 42.64 -41.06
CA LYS B 173 7.06 41.81 -42.22
C LYS B 173 8.32 41.18 -42.83
N ASP B 174 9.46 41.85 -42.59
CA ASP B 174 10.80 41.40 -42.90
C ASP B 174 10.95 39.90 -42.63
N LYS B 175 10.63 39.50 -41.39
CA LYS B 175 11.01 38.19 -40.85
C LYS B 175 9.75 37.37 -40.54
N PRO B 176 9.88 36.03 -40.44
CA PRO B 176 8.74 35.17 -40.09
C PRO B 176 8.25 35.43 -38.66
N ALA B 177 7.17 34.73 -38.29
CA ALA B 177 6.49 34.96 -37.02
C ALA B 177 6.31 33.63 -36.28
N ILE B 178 6.79 33.58 -35.02
CA ILE B 178 6.55 32.49 -34.10
C ILE B 178 5.61 33.00 -33.01
N LEU B 179 4.42 32.39 -32.88
CA LEU B 179 3.42 32.87 -31.95
C LEU B 179 3.21 31.89 -30.79
N ASN B 180 2.99 32.46 -29.61
CA ASN B 180 2.52 31.70 -28.44
C ASN B 180 1.10 32.15 -28.10
N VAL B 181 0.18 31.20 -28.30
CA VAL B 181 -1.24 31.40 -28.10
C VAL B 181 -1.66 30.74 -26.78
N ASN B 182 -2.27 31.54 -25.89
CA ASN B 182 -2.62 31.08 -24.55
C ASN B 182 -4.04 30.53 -24.52
N ILE B 183 -4.17 29.22 -24.29
CA ILE B 183 -5.45 28.63 -23.96
C ILE B 183 -5.56 28.59 -22.44
N GLY B 184 -5.95 29.75 -21.89
CA GLY B 184 -6.12 29.90 -20.45
C GLY B 184 -4.88 30.50 -19.83
N THR B 185 -4.89 31.83 -19.62
CA THR B 185 -3.76 32.54 -19.04
C THR B 185 -3.71 32.35 -17.53
N THR B 186 -2.48 32.27 -17.01
CA THR B 186 -2.27 32.03 -15.58
C THR B 186 -3.17 32.88 -14.70
N VAL B 187 -3.24 34.19 -14.95
CA VAL B 187 -3.81 35.14 -14.01
C VAL B 187 -5.31 35.32 -14.19
N LYS B 188 -5.79 35.55 -15.43
CA LYS B 188 -7.20 35.89 -15.59
C LYS B 188 -8.00 34.77 -16.24
N GLY B 189 -7.31 33.68 -16.57
CA GLY B 189 -7.94 32.59 -17.30
C GLY B 189 -8.53 33.07 -18.62
N ALA B 190 -7.79 33.91 -19.36
CA ALA B 190 -8.17 34.34 -20.70
C ALA B 190 -7.82 33.28 -21.73
N VAL B 191 -8.64 33.19 -22.79
CA VAL B 191 -8.31 32.40 -23.97
C VAL B 191 -8.05 33.31 -25.18
N ASP B 192 -6.78 33.39 -25.61
CA ASP B 192 -6.43 34.01 -26.87
C ASP B 192 -7.36 33.42 -27.95
N ASP B 193 -7.94 34.32 -28.77
CA ASP B 193 -8.74 33.92 -29.92
C ASP B 193 -7.82 33.41 -31.01
N LEU B 194 -7.68 32.08 -31.12
CA LEU B 194 -6.78 31.49 -32.09
C LEU B 194 -7.15 31.96 -33.50
N ASP B 195 -8.45 31.92 -33.84
CA ASP B 195 -8.88 32.20 -35.21
C ASP B 195 -8.54 33.63 -35.61
N LEU B 196 -8.78 34.58 -34.70
CA LEU B 196 -8.50 35.99 -34.98
C LEU B 196 -6.98 36.20 -35.08
N VAL B 197 -6.20 35.34 -34.41
CA VAL B 197 -4.75 35.40 -34.51
C VAL B 197 -4.34 34.92 -35.90
N ILE B 198 -4.85 33.75 -36.31
CA ILE B 198 -4.56 33.24 -37.63
C ILE B 198 -4.99 34.29 -38.65
N LYS B 199 -6.22 34.82 -38.48
CA LYS B 199 -6.78 35.83 -39.38
C LYS B 199 -5.80 36.99 -39.49
N THR B 200 -5.43 37.60 -38.35
CA THR B 200 -4.54 38.75 -38.32
C THR B 200 -3.25 38.46 -39.09
N LEU B 201 -2.71 37.24 -38.89
CA LEU B 201 -1.46 36.83 -39.53
C LEU B 201 -1.60 36.92 -41.05
N GLU B 202 -2.67 36.32 -41.60
CA GLU B 202 -2.85 36.18 -43.04
C GLU B 202 -3.06 37.56 -43.67
N GLU B 203 -3.90 38.37 -43.05
CA GLU B 203 -4.15 39.69 -43.59
C GLU B 203 -3.07 40.69 -43.14
N CYS B 204 -1.95 40.21 -42.57
CA CYS B 204 -0.73 41.02 -42.48
C CYS B 204 0.34 40.44 -43.41
N GLY B 205 -0.06 39.49 -44.27
CA GLY B 205 0.81 38.96 -45.31
C GLY B 205 1.77 37.88 -44.81
N PHE B 206 1.36 37.19 -43.73
CA PHE B 206 2.05 36.01 -43.28
C PHE B 206 1.22 34.81 -43.72
N SER B 207 1.63 34.19 -44.83
CA SER B 207 0.98 32.96 -45.25
C SER B 207 1.45 31.86 -44.30
N HIS B 208 0.73 30.75 -44.33
CA HIS B 208 1.22 29.54 -43.69
C HIS B 208 2.61 29.34 -44.33
N ASP B 209 3.56 28.72 -43.64
CA ASP B 209 4.91 28.58 -44.17
C ASP B 209 5.73 29.84 -43.93
N ARG B 210 5.13 30.90 -43.35
CA ARG B 210 5.94 32.00 -42.84
C ARG B 210 5.58 32.31 -41.38
N PHE B 211 4.79 31.44 -40.72
CA PHE B 211 4.59 31.51 -39.27
C PHE B 211 4.50 30.11 -38.66
N TYR B 212 4.64 30.07 -37.33
CA TYR B 212 4.48 28.88 -36.51
C TYR B 212 3.75 29.25 -35.22
N ILE B 213 2.69 28.50 -34.88
CA ILE B 213 1.94 28.75 -33.67
C ILE B 213 2.11 27.56 -32.70
N HIS B 214 2.55 27.88 -31.47
CA HIS B 214 2.42 26.98 -30.34
C HIS B 214 1.24 27.42 -29.48
N CYS B 215 0.34 26.46 -29.19
CA CYS B 215 -0.74 26.68 -28.24
C CYS B 215 -0.38 26.16 -26.85
N ASP B 216 -0.17 27.10 -25.92
CA ASP B 216 0.03 26.72 -24.52
C ASP B 216 -1.32 26.54 -23.85
N GLY B 217 -1.82 25.30 -23.81
CA GLY B 217 -3.11 25.02 -23.19
C GLY B 217 -2.99 24.33 -21.83
N ALA B 218 -1.92 24.61 -21.09
CA ALA B 218 -1.62 24.00 -19.80
C ALA B 218 -2.89 23.58 -19.05
N LEU B 219 -3.68 24.58 -18.65
CA LEU B 219 -4.89 24.30 -17.90
C LEU B 219 -6.01 23.93 -18.86
N PHE B 220 -6.48 24.97 -19.58
CA PHE B 220 -7.80 24.98 -20.20
C PHE B 220 -7.75 24.26 -21.55
N GLY B 221 -6.54 23.96 -22.03
CA GLY B 221 -6.36 23.23 -23.27
C GLY B 221 -7.07 21.88 -23.26
N LEU B 222 -7.25 21.30 -22.08
CA LEU B 222 -7.95 20.03 -21.94
C LEU B 222 -9.44 20.26 -21.66
N MET B 223 -9.79 21.48 -21.26
CA MET B 223 -11.18 21.72 -20.88
C MET B 223 -12.00 22.22 -22.07
N MET B 224 -11.45 23.20 -22.82
CA MET B 224 -12.10 23.79 -23.97
C MET B 224 -12.71 22.76 -24.92
N PRO B 225 -11.97 21.70 -25.35
CA PRO B 225 -12.53 20.70 -26.25
C PRO B 225 -13.93 20.24 -25.88
N PHE B 226 -14.26 20.27 -24.58
CA PHE B 226 -15.51 19.73 -24.08
C PHE B 226 -16.51 20.85 -23.81
N VAL B 227 -16.16 22.08 -24.20
CA VAL B 227 -17.09 23.18 -24.14
C VAL B 227 -17.76 23.29 -25.50
N LYS B 228 -19.09 23.18 -25.50
CA LYS B 228 -19.89 23.28 -26.71
C LYS B 228 -19.81 24.72 -27.21
N ARG B 229 -19.66 24.88 -28.53
CA ARG B 229 -19.57 26.18 -29.17
C ARG B 229 -18.34 26.92 -28.62
N ALA B 230 -17.16 26.32 -28.75
CA ALA B 230 -15.91 26.96 -28.34
C ALA B 230 -14.91 26.84 -29.48
N PRO B 231 -14.16 27.91 -29.81
CA PRO B 231 -13.18 27.84 -30.90
C PRO B 231 -12.22 26.67 -30.66
N LYS B 232 -12.12 25.77 -31.64
CA LYS B 232 -11.36 24.54 -31.46
C LYS B 232 -9.90 24.82 -31.78
N VAL B 233 -9.01 24.22 -30.98
CA VAL B 233 -7.63 24.10 -31.41
C VAL B 233 -7.55 22.70 -32.03
N THR B 234 -7.01 22.66 -33.25
CA THR B 234 -6.99 21.47 -34.06
C THR B 234 -5.89 21.63 -35.10
N PHE B 235 -5.32 20.50 -35.54
CA PHE B 235 -4.27 20.55 -36.55
C PHE B 235 -4.85 20.78 -37.96
N ASN B 236 -6.19 20.93 -38.02
CA ASN B 236 -6.91 21.37 -39.22
C ASN B 236 -6.76 22.87 -39.43
N LYS B 237 -6.27 23.60 -38.41
CA LYS B 237 -5.84 24.98 -38.58
C LYS B 237 -4.32 24.98 -38.62
N PRO B 238 -3.68 26.08 -39.08
CA PRO B 238 -2.21 26.20 -39.11
C PRO B 238 -1.60 26.33 -37.71
N ILE B 239 -1.68 25.18 -37.01
CA ILE B 239 -1.22 24.97 -35.64
C ILE B 239 0.08 24.18 -35.74
N GLY B 240 1.13 24.67 -35.04
CA GLY B 240 2.39 23.96 -34.93
C GLY B 240 2.36 22.87 -33.85
N SER B 241 1.86 23.23 -32.67
CA SER B 241 1.98 22.39 -31.49
C SER B 241 1.02 22.83 -30.39
N VAL B 242 0.75 21.89 -29.46
CA VAL B 242 -0.11 22.12 -28.31
C VAL B 242 0.47 21.42 -27.08
N SER B 243 0.63 22.19 -26.00
CA SER B 243 1.02 21.67 -24.70
C SER B 243 -0.20 21.66 -23.77
N VAL B 244 -0.21 20.70 -22.83
CA VAL B 244 -1.28 20.53 -21.85
C VAL B 244 -0.72 19.80 -20.62
N SER B 245 -1.23 20.15 -19.43
CA SER B 245 -0.72 19.66 -18.14
C SER B 245 -1.61 18.57 -17.55
N GLY B 246 -0.95 17.46 -17.16
CA GLY B 246 -1.60 16.33 -16.49
C GLY B 246 -1.99 16.66 -15.05
N HIS B 247 -1.06 17.29 -14.34
CA HIS B 247 -1.23 17.53 -12.92
C HIS B 247 -2.28 18.61 -12.68
N LYS B 248 -2.66 19.31 -13.75
CA LYS B 248 -3.67 20.34 -13.65
C LYS B 248 -5.06 19.68 -13.63
N PHE B 249 -5.65 19.40 -14.80
CA PHE B 249 -7.03 18.93 -14.85
C PHE B 249 -7.15 17.46 -14.46
N VAL B 250 -6.29 16.60 -15.03
CA VAL B 250 -6.44 15.16 -14.85
C VAL B 250 -6.28 14.81 -13.36
N GLY B 251 -5.29 15.44 -12.72
CA GLY B 251 -4.92 15.10 -11.36
C GLY B 251 -3.85 14.01 -11.35
N CYS B 252 -2.64 14.38 -10.87
CA CYS B 252 -1.50 13.47 -10.75
C CYS B 252 -0.70 13.80 -9.50
N PRO B 253 -0.12 12.77 -8.84
CA PRO B 253 0.88 13.00 -7.79
C PRO B 253 2.21 13.65 -8.23
N MET B 254 2.62 13.39 -9.49
CA MET B 254 3.80 14.02 -10.09
C MET B 254 3.35 14.97 -11.19
N PRO B 255 4.07 16.09 -11.44
CA PRO B 255 3.79 16.94 -12.59
C PRO B 255 4.14 16.21 -13.88
N CYS B 256 3.41 16.57 -14.94
CA CYS B 256 3.58 15.98 -16.26
C CYS B 256 2.68 16.72 -17.24
N GLY B 257 2.89 16.46 -18.52
CA GLY B 257 2.01 16.99 -19.53
C GLY B 257 2.18 16.28 -20.87
N VAL B 258 1.59 16.89 -21.90
CA VAL B 258 1.61 16.27 -23.22
C VAL B 258 1.90 17.37 -24.21
N GLN B 259 3.00 17.22 -24.96
CA GLN B 259 3.33 18.08 -26.08
C GLN B 259 3.02 17.31 -27.36
N ILE B 260 2.24 17.96 -28.24
CA ILE B 260 1.90 17.35 -29.51
C ILE B 260 2.12 18.36 -30.63
N THR B 261 2.90 17.93 -31.63
CA THR B 261 3.26 18.71 -32.80
C THR B 261 3.06 17.84 -34.03
N ARG B 262 3.53 18.34 -35.19
CA ARG B 262 3.47 17.62 -36.45
C ARG B 262 4.79 16.88 -36.73
N MET B 263 4.70 15.71 -37.37
CA MET B 263 5.84 14.87 -37.74
C MET B 263 6.85 15.64 -38.59
N GLU B 264 6.33 16.40 -39.56
CA GLU B 264 7.15 17.20 -40.47
C GLU B 264 8.07 18.15 -39.69
N HIS B 265 7.53 18.76 -38.63
CA HIS B 265 8.27 19.74 -37.86
C HIS B 265 9.41 19.09 -37.09
N ILE B 266 9.27 17.80 -36.76
CA ILE B 266 10.21 17.15 -35.84
C ILE B 266 11.42 16.62 -36.61
N LYS B 267 11.26 16.34 -37.91
CA LYS B 267 12.38 15.95 -38.76
C LYS B 267 13.27 17.17 -39.04
N VAL B 268 12.65 18.36 -39.14
CA VAL B 268 13.34 19.63 -39.24
C VAL B 268 13.93 20.05 -37.88
N LEU B 269 13.79 19.20 -36.84
CA LEU B 269 14.47 19.44 -35.58
C LEU B 269 15.73 18.58 -35.49
N SER B 270 15.86 17.57 -36.39
CA SER B 270 16.98 16.64 -36.40
C SER B 270 18.26 17.29 -35.85
N ASP B 280 16.86 12.40 -31.33
CA ASP B 280 16.22 12.69 -30.02
C ASP B 280 15.69 14.13 -30.00
N ALA B 281 14.36 14.26 -29.95
CA ALA B 281 13.64 15.51 -30.11
C ALA B 281 12.92 15.96 -28.82
N THR B 282 13.21 15.32 -27.68
CA THR B 282 12.64 15.72 -26.39
C THR B 282 13.62 16.69 -25.73
N ILE B 283 13.13 17.69 -24.95
CA ILE B 283 14.04 18.56 -24.20
C ILE B 283 14.81 17.68 -23.19
N MET B 284 14.10 16.85 -22.42
CA MET B 284 14.71 16.08 -21.35
C MET B 284 15.08 14.68 -21.86
N GLY B 285 15.88 13.95 -21.07
CA GLY B 285 16.44 12.66 -21.47
C GLY B 285 15.77 11.46 -20.78
N SER B 286 16.05 11.27 -19.48
CA SER B 286 15.26 10.37 -18.66
C SER B 286 13.90 11.01 -18.45
N ARG B 287 12.85 10.20 -18.54
CA ARG B 287 11.48 10.69 -18.44
C ARG B 287 10.65 9.74 -17.58
N ASN B 288 9.88 10.32 -16.64
CA ASN B 288 9.27 9.53 -15.60
C ASN B 288 8.25 8.61 -16.24
N GLY B 289 8.52 7.30 -16.23
CA GLY B 289 7.65 6.34 -16.90
C GLY B 289 6.36 6.05 -16.14
N HIS B 290 6.20 6.65 -14.94
CA HIS B 290 4.97 6.48 -14.19
C HIS B 290 3.91 7.43 -14.73
N ALA B 291 4.33 8.58 -15.26
CA ALA B 291 3.35 9.58 -15.67
C ALA B 291 2.44 8.99 -16.74
N PRO B 292 2.99 8.31 -17.77
CA PRO B 292 2.16 7.67 -18.79
C PRO B 292 1.10 6.72 -18.21
N LEU B 293 1.44 6.00 -17.13
CA LEU B 293 0.52 5.04 -16.52
C LEU B 293 -0.65 5.79 -15.89
N PHE B 294 -0.32 6.89 -15.24
CA PHE B 294 -1.33 7.65 -14.52
C PHE B 294 -2.30 8.20 -15.57
N LEU B 295 -1.76 8.84 -16.61
CA LEU B 295 -2.59 9.41 -17.66
C LEU B 295 -3.38 8.30 -18.35
N TRP B 296 -2.71 7.19 -18.72
CA TRP B 296 -3.38 6.07 -19.37
C TRP B 296 -4.58 5.60 -18.56
N TYR B 297 -4.38 5.43 -17.24
CA TYR B 297 -5.42 4.92 -16.36
C TYR B 297 -6.64 5.86 -16.32
N THR B 298 -6.41 7.18 -16.20
CA THR B 298 -7.51 8.12 -16.01
C THR B 298 -8.31 8.32 -17.29
N LEU B 299 -7.60 8.53 -18.43
CA LEU B 299 -8.22 8.69 -19.74
C LEU B 299 -9.11 7.50 -20.02
N ASN B 300 -8.56 6.29 -19.84
CA ASN B 300 -9.30 5.05 -20.05
C ASN B 300 -10.53 5.01 -19.16
N ARG B 301 -10.43 5.55 -17.93
CA ARG B 301 -11.47 5.35 -16.93
C ARG B 301 -12.60 6.35 -17.18
N LYS B 302 -12.29 7.53 -17.72
CA LYS B 302 -13.23 8.63 -17.75
C LYS B 302 -13.70 8.94 -19.17
N GLY B 303 -12.75 9.02 -20.13
CA GLY B 303 -13.09 9.21 -21.53
C GLY B 303 -13.54 10.63 -21.82
N TYR B 304 -13.92 10.89 -23.09
CA TYR B 304 -14.40 12.19 -23.53
C TYR B 304 -15.64 12.53 -22.68
N LYS B 305 -16.42 11.48 -22.38
CA LYS B 305 -17.65 11.61 -21.63
C LYS B 305 -17.37 12.18 -20.24
N GLY B 306 -16.52 11.47 -19.47
CA GLY B 306 -16.19 11.85 -18.10
C GLY B 306 -15.59 13.25 -18.03
N PHE B 307 -14.71 13.59 -19.00
CA PHE B 307 -14.10 14.90 -19.04
C PHE B 307 -15.18 15.95 -19.26
N GLN B 308 -16.16 15.64 -20.13
CA GLN B 308 -17.25 16.55 -20.39
C GLN B 308 -17.97 16.91 -19.08
N LYS B 309 -18.35 15.89 -18.29
CA LYS B 309 -19.07 16.12 -17.05
C LYS B 309 -18.30 17.12 -16.19
N GLU B 310 -17.01 16.82 -15.99
CA GLU B 310 -16.19 17.52 -15.03
C GLU B 310 -15.98 18.97 -15.45
N VAL B 311 -15.80 19.20 -16.76
CA VAL B 311 -15.61 20.55 -17.29
C VAL B 311 -16.88 21.38 -17.01
N GLN B 312 -18.04 20.79 -17.35
CA GLN B 312 -19.32 21.47 -17.15
C GLN B 312 -19.51 21.82 -15.68
N LYS B 313 -19.10 20.91 -14.79
CA LYS B 313 -19.20 21.13 -13.37
C LYS B 313 -18.27 22.27 -12.92
N CYS B 314 -17.04 22.31 -13.45
CA CYS B 314 -16.09 23.34 -13.05
C CYS B 314 -16.58 24.72 -13.48
N LEU B 315 -17.27 24.79 -14.62
CA LEU B 315 -17.84 26.04 -15.09
C LEU B 315 -18.99 26.44 -14.16
N ARG B 316 -19.90 25.49 -13.94
CA ARG B 316 -21.03 25.76 -13.07
C ARG B 316 -20.55 26.30 -11.72
N ASN B 317 -19.55 25.64 -11.13
CA ASN B 317 -19.06 25.97 -9.80
C ASN B 317 -18.26 27.28 -9.82
N ALA B 318 -17.57 27.57 -10.92
CA ALA B 318 -16.92 28.87 -11.05
C ALA B 318 -18.00 29.95 -11.06
N HIS B 319 -19.05 29.76 -11.87
CA HIS B 319 -20.17 30.70 -11.94
C HIS B 319 -20.86 30.85 -10.59
N TYR B 320 -20.97 29.76 -9.84
CA TYR B 320 -21.47 29.81 -8.47
C TYR B 320 -20.62 30.78 -7.64
N LEU B 321 -19.31 30.58 -7.66
CA LEU B 321 -18.41 31.37 -6.83
C LEU B 321 -18.50 32.86 -7.19
N LYS B 322 -18.57 33.16 -8.50
CA LYS B 322 -18.64 34.53 -8.96
C LYS B 322 -19.94 35.18 -8.44
N ASP B 323 -21.09 34.56 -8.75
CA ASP B 323 -22.39 35.01 -8.27
C ASP B 323 -22.30 35.37 -6.79
N ARG B 324 -21.82 34.42 -5.99
CA ARG B 324 -21.86 34.52 -4.54
C ARG B 324 -20.97 35.67 -4.05
N LEU B 325 -19.87 35.92 -4.76
CA LEU B 325 -19.00 37.03 -4.42
C LEU B 325 -19.72 38.36 -4.66
N ARG B 326 -20.50 38.45 -5.74
CA ARG B 326 -21.18 39.69 -6.08
C ARG B 326 -22.28 39.99 -5.06
N GLU B 327 -23.11 38.98 -4.75
CA GLU B 327 -24.13 39.05 -3.71
C GLU B 327 -23.54 39.56 -2.39
N ALA B 328 -22.34 39.09 -2.04
CA ALA B 328 -21.67 39.53 -0.81
C ALA B 328 -21.11 40.95 -0.94
N GLY B 329 -21.18 41.56 -2.14
CA GLY B 329 -20.73 42.93 -2.35
C GLY B 329 -19.33 43.01 -2.97
N ILE B 330 -18.67 41.85 -3.12
CA ILE B 330 -17.27 41.75 -3.51
C ILE B 330 -17.17 41.70 -5.04
N SER B 331 -16.33 42.56 -5.62
CA SER B 331 -16.19 42.57 -7.08
C SER B 331 -15.30 41.42 -7.54
N ALA B 332 -15.76 40.81 -8.64
CA ALA B 332 -15.19 39.60 -9.19
C ALA B 332 -15.47 39.55 -10.69
N MET B 333 -14.68 38.76 -11.42
CA MET B 333 -14.84 38.55 -12.84
C MET B 333 -14.66 37.08 -13.17
N LEU B 334 -15.37 36.61 -14.21
CA LEU B 334 -15.13 35.28 -14.76
C LEU B 334 -15.31 35.30 -16.28
N ASN B 335 -14.21 35.33 -17.03
CA ASN B 335 -14.25 35.21 -18.49
C ASN B 335 -15.08 33.99 -18.89
N GLU B 336 -15.63 34.04 -20.09
CA GLU B 336 -16.15 32.85 -20.75
C GLU B 336 -14.93 32.00 -21.07
N LEU B 337 -15.14 30.69 -21.17
CA LEU B 337 -14.05 29.78 -21.45
C LEU B 337 -13.02 29.82 -20.30
N SER B 338 -13.51 29.82 -19.06
CA SER B 338 -12.64 29.90 -17.89
C SER B 338 -13.33 29.30 -16.67
N SER B 339 -12.56 28.53 -15.87
CA SER B 339 -13.00 28.10 -14.55
C SER B 339 -12.31 28.90 -13.45
N THR B 340 -11.76 30.08 -13.77
CA THR B 340 -10.97 30.82 -12.81
C THR B 340 -11.55 32.23 -12.56
N VAL B 341 -11.84 32.43 -11.28
CA VAL B 341 -12.58 33.54 -10.79
C VAL B 341 -11.61 34.53 -10.16
N VAL B 342 -11.61 35.74 -10.70
CA VAL B 342 -10.73 36.80 -10.25
C VAL B 342 -11.57 37.79 -9.45
N PHE B 343 -11.21 37.95 -8.17
CA PHE B 343 -11.95 38.81 -7.26
C PHE B 343 -10.95 39.64 -6.46
N GLU B 344 -11.45 40.52 -5.59
CA GLU B 344 -10.58 41.47 -4.91
C GLU B 344 -9.76 40.74 -3.84
N ARG B 345 -8.45 40.99 -3.88
CA ARG B 345 -7.47 40.34 -3.02
C ARG B 345 -7.84 40.51 -1.56
N PRO B 346 -7.95 39.42 -0.77
CA PRO B 346 -8.00 39.51 0.68
C PRO B 346 -6.91 40.41 1.27
N LYS B 347 -7.29 41.25 2.25
CA LYS B 347 -6.41 42.28 2.79
C LYS B 347 -5.31 41.66 3.64
N ASP B 348 -5.71 40.93 4.69
CA ASP B 348 -4.77 40.24 5.59
C ASP B 348 -4.35 38.97 4.88
N GLU B 349 -3.09 38.95 4.42
CA GLU B 349 -2.70 37.93 3.47
C GLU B 349 -2.07 36.76 4.23
N GLU B 350 -2.55 36.55 5.46
CA GLU B 350 -2.43 35.24 6.09
C GLU B 350 -3.66 34.43 5.71
N PHE B 351 -4.79 35.10 5.48
CA PHE B 351 -5.99 34.49 4.93
C PHE B 351 -5.67 33.93 3.53
N VAL B 352 -4.75 34.61 2.84
CA VAL B 352 -4.29 34.18 1.53
C VAL B 352 -3.51 32.87 1.67
N ARG B 353 -2.68 32.75 2.71
CA ARG B 353 -1.84 31.58 2.85
C ARG B 353 -2.66 30.39 3.30
N ARG B 354 -3.67 30.60 4.15
CA ARG B 354 -4.51 29.51 4.63
C ARG B 354 -5.27 28.90 3.44
N TRP B 355 -5.73 29.76 2.52
CA TRP B 355 -6.52 29.34 1.38
C TRP B 355 -5.65 29.14 0.13
N GLN B 356 -4.34 29.38 0.27
CA GLN B 356 -3.38 29.10 -0.78
C GLN B 356 -3.83 29.77 -2.08
N LEU B 357 -4.24 31.04 -1.94
CA LEU B 357 -4.72 31.85 -3.06
C LEU B 357 -3.53 32.42 -3.84
N ALA B 358 -3.77 32.66 -5.13
CA ALA B 358 -2.78 33.28 -6.00
C ALA B 358 -3.13 34.74 -6.17
N CYS B 359 -2.14 35.62 -5.97
CA CYS B 359 -2.39 37.05 -5.85
C CYS B 359 -1.42 37.85 -6.71
N GLN B 360 -1.85 39.06 -7.10
CA GLN B 360 -1.09 39.95 -7.95
C GLN B 360 -1.79 41.31 -7.92
N GLY B 361 -1.01 42.38 -7.68
CA GLY B 361 -1.60 43.70 -7.43
C GLY B 361 -2.66 43.56 -6.34
N ASP B 362 -3.81 44.21 -6.51
CA ASP B 362 -4.90 43.96 -5.58
C ASP B 362 -5.96 43.11 -6.26
N ILE B 363 -5.52 41.94 -6.71
CA ILE B 363 -6.43 40.92 -7.20
C ILE B 363 -5.96 39.54 -6.72
N ALA B 364 -6.88 38.59 -6.61
CA ALA B 364 -6.55 37.20 -6.33
C ALA B 364 -7.49 36.31 -7.14
N HIS B 365 -7.11 35.04 -7.34
CA HIS B 365 -7.97 34.14 -8.08
C HIS B 365 -8.12 32.77 -7.43
N VAL B 366 -9.29 32.18 -7.71
CA VAL B 366 -9.63 30.81 -7.39
C VAL B 366 -9.85 30.06 -8.71
N VAL B 367 -9.04 29.02 -8.91
CA VAL B 367 -9.14 28.15 -10.07
C VAL B 367 -10.01 26.96 -9.67
N VAL B 368 -11.19 26.86 -10.28
CA VAL B 368 -12.15 25.84 -9.94
C VAL B 368 -11.83 24.59 -10.75
N MET B 369 -11.17 23.64 -10.07
CA MET B 369 -10.84 22.36 -10.67
C MET B 369 -11.91 21.34 -10.28
N PRO B 370 -11.87 20.08 -10.81
CA PRO B 370 -12.75 19.02 -10.32
C PRO B 370 -12.81 18.81 -8.81
N SER B 371 -11.66 18.87 -8.13
CA SER B 371 -11.60 18.66 -6.69
C SER B 371 -12.28 19.80 -5.92
N VAL B 372 -12.45 20.99 -6.54
CA VAL B 372 -13.08 22.11 -5.88
C VAL B 372 -14.60 21.92 -5.94
N THR B 373 -15.17 21.84 -4.73
CA THR B 373 -16.51 21.36 -4.50
C THR B 373 -17.34 22.50 -3.87
N ILE B 374 -18.66 22.49 -4.08
CA ILE B 374 -19.51 23.58 -3.59
C ILE B 374 -19.37 23.73 -2.07
N GLU B 375 -19.36 22.60 -1.35
CA GLU B 375 -19.13 22.61 0.09
C GLU B 375 -17.89 23.43 0.43
N LYS B 376 -16.80 23.22 -0.32
CA LYS B 376 -15.50 23.83 -0.06
C LYS B 376 -15.52 25.31 -0.42
N LEU B 377 -16.32 25.66 -1.43
CA LEU B 377 -16.49 27.05 -1.84
C LEU B 377 -17.30 27.81 -0.77
N ASP B 378 -18.38 27.18 -0.32
CA ASP B 378 -19.21 27.73 0.75
C ASP B 378 -18.37 28.00 2.00
N ASN B 379 -17.45 27.07 2.33
CA ASN B 379 -16.58 27.22 3.50
C ASN B 379 -15.69 28.45 3.34
N PHE B 380 -15.07 28.57 2.14
CA PHE B 380 -14.25 29.72 1.78
C PHE B 380 -15.02 31.05 1.92
N LEU B 381 -16.26 31.09 1.39
CA LEU B 381 -17.08 32.29 1.36
C LEU B 381 -17.45 32.80 2.77
N LYS B 382 -17.87 31.87 3.66
CA LYS B 382 -18.15 32.21 5.04
C LYS B 382 -16.91 32.87 5.65
N ASP B 383 -15.76 32.20 5.47
CA ASP B 383 -14.56 32.63 6.17
C ASP B 383 -14.04 33.94 5.57
N LEU B 384 -14.38 34.23 4.30
CA LEU B 384 -13.99 35.46 3.65
C LEU B 384 -14.81 36.61 4.24
N VAL B 385 -16.14 36.50 4.11
CA VAL B 385 -17.09 37.49 4.61
C VAL B 385 -16.77 37.85 6.07
N LYS B 386 -16.58 36.82 6.90
CA LYS B 386 -16.24 36.98 8.31
C LYS B 386 -14.98 37.83 8.49
N HIS B 387 -13.92 37.54 7.73
CA HIS B 387 -12.66 38.26 7.86
C HIS B 387 -12.71 39.63 7.16
N ARG B 388 -13.63 39.81 6.21
CA ARG B 388 -13.85 41.09 5.57
C ARG B 388 -14.30 42.15 6.58
N LEU B 389 -15.31 41.78 7.38
CA LEU B 389 -15.83 42.65 8.44
C LEU B 389 -14.68 43.18 9.29
N ILE B 390 -13.77 42.27 9.70
CA ILE B 390 -12.64 42.61 10.56
C ILE B 390 -11.68 43.54 9.82
N TRP B 391 -11.38 43.25 8.54
CA TRP B 391 -10.41 44.04 7.78
C TRP B 391 -10.89 45.47 7.59
N TYR B 392 -12.22 45.67 7.52
CA TYR B 392 -12.78 46.90 6.99
C TYR B 392 -13.72 47.58 8.00
N GLU B 393 -13.62 47.20 9.29
CA GLU B 393 -14.44 47.82 10.32
C GLU B 393 -13.91 49.22 10.64
N ASP B 394 -12.67 49.55 10.26
CA ASP B 394 -12.10 50.86 10.59
C ASP B 394 -12.63 51.93 9.63
N GLY B 395 -13.65 51.60 8.82
CA GLY B 395 -14.16 52.50 7.80
C GLY B 395 -13.27 52.53 6.56
N SER B 396 -12.15 51.78 6.60
CA SER B 396 -11.29 51.52 5.44
C SER B 396 -12.08 50.76 4.37
N GLN B 397 -11.86 51.06 3.08
CA GLN B 397 -12.68 50.49 2.02
C GLN B 397 -11.85 49.53 1.15
N PRO B 398 -12.47 48.58 0.43
CA PRO B 398 -11.71 47.68 -0.47
C PRO B 398 -11.22 48.43 -1.71
N PRO B 399 -10.23 47.88 -2.45
CA PRO B 399 -9.71 48.58 -3.63
C PRO B 399 -10.69 48.58 -4.80
N CYS B 400 -10.36 49.34 -5.85
CA CYS B 400 -11.35 49.67 -6.86
C CYS B 400 -11.41 48.65 -8.01
N LEU B 401 -10.32 47.96 -8.35
CA LEU B 401 -10.40 46.73 -9.14
C LEU B 401 -10.71 46.95 -10.63
N ALA B 402 -11.14 48.15 -11.04
CA ALA B 402 -11.56 48.40 -12.42
C ALA B 402 -10.34 48.46 -13.36
N SER B 403 -9.23 48.99 -12.83
CA SER B 403 -7.91 48.88 -13.45
C SER B 403 -7.66 47.46 -13.92
N GLU B 404 -7.92 46.50 -13.03
CA GLU B 404 -7.43 45.14 -13.21
C GLU B 404 -8.43 44.31 -14.02
N VAL B 405 -9.72 44.65 -13.95
CA VAL B 405 -10.75 43.70 -14.31
C VAL B 405 -11.81 44.29 -15.24
N GLY B 406 -11.83 45.63 -15.39
CA GLY B 406 -12.81 46.35 -16.20
C GLY B 406 -13.91 46.98 -15.36
N THR B 407 -14.38 48.18 -15.75
CA THR B 407 -15.44 48.89 -15.01
C THR B 407 -16.74 48.08 -15.03
N ASN B 408 -16.98 47.34 -16.11
CA ASN B 408 -18.18 46.52 -16.26
C ASN B 408 -18.23 45.39 -15.25
N ASN B 409 -17.12 45.13 -14.53
CA ASN B 409 -17.00 44.03 -13.59
C ASN B 409 -16.80 44.52 -12.15
N CYS B 410 -16.60 45.83 -11.96
CA CYS B 410 -16.31 46.37 -10.65
C CYS B 410 -17.57 46.87 -9.96
N ILE B 411 -17.59 46.78 -8.61
CA ILE B 411 -18.76 47.06 -7.79
C ILE B 411 -18.45 48.14 -6.74
N CYS B 412 -17.18 48.58 -6.62
CA CYS B 412 -16.84 49.59 -5.62
C CYS B 412 -17.81 50.77 -5.74
N PRO B 413 -17.94 51.64 -4.70
CA PRO B 413 -18.93 52.72 -4.70
C PRO B 413 -19.05 53.48 -6.03
N ALA B 414 -17.89 53.84 -6.61
CA ALA B 414 -17.82 54.61 -7.85
C ALA B 414 -18.38 53.84 -9.05
N HIS B 415 -18.46 52.50 -8.95
CA HIS B 415 -18.72 51.70 -10.14
C HIS B 415 -20.02 50.89 -10.09
N LYS B 416 -20.77 50.88 -8.98
CA LYS B 416 -22.00 50.11 -8.97
C LYS B 416 -23.11 50.88 -9.70
N THR C 1 4.11 -1.83 -30.16
CA THR C 1 2.79 -2.06 -29.53
C THR C 1 2.21 -0.70 -29.18
N SER C 2 0.98 -0.75 -28.67
CA SER C 2 0.32 0.35 -28.01
C SER C 2 -0.80 -0.24 -27.15
N LEU C 3 -1.18 0.47 -26.07
CA LEU C 3 -2.36 0.12 -25.30
C LEU C 3 -3.38 1.24 -25.48
N ALA C 4 -4.36 0.98 -26.35
CA ALA C 4 -5.25 2.04 -26.78
C ALA C 4 -5.94 2.63 -25.55
N VAL C 5 -6.41 3.87 -25.71
CA VAL C 5 -7.32 4.45 -24.75
C VAL C 5 -8.68 4.50 -25.45
N THR C 6 -9.59 3.62 -25.03
CA THR C 6 -10.89 3.52 -25.66
C THR C 6 -11.92 4.07 -24.67
N GLU C 7 -13.00 4.63 -25.23
CA GLU C 7 -14.07 5.18 -24.41
C GLU C 7 -14.70 4.01 -23.65
N PRO C 8 -15.14 4.20 -22.39
CA PRO C 8 -15.89 3.14 -21.70
C PRO C 8 -17.23 3.01 -22.40
N GLU C 9 -17.80 1.80 -22.32
CA GLU C 9 -19.14 1.52 -22.80
C GLU C 9 -20.12 2.43 -22.05
N VAL C 10 -21.36 2.56 -22.55
CA VAL C 10 -22.40 3.30 -21.87
C VAL C 10 -22.78 2.57 -20.58
N ASN C 11 -22.54 1.26 -20.57
CA ASN C 11 -22.88 0.33 -19.50
C ASN C 11 -21.92 0.37 -18.30
N ASP C 12 -20.84 1.16 -18.36
CA ASP C 12 -19.62 0.81 -17.63
C ASP C 12 -19.80 0.91 -16.11
N GLU C 13 -20.60 1.89 -15.66
CA GLU C 13 -20.86 2.09 -14.24
C GLU C 13 -21.51 0.87 -13.61
N PHE C 14 -22.29 0.11 -14.39
CA PHE C 14 -22.93 -1.12 -13.91
C PHE C 14 -21.89 -2.25 -13.90
N THR C 15 -21.16 -2.45 -15.02
CA THR C 15 -20.45 -3.69 -15.32
C THR C 15 -19.01 -3.72 -14.81
N GLY C 16 -18.39 -2.52 -14.71
CA GLY C 16 -17.00 -2.37 -14.29
C GLY C 16 -16.00 -3.07 -15.20
N ASP C 17 -16.26 -3.10 -16.52
CA ASP C 17 -15.51 -3.94 -17.44
C ASP C 17 -14.15 -3.28 -17.74
N LYS C 18 -14.14 -1.94 -17.71
CA LYS C 18 -12.92 -1.21 -17.91
C LYS C 18 -11.91 -1.52 -16.81
N GLU C 19 -12.29 -1.27 -15.54
CA GLU C 19 -11.39 -1.48 -14.40
C GLU C 19 -10.91 -2.93 -14.41
N ALA C 20 -11.80 -3.84 -14.82
CA ALA C 20 -11.41 -5.24 -14.90
C ALA C 20 -10.39 -5.48 -16.02
N TYR C 21 -10.63 -4.88 -17.23
CA TYR C 21 -9.69 -5.08 -18.33
C TYR C 21 -8.32 -4.57 -17.86
N MET C 22 -8.31 -3.35 -17.32
CA MET C 22 -7.11 -2.62 -16.95
C MET C 22 -6.31 -3.37 -15.89
N ALA C 23 -7.01 -3.99 -14.93
CA ALA C 23 -6.38 -4.80 -13.90
C ALA C 23 -5.51 -5.91 -14.47
N SER C 24 -6.00 -6.57 -15.53
CA SER C 24 -5.24 -7.63 -16.21
C SER C 24 -4.03 -7.04 -16.91
N VAL C 25 -4.26 -5.91 -17.60
CA VAL C 25 -3.17 -5.26 -18.30
C VAL C 25 -2.05 -4.95 -17.29
N LEU C 26 -2.43 -4.28 -16.18
CA LEU C 26 -1.47 -3.89 -15.15
C LEU C 26 -0.80 -5.12 -14.53
N ALA C 27 -1.58 -6.18 -14.29
CA ALA C 27 -1.01 -7.41 -13.75
C ALA C 27 0.07 -7.97 -14.69
N ARG C 28 -0.32 -8.11 -15.97
CA ARG C 28 0.58 -8.61 -17.01
C ARG C 28 1.83 -7.72 -17.04
N TYR C 29 1.62 -6.39 -16.99
CA TYR C 29 2.70 -5.43 -17.10
C TYR C 29 3.72 -5.62 -15.96
N ARG C 30 3.18 -5.62 -14.73
CA ARG C 30 3.94 -5.77 -13.51
C ARG C 30 4.84 -7.00 -13.58
N LYS C 31 4.31 -8.11 -14.11
CA LYS C 31 5.07 -9.34 -14.17
C LYS C 31 6.30 -9.16 -15.05
N THR C 32 6.14 -8.41 -16.15
CA THR C 32 7.24 -8.25 -17.08
C THR C 32 8.26 -7.30 -16.44
N LEU C 33 7.77 -6.28 -15.73
CA LEU C 33 8.67 -5.37 -15.04
C LEU C 33 9.50 -6.11 -13.99
N VAL C 34 8.91 -7.09 -13.30
CA VAL C 34 9.60 -7.81 -12.25
C VAL C 34 10.80 -8.55 -12.84
N GLU C 35 10.62 -9.20 -14.01
CA GLU C 35 11.70 -10.01 -14.55
C GLU C 35 12.75 -9.08 -15.19
N ARG C 36 12.30 -7.99 -15.84
CA ARG C 36 13.22 -7.04 -16.48
C ARG C 36 14.14 -6.43 -15.41
N THR C 37 13.55 -6.11 -14.26
CA THR C 37 14.28 -5.58 -13.12
C THR C 37 15.32 -6.61 -12.66
N LYS C 38 14.85 -7.86 -12.46
CA LYS C 38 15.69 -8.97 -12.02
C LYS C 38 16.96 -9.06 -12.87
N ASN C 39 16.80 -8.96 -14.21
CA ASN C 39 17.86 -9.32 -15.13
C ASN C 39 18.50 -8.10 -15.79
N HIS C 40 18.51 -6.95 -15.09
CA HIS C 40 19.06 -5.73 -15.68
C HIS C 40 20.53 -5.54 -15.26
N LEU C 41 21.40 -5.15 -16.22
CA LEU C 41 22.82 -4.89 -15.97
C LEU C 41 23.37 -3.63 -16.68
N GLY C 42 22.85 -3.30 -17.88
CA GLY C 42 23.50 -2.37 -18.79
C GLY C 42 23.54 -0.89 -18.37
N TYR C 43 22.53 -0.44 -17.61
CA TYR C 43 22.29 0.99 -17.37
C TYR C 43 22.61 1.39 -15.93
N PRO C 44 22.90 2.69 -15.70
CA PRO C 44 23.43 3.17 -14.42
C PRO C 44 22.35 3.49 -13.39
N TYR C 45 21.37 2.59 -13.28
CA TYR C 45 20.27 2.80 -12.36
C TYR C 45 20.35 1.72 -11.27
N ASN C 46 20.41 2.20 -10.02
CA ASN C 46 20.25 1.39 -8.84
C ASN C 46 18.77 1.04 -8.68
N LEU C 47 18.48 -0.27 -8.74
CA LEU C 47 17.12 -0.79 -8.71
C LEU C 47 16.72 -1.24 -7.31
N ASP C 48 17.63 -1.05 -6.33
CA ASP C 48 17.49 -1.49 -4.96
C ASP C 48 17.07 -0.31 -4.08
N PHE C 49 15.76 -0.21 -3.81
CA PHE C 49 15.26 0.80 -2.89
C PHE C 49 13.94 0.32 -2.26
N ASP C 50 13.73 0.72 -0.99
CA ASP C 50 12.49 0.52 -0.25
C ASP C 50 12.04 1.86 0.33
N TYR C 51 11.00 2.44 -0.26
CA TYR C 51 10.37 3.66 0.22
C TYR C 51 8.96 3.34 0.71
N GLY C 52 8.81 2.16 1.33
CA GLY C 52 7.57 1.80 2.00
C GLY C 52 7.17 2.86 3.03
N ALA C 53 8.18 3.47 3.70
CA ALA C 53 7.97 4.48 4.73
C ALA C 53 7.25 5.72 4.19
N LEU C 54 7.29 5.93 2.86
CA LEU C 54 6.72 7.09 2.20
C LEU C 54 5.40 6.73 1.54
N GLY C 55 4.96 5.48 1.79
CA GLY C 55 3.73 4.92 1.25
C GLY C 55 2.53 5.84 1.44
N GLN C 56 2.45 6.51 2.59
CA GLN C 56 1.23 7.22 2.94
C GLN C 56 1.19 8.62 2.34
N LEU C 57 2.21 8.98 1.54
CA LEU C 57 2.33 10.33 1.01
C LEU C 57 2.12 10.36 -0.51
N GLN C 58 1.87 9.18 -1.07
CA GLN C 58 1.95 8.97 -2.50
C GLN C 58 0.70 9.51 -3.18
N HIS C 59 -0.32 9.94 -2.42
CA HIS C 59 -1.61 10.28 -2.98
C HIS C 59 -1.82 11.79 -3.07
N PHE C 60 -0.81 12.57 -2.68
CA PHE C 60 -0.89 14.01 -2.72
C PHE C 60 -0.12 14.52 -3.94
N SER C 61 -0.55 15.65 -4.53
CA SER C 61 0.24 16.22 -5.61
C SER C 61 1.13 17.31 -5.03
N ILE C 62 2.32 16.83 -4.64
CA ILE C 62 3.37 17.64 -4.06
C ILE C 62 4.17 18.25 -5.20
N ASN C 63 4.35 19.57 -5.12
CA ASN C 63 4.89 20.38 -6.21
C ASN C 63 5.68 21.53 -5.61
N ASN C 64 7.00 21.48 -5.86
CA ASN C 64 7.90 22.53 -5.46
C ASN C 64 8.07 23.47 -6.64
N LEU C 65 7.17 24.45 -6.76
CA LEU C 65 7.28 25.49 -7.77
C LEU C 65 8.56 26.26 -7.54
N GLY C 66 9.28 26.53 -8.64
CA GLY C 66 10.40 27.45 -8.66
C GLY C 66 11.44 27.20 -7.56
N ASP C 67 11.86 28.31 -6.92
CA ASP C 67 13.02 28.34 -6.06
C ASP C 67 12.73 27.52 -4.80
N PRO C 68 13.62 26.55 -4.45
CA PRO C 68 13.52 25.83 -3.17
C PRO C 68 13.49 26.75 -1.95
N PHE C 69 14.02 27.96 -2.09
CA PHE C 69 14.29 28.83 -0.95
C PHE C 69 13.19 29.88 -0.83
N ILE C 70 12.61 30.34 -1.95
CA ILE C 70 11.49 31.26 -1.92
C ILE C 70 10.23 30.47 -1.57
N GLU C 71 9.34 31.07 -0.76
CA GLU C 71 8.06 30.47 -0.41
C GLU C 71 7.03 30.87 -1.46
N SER C 72 6.04 30.00 -1.62
CA SER C 72 4.96 30.16 -2.60
C SER C 72 3.68 29.79 -1.87
N ASN C 73 2.54 30.25 -2.41
CA ASN C 73 1.27 30.17 -1.69
C ASN C 73 0.65 28.78 -1.78
N TYR C 74 1.10 27.97 -2.77
CA TYR C 74 0.68 26.57 -2.89
C TYR C 74 1.29 25.77 -1.73
N GLY C 75 0.41 25.13 -0.94
CA GLY C 75 0.81 24.58 0.34
C GLY C 75 1.24 23.12 0.26
N VAL C 76 0.98 22.44 -0.85
CA VAL C 76 1.29 21.02 -0.98
C VAL C 76 2.70 20.86 -1.59
N HIS C 77 3.73 20.99 -0.75
CA HIS C 77 5.10 21.00 -1.22
C HIS C 77 6.00 20.38 -0.18
N SER C 78 7.29 20.28 -0.50
CA SER C 78 8.24 19.58 0.36
C SER C 78 9.57 20.34 0.46
N ARG C 79 9.50 21.68 0.43
CA ARG C 79 10.68 22.52 0.38
C ARG C 79 11.62 22.21 1.55
N PRO C 80 11.13 22.06 2.81
CA PRO C 80 12.01 21.77 3.94
C PRO C 80 12.89 20.53 3.69
N PHE C 81 12.29 19.51 3.04
CA PHE C 81 13.00 18.30 2.68
C PHE C 81 14.01 18.61 1.58
N GLU C 82 13.60 19.43 0.60
CA GLU C 82 14.49 19.74 -0.51
C GLU C 82 15.77 20.40 0.03
N VAL C 83 15.54 21.44 0.85
CA VAL C 83 16.61 22.24 1.41
C VAL C 83 17.55 21.36 2.22
N GLY C 84 17.00 20.49 3.08
CA GLY C 84 17.83 19.58 3.82
C GLY C 84 18.72 18.75 2.90
N VAL C 85 18.19 18.39 1.72
CA VAL C 85 18.92 17.51 0.80
C VAL C 85 20.03 18.31 0.11
N LEU C 86 19.68 19.57 -0.20
CA LEU C 86 20.60 20.46 -0.88
C LEU C 86 21.76 20.79 0.04
N ASP C 87 21.44 21.14 1.29
CA ASP C 87 22.46 21.42 2.31
C ASP C 87 23.45 20.26 2.36
N TRP C 88 22.94 19.04 2.31
CA TRP C 88 23.78 17.85 2.41
C TRP C 88 24.73 17.80 1.23
N PHE C 89 24.21 18.13 0.04
CA PHE C 89 25.03 18.08 -1.18
C PHE C 89 26.04 19.22 -1.21
N ALA C 90 25.64 20.39 -0.70
CA ALA C 90 26.54 21.51 -0.51
C ALA C 90 27.70 21.12 0.41
N ARG C 91 27.39 20.59 1.61
CA ARG C 91 28.42 20.14 2.55
C ARG C 91 29.34 19.13 1.85
N LEU C 92 28.78 18.20 1.07
CA LEU C 92 29.57 17.18 0.38
C LEU C 92 30.61 17.83 -0.52
N TRP C 93 30.26 18.90 -1.22
CA TRP C 93 31.21 19.56 -2.11
C TRP C 93 31.72 20.87 -1.51
N GLU C 94 31.74 20.98 -0.18
CA GLU C 94 32.51 21.98 0.55
C GLU C 94 32.11 23.38 0.10
N ILE C 95 30.80 23.64 0.17
CA ILE C 95 30.31 24.99 -0.03
C ILE C 95 29.26 25.27 1.05
N GLU C 96 29.34 26.47 1.61
CA GLU C 96 28.61 26.81 2.83
C GLU C 96 27.15 27.10 2.47
N ARG C 97 26.26 26.97 3.45
CA ARG C 97 24.83 27.19 3.23
C ARG C 97 24.60 28.51 2.49
N ASP C 98 25.34 29.55 2.87
CA ASP C 98 25.03 30.93 2.44
C ASP C 98 25.62 31.23 1.06
N ASP C 99 26.59 30.43 0.59
CA ASP C 99 27.29 30.69 -0.67
C ASP C 99 26.63 29.98 -1.86
N TYR C 100 25.98 28.83 -1.63
CA TYR C 100 25.51 28.00 -2.73
C TYR C 100 24.06 28.30 -3.04
N TRP C 101 23.68 27.99 -4.28
CA TRP C 101 22.31 27.83 -4.70
C TRP C 101 22.18 26.55 -5.49
N GLY C 102 21.03 25.91 -5.40
CA GLY C 102 20.78 24.67 -6.12
C GLY C 102 19.31 24.26 -6.02
N TYR C 103 18.99 23.13 -6.65
CA TYR C 103 17.65 22.58 -6.65
C TYR C 103 17.67 21.14 -7.12
N ILE C 104 16.54 20.45 -6.92
CA ILE C 104 16.41 19.07 -7.34
C ILE C 104 15.79 19.01 -8.73
N THR C 105 16.58 18.43 -9.66
CA THR C 105 16.30 18.43 -11.09
C THR C 105 15.42 17.24 -11.45
N ASN C 106 14.87 17.23 -12.68
CA ASN C 106 14.11 16.12 -13.20
C ASN C 106 15.02 14.99 -13.67
N CYS C 107 16.27 15.31 -14.02
CA CYS C 107 17.16 14.29 -14.56
C CYS C 107 18.58 14.84 -14.70
N GLY C 108 19.46 14.01 -15.27
CA GLY C 108 20.82 14.41 -15.59
C GLY C 108 20.90 15.50 -16.67
N THR C 109 20.06 15.40 -17.70
CA THR C 109 20.17 16.38 -18.78
C THR C 109 19.82 17.75 -18.22
N GLU C 110 18.81 17.81 -17.33
CA GLU C 110 18.38 19.09 -16.81
C GLU C 110 19.55 19.77 -16.11
N GLY C 111 20.35 19.00 -15.37
CA GLY C 111 21.49 19.55 -14.67
C GLY C 111 22.51 20.17 -15.63
N ASN C 112 22.86 19.40 -16.68
CA ASN C 112 23.71 19.86 -17.75
C ASN C 112 23.10 21.12 -18.40
N LEU C 113 21.82 21.10 -18.73
CA LEU C 113 21.14 22.27 -19.26
C LEU C 113 21.28 23.48 -18.32
N HIS C 114 21.15 23.26 -17.01
CA HIS C 114 21.16 24.39 -16.08
C HIS C 114 22.58 24.95 -15.96
N GLY C 115 23.56 24.08 -15.67
CA GLY C 115 24.94 24.49 -15.44
C GLY C 115 25.55 25.20 -16.66
N ILE C 116 25.28 24.64 -17.84
CA ILE C 116 25.77 25.26 -19.06
C ILE C 116 25.09 26.61 -19.28
N LEU C 117 23.79 26.73 -18.98
CA LEU C 117 23.09 27.99 -19.13
C LEU C 117 23.73 29.02 -18.21
N VAL C 118 24.10 28.58 -17.00
CA VAL C 118 24.74 29.45 -16.04
C VAL C 118 26.07 29.96 -16.63
N GLY C 119 26.87 29.02 -17.12
CA GLY C 119 28.14 29.36 -17.74
C GLY C 119 27.94 30.44 -18.79
N ARG C 120 26.91 30.29 -19.64
CA ARG C 120 26.67 31.21 -20.74
C ARG C 120 26.34 32.61 -20.20
N GLU C 121 25.52 32.73 -19.15
CA GLU C 121 25.16 34.04 -18.66
C GLU C 121 26.36 34.69 -17.94
N MET C 122 27.29 33.86 -17.46
CA MET C 122 28.57 34.33 -16.95
C MET C 122 29.42 34.93 -18.07
N PHE C 123 29.55 34.17 -19.16
CA PHE C 123 30.42 34.53 -20.27
C PHE C 123 29.61 34.40 -21.55
N PRO C 124 28.73 35.39 -21.85
CA PRO C 124 27.90 35.36 -23.07
C PRO C 124 28.63 35.06 -24.38
N ASP C 125 29.95 35.32 -24.44
CA ASP C 125 30.76 35.11 -25.63
C ASP C 125 31.69 33.92 -25.45
N GLY C 126 31.62 33.24 -24.30
CA GLY C 126 32.33 31.99 -24.04
C GLY C 126 32.14 30.95 -25.14
N ILE C 127 33.19 30.16 -25.33
CA ILE C 127 33.11 28.91 -26.10
C ILE C 127 32.87 27.79 -25.09
N LEU C 128 31.99 26.84 -25.45
CA LEU C 128 31.84 25.62 -24.69
C LEU C 128 32.86 24.60 -25.19
N TYR C 129 33.76 24.15 -24.31
CA TYR C 129 34.68 23.05 -24.58
C TYR C 129 34.18 21.82 -23.81
N ALA C 130 34.13 20.67 -24.49
CA ALA C 130 33.68 19.41 -23.90
C ALA C 130 34.33 18.23 -24.60
N SER C 131 34.70 17.20 -23.85
CA SER C 131 35.12 15.91 -24.39
C SER C 131 34.18 15.43 -25.51
N ARG C 132 34.71 14.69 -26.49
CA ARG C 132 33.87 14.03 -27.48
C ARG C 132 32.96 12.98 -26.84
N GLU C 133 33.35 12.47 -25.67
CA GLU C 133 32.60 11.40 -25.02
C GLU C 133 31.70 11.93 -23.90
N SER C 134 31.53 13.26 -23.84
CA SER C 134 30.57 13.83 -22.92
C SER C 134 29.16 13.56 -23.45
N HIS C 135 28.15 13.64 -22.59
CA HIS C 135 26.81 13.17 -22.91
C HIS C 135 26.17 14.08 -23.96
N TYR C 136 25.23 13.52 -24.74
CA TYR C 136 24.67 14.28 -25.87
C TYR C 136 23.91 15.51 -25.36
N SER C 137 23.43 15.49 -24.10
CA SER C 137 22.77 16.67 -23.52
C SER C 137 23.68 17.90 -23.58
N VAL C 138 25.00 17.71 -23.43
CA VAL C 138 25.94 18.82 -23.45
C VAL C 138 25.89 19.55 -24.80
N PHE C 139 25.82 18.76 -25.88
CA PHE C 139 25.84 19.30 -27.23
C PHE C 139 24.45 19.86 -27.57
N LYS C 140 23.41 19.21 -27.05
CA LYS C 140 22.05 19.71 -27.23
C LYS C 140 21.92 21.08 -26.58
N ALA C 141 22.51 21.25 -25.38
CA ALA C 141 22.47 22.52 -24.70
C ALA C 141 23.10 23.60 -25.57
N ALA C 142 24.27 23.30 -26.17
CA ALA C 142 24.97 24.24 -27.05
C ALA C 142 24.03 24.70 -28.17
N ARG C 143 23.42 23.74 -28.87
CA ARG C 143 22.47 24.02 -29.92
C ARG C 143 21.27 24.82 -29.40
N MET C 144 20.66 24.36 -28.30
CA MET C 144 19.48 25.04 -27.77
C MET C 144 19.81 26.51 -27.44
N TYR C 145 20.96 26.73 -26.81
CA TYR C 145 21.35 28.02 -26.25
C TYR C 145 22.22 28.87 -27.20
N ARG C 146 22.43 28.36 -28.44
CA ARG C 146 23.14 29.09 -29.49
C ARG C 146 24.53 29.49 -29.00
N MET C 147 25.35 28.47 -28.75
CA MET C 147 26.68 28.66 -28.19
C MET C 147 27.66 27.93 -29.10
N GLU C 148 28.84 28.52 -29.26
CA GLU C 148 29.92 27.88 -29.99
C GLU C 148 30.43 26.73 -29.14
N CYS C 149 30.55 25.56 -29.75
CA CYS C 149 31.06 24.41 -29.02
C CYS C 149 32.27 23.83 -29.73
N GLU C 150 33.29 23.55 -28.94
CA GLU C 150 34.53 22.94 -29.36
C GLU C 150 34.65 21.55 -28.73
N LYS C 151 34.45 20.50 -29.54
CA LYS C 151 34.56 19.13 -29.05
C LYS C 151 36.01 18.71 -28.88
N VAL C 152 36.50 18.65 -27.64
CA VAL C 152 37.87 18.25 -27.34
C VAL C 152 38.02 16.74 -27.55
N ASP C 153 39.21 16.36 -28.00
CA ASP C 153 39.59 14.96 -28.18
C ASP C 153 39.75 14.26 -26.81
N THR C 154 39.86 12.92 -26.89
CA THR C 154 39.70 12.03 -25.76
C THR C 154 40.84 10.98 -25.79
N LEU C 155 41.32 10.54 -24.62
CA LEU C 155 42.21 9.38 -24.56
C LEU C 155 41.42 8.08 -24.78
N MET C 156 42.15 6.94 -24.84
CA MET C 156 41.55 5.60 -24.92
C MET C 156 40.55 5.37 -23.81
N SER C 157 40.89 5.87 -22.61
CA SER C 157 40.09 5.67 -21.42
C SER C 157 38.70 6.30 -21.60
N GLY C 158 38.60 7.36 -22.41
CA GLY C 158 37.40 8.16 -22.53
C GLY C 158 37.55 9.54 -21.87
N GLU C 159 38.64 9.74 -21.11
CA GLU C 159 38.99 11.05 -20.56
C GLU C 159 39.23 12.10 -21.63
N ILE C 160 38.97 13.36 -21.27
CA ILE C 160 39.41 14.50 -22.06
C ILE C 160 40.93 14.45 -22.16
N ASP C 161 41.43 14.65 -23.38
CA ASP C 161 42.84 14.82 -23.66
C ASP C 161 43.18 16.29 -23.40
N CYS C 162 43.84 16.57 -22.26
CA CYS C 162 44.11 17.96 -21.89
C CYS C 162 45.16 18.60 -22.79
N ASP C 163 45.93 17.81 -23.55
CA ASP C 163 46.85 18.38 -24.53
C ASP C 163 46.07 19.03 -25.67
N ASP C 164 45.06 18.32 -26.21
CA ASP C 164 44.16 18.88 -27.21
C ASP C 164 43.35 20.05 -26.64
N LEU C 165 43.05 20.03 -25.35
CA LEU C 165 42.40 21.19 -24.75
C LEU C 165 43.31 22.42 -24.86
N ARG C 166 44.63 22.27 -24.57
CA ARG C 166 45.58 23.37 -24.73
C ARG C 166 45.41 24.02 -26.10
N LYS C 167 45.58 23.18 -27.14
CA LYS C 167 45.51 23.62 -28.52
C LYS C 167 44.28 24.51 -28.71
N LYS C 168 43.13 23.95 -28.31
CA LYS C 168 41.82 24.58 -28.51
C LYS C 168 41.74 25.93 -27.78
N LEU C 169 42.10 25.93 -26.48
CA LEU C 169 42.10 27.14 -25.67
C LEU C 169 43.00 28.23 -26.27
N LEU C 170 44.28 27.89 -26.53
CA LEU C 170 45.26 28.81 -27.08
C LEU C 170 44.72 29.44 -28.38
N ALA C 171 44.09 28.62 -29.22
CA ALA C 171 43.53 29.11 -30.49
C ALA C 171 42.35 30.06 -30.24
N ASN C 172 41.87 30.18 -29.00
CA ASN C 172 40.71 31.01 -28.71
C ASN C 172 40.91 31.78 -27.40
N LYS C 173 42.12 32.34 -27.20
CA LYS C 173 42.42 33.18 -26.03
C LYS C 173 41.61 34.47 -26.05
N ASP C 174 41.21 34.88 -27.27
CA ASP C 174 40.29 35.97 -27.54
C ASP C 174 39.13 35.98 -26.53
N LYS C 175 38.45 34.84 -26.38
CA LYS C 175 37.15 34.75 -25.70
C LYS C 175 37.26 33.87 -24.45
N PRO C 176 36.33 34.01 -23.47
CA PRO C 176 36.33 33.17 -22.27
C PRO C 176 36.03 31.70 -22.59
N ALA C 177 36.10 30.86 -21.56
CA ALA C 177 35.98 29.41 -21.73
C ALA C 177 34.94 28.85 -20.75
N ILE C 178 33.97 28.11 -21.31
CA ILE C 178 32.98 27.37 -20.53
C ILE C 178 33.27 25.89 -20.75
N LEU C 179 33.56 25.15 -19.67
CA LEU C 179 33.92 23.74 -19.77
C LEU C 179 32.83 22.84 -19.19
N ASN C 180 32.64 21.70 -19.85
CA ASN C 180 31.90 20.56 -19.30
C ASN C 180 32.87 19.42 -19.01
N VAL C 181 33.01 19.15 -17.69
CA VAL C 181 33.91 18.15 -17.15
C VAL C 181 33.09 16.92 -16.73
N ASN C 182 33.45 15.75 -17.26
CA ASN C 182 32.71 14.53 -17.05
C ASN C 182 33.24 13.77 -15.84
N ILE C 183 32.44 13.69 -14.78
CA ILE C 183 32.72 12.77 -13.68
C ILE C 183 31.96 11.48 -13.97
N GLY C 184 32.57 10.66 -14.84
CA GLY C 184 31.98 9.41 -15.28
C GLY C 184 31.27 9.60 -16.59
N THR C 185 31.92 9.18 -17.68
CA THR C 185 31.33 9.25 -19.01
C THR C 185 30.36 8.09 -19.22
N THR C 186 29.28 8.39 -19.94
CA THR C 186 28.25 7.43 -20.30
C THR C 186 28.81 6.07 -20.72
N VAL C 187 29.81 6.07 -21.62
CA VAL C 187 30.18 4.86 -22.34
C VAL C 187 31.28 4.10 -21.61
N LYS C 188 32.37 4.77 -21.21
CA LYS C 188 33.51 4.02 -20.69
C LYS C 188 33.68 4.23 -19.19
N GLY C 189 32.80 5.05 -18.59
CA GLY C 189 32.98 5.43 -17.21
C GLY C 189 34.34 6.08 -16.96
N ALA C 190 34.77 6.99 -17.87
CA ALA C 190 35.97 7.80 -17.67
C ALA C 190 35.68 8.97 -16.73
N VAL C 191 36.70 9.39 -15.97
CA VAL C 191 36.68 10.63 -15.21
C VAL C 191 37.68 11.64 -15.78
N ASP C 192 37.15 12.70 -16.39
CA ASP C 192 37.96 13.85 -16.78
C ASP C 192 38.76 14.27 -15.54
N ASP C 193 40.07 14.49 -15.74
CA ASP C 193 40.95 15.02 -14.71
C ASP C 193 40.65 16.49 -14.50
N LEU C 194 39.84 16.80 -13.48
CA LEU C 194 39.44 18.17 -13.23
C LEU C 194 40.68 19.03 -12.99
N ASP C 195 41.62 18.55 -12.20
CA ASP C 195 42.77 19.35 -11.79
C ASP C 195 43.63 19.73 -12.99
N LEU C 196 43.86 18.78 -13.88
CA LEU C 196 44.69 19.02 -15.06
C LEU C 196 43.94 19.95 -16.01
N VAL C 197 42.60 19.95 -15.94
CA VAL C 197 41.81 20.88 -16.72
C VAL C 197 42.01 22.28 -16.16
N ILE C 198 41.83 22.43 -14.85
CA ILE C 198 42.07 23.71 -14.20
C ILE C 198 43.49 24.17 -14.53
N LYS C 199 44.46 23.25 -14.35
CA LYS C 199 45.87 23.56 -14.61
C LYS C 199 46.02 24.09 -16.04
N THR C 200 45.57 23.32 -17.04
CA THR C 200 45.68 23.70 -18.44
C THR C 200 45.09 25.10 -18.67
N LEU C 201 43.95 25.39 -18.05
CA LEU C 201 43.26 26.66 -18.21
C LEU C 201 44.18 27.81 -17.80
N GLU C 202 44.76 27.70 -16.58
CA GLU C 202 45.53 28.78 -16.00
C GLU C 202 46.81 29.01 -16.81
N GLU C 203 47.48 27.92 -17.18
CA GLU C 203 48.70 28.08 -17.94
C GLU C 203 48.40 28.27 -19.43
N CYS C 204 47.14 28.50 -19.81
CA CYS C 204 46.83 29.05 -21.14
C CYS C 204 46.30 30.48 -20.99
N GLY C 205 46.43 31.05 -19.77
CA GLY C 205 46.11 32.44 -19.51
C GLY C 205 44.62 32.68 -19.31
N PHE C 206 43.91 31.66 -18.85
CA PHE C 206 42.53 31.81 -18.40
C PHE C 206 42.55 31.81 -16.88
N SER C 207 42.46 33.00 -16.29
CA SER C 207 42.36 33.09 -14.85
C SER C 207 40.93 32.76 -14.46
N HIS C 208 40.69 32.55 -13.18
CA HIS C 208 39.38 32.17 -12.68
C HIS C 208 38.21 33.02 -13.18
N ASP C 209 38.42 34.31 -13.45
CA ASP C 209 37.31 35.19 -13.82
C ASP C 209 37.11 35.18 -15.33
N ARG C 210 37.73 34.22 -16.03
CA ARG C 210 37.61 34.14 -17.48
C ARG C 210 37.26 32.72 -17.92
N PHE C 211 36.88 31.83 -16.97
CA PHE C 211 36.29 30.53 -17.32
C PHE C 211 35.20 30.13 -16.32
N TYR C 212 34.41 29.13 -16.73
CA TYR C 212 33.36 28.52 -15.92
C TYR C 212 33.36 27.03 -16.17
N ILE C 213 33.38 26.22 -15.09
CA ILE C 213 33.35 24.77 -15.23
C ILE C 213 32.06 24.23 -14.63
N HIS C 214 31.32 23.46 -15.44
CA HIS C 214 30.25 22.59 -14.94
C HIS C 214 30.79 21.16 -14.90
N CYS C 215 30.62 20.52 -13.74
CA CYS C 215 30.91 19.11 -13.58
C CYS C 215 29.65 18.27 -13.75
N ASP C 216 29.59 17.53 -14.87
CA ASP C 216 28.52 16.55 -15.03
C ASP C 216 28.90 15.26 -14.32
N GLY C 217 28.45 15.11 -13.07
CA GLY C 217 28.74 13.90 -12.30
C GLY C 217 27.54 12.96 -12.18
N ALA C 218 26.65 12.95 -13.17
CA ALA C 218 25.44 12.14 -13.18
C ALA C 218 25.59 10.84 -12.39
N LEU C 219 26.48 9.95 -12.86
CA LEU C 219 26.65 8.67 -12.17
C LEU C 219 27.61 8.85 -11.00
N PHE C 220 28.88 9.07 -11.36
CA PHE C 220 30.02 8.83 -10.49
C PHE C 220 30.26 10.03 -9.59
N GLY C 221 29.60 11.15 -9.88
CA GLY C 221 29.72 12.35 -9.06
C GLY C 221 29.36 12.08 -7.60
N LEU C 222 28.47 11.08 -7.36
CA LEU C 222 28.09 10.74 -6.01
C LEU C 222 28.97 9.62 -5.47
N MET C 223 29.70 8.93 -6.35
CA MET C 223 30.48 7.80 -5.88
C MET C 223 31.90 8.21 -5.52
N MET C 224 32.53 9.03 -6.38
CA MET C 224 33.91 9.49 -6.22
C MET C 224 34.16 10.01 -4.81
N PRO C 225 33.32 10.91 -4.25
CA PRO C 225 33.59 11.44 -2.91
C PRO C 225 33.99 10.38 -1.89
N PHE C 226 33.49 9.15 -2.09
CA PHE C 226 33.64 8.07 -1.11
C PHE C 226 34.72 7.08 -1.57
N VAL C 227 35.45 7.44 -2.62
CA VAL C 227 36.64 6.71 -3.00
C VAL C 227 37.83 7.40 -2.33
N LYS C 228 38.56 6.66 -1.49
CA LYS C 228 39.68 7.27 -0.77
C LYS C 228 40.81 7.53 -1.76
N ARG C 229 41.44 8.69 -1.59
CA ARG C 229 42.50 9.17 -2.47
C ARG C 229 41.98 9.25 -3.89
N ALA C 230 40.95 10.08 -4.09
CA ALA C 230 40.42 10.36 -5.42
C ALA C 230 40.34 11.86 -5.64
N PRO C 231 40.59 12.38 -6.86
CA PRO C 231 40.52 13.83 -7.09
C PRO C 231 39.15 14.36 -6.65
N LYS C 232 39.11 15.35 -5.76
CA LYS C 232 37.87 15.83 -5.21
C LYS C 232 37.27 16.88 -6.14
N VAL C 233 35.94 16.84 -6.34
CA VAL C 233 35.28 18.00 -6.88
C VAL C 233 34.76 18.76 -5.68
N THR C 234 35.08 20.06 -5.62
CA THR C 234 34.80 20.89 -4.47
C THR C 234 34.76 22.34 -4.91
N PHE C 235 33.97 23.16 -4.21
CA PHE C 235 33.88 24.58 -4.56
C PHE C 235 35.11 25.36 -4.06
N ASN C 236 36.06 24.64 -3.44
CA ASN C 236 37.38 25.15 -3.10
C ASN C 236 38.29 25.20 -4.34
N LYS C 237 37.87 24.55 -5.42
CA LYS C 237 38.50 24.74 -6.71
C LYS C 237 37.57 25.62 -7.54
N PRO C 238 38.06 26.25 -8.64
CA PRO C 238 37.22 27.10 -9.49
C PRO C 238 36.23 26.26 -10.31
N ILE C 239 35.23 25.79 -9.57
CA ILE C 239 34.10 24.97 -10.01
C ILE C 239 32.90 25.91 -10.03
N GLY C 240 32.18 25.91 -11.16
CA GLY C 240 30.93 26.65 -11.29
C GLY C 240 29.74 25.90 -10.71
N SER C 241 29.64 24.59 -11.02
CA SER C 241 28.44 23.83 -10.73
C SER C 241 28.71 22.34 -10.85
N VAL C 242 27.82 21.55 -10.20
CA VAL C 242 27.89 20.09 -10.22
C VAL C 242 26.47 19.54 -10.31
N SER C 243 26.26 18.66 -11.31
CA SER C 243 25.04 17.88 -11.45
C SER C 243 25.29 16.44 -11.01
N VAL C 244 24.24 15.79 -10.50
CA VAL C 244 24.29 14.40 -10.03
C VAL C 244 22.88 13.81 -10.09
N SER C 245 22.75 12.51 -10.40
CA SER C 245 21.47 11.84 -10.62
C SER C 245 21.07 10.98 -9.42
N GLY C 246 19.79 11.15 -9.02
CA GLY C 246 19.17 10.41 -7.92
C GLY C 246 18.83 8.98 -8.35
N HIS C 247 18.25 8.86 -9.54
CA HIS C 247 17.76 7.59 -10.04
C HIS C 247 18.91 6.67 -10.39
N LYS C 248 20.12 7.24 -10.48
CA LYS C 248 21.30 6.44 -10.76
C LYS C 248 21.75 5.72 -9.48
N PHE C 249 22.57 6.36 -8.63
CA PHE C 249 23.17 5.67 -7.50
C PHE C 249 22.17 5.47 -6.36
N VAL C 250 21.45 6.53 -5.98
CA VAL C 250 20.60 6.46 -4.79
C VAL C 250 19.52 5.40 -4.99
N GLY C 251 18.93 5.36 -6.19
CA GLY C 251 17.80 4.48 -6.46
C GLY C 251 16.50 5.23 -6.19
N CYS C 252 15.74 5.53 -7.26
CA CYS C 252 14.46 6.20 -7.17
C CYS C 252 13.48 5.62 -8.19
N PRO C 253 12.17 5.55 -7.85
CA PRO C 253 11.15 5.24 -8.85
C PRO C 253 10.95 6.29 -9.97
N MET C 254 11.21 7.58 -9.64
CA MET C 254 11.17 8.67 -10.61
C MET C 254 12.58 9.18 -10.85
N PRO C 255 12.89 9.66 -12.07
CA PRO C 255 14.16 10.33 -12.33
C PRO C 255 14.20 11.67 -11.61
N CYS C 256 15.42 12.05 -11.23
CA CYS C 256 15.68 13.26 -10.49
C CYS C 256 17.19 13.42 -10.32
N GLY C 257 17.59 14.62 -9.89
CA GLY C 257 18.99 14.84 -9.55
C GLY C 257 19.18 16.09 -8.72
N VAL C 258 20.43 16.51 -8.61
CA VAL C 258 20.75 17.67 -7.81
C VAL C 258 21.73 18.51 -8.60
N GLN C 259 21.35 19.77 -8.85
CA GLN C 259 22.24 20.76 -9.43
C GLN C 259 22.66 21.71 -8.32
N ILE C 260 23.98 21.92 -8.19
CA ILE C 260 24.49 22.84 -7.19
C ILE C 260 25.53 23.75 -7.82
N THR C 261 25.33 25.06 -7.65
CA THR C 261 26.20 26.12 -8.17
C THR C 261 26.46 27.12 -7.04
N ARG C 262 27.09 28.25 -7.40
CA ARG C 262 27.37 29.34 -6.46
C ARG C 262 26.27 30.41 -6.51
N MET C 263 25.97 31.01 -5.33
CA MET C 263 24.97 32.07 -5.21
C MET C 263 25.25 33.24 -6.14
N GLU C 264 26.53 33.64 -6.22
CA GLU C 264 26.97 34.75 -7.07
C GLU C 264 26.54 34.53 -8.51
N HIS C 265 26.67 33.29 -8.99
CA HIS C 265 26.37 32.95 -10.37
C HIS C 265 24.89 33.09 -10.67
N ILE C 266 24.04 32.90 -9.65
CA ILE C 266 22.60 32.78 -9.87
C ILE C 266 21.96 34.17 -9.90
N LYS C 267 22.58 35.15 -9.24
CA LYS C 267 22.13 36.54 -9.31
C LYS C 267 22.43 37.12 -10.70
N VAL C 268 23.55 36.70 -11.29
CA VAL C 268 23.92 37.03 -12.67
C VAL C 268 23.09 36.21 -13.67
N LEU C 269 22.13 35.40 -13.18
CA LEU C 269 21.18 34.72 -14.06
C LEU C 269 19.86 35.50 -14.06
N SER C 270 19.66 36.42 -13.10
CA SER C 270 18.45 37.23 -12.98
C SER C 270 17.80 37.46 -14.35
N ASP C 280 13.40 33.55 -10.92
CA ASP C 280 13.23 32.08 -11.06
C ASP C 280 14.38 31.51 -11.91
N ALA C 281 15.24 30.70 -11.27
CA ALA C 281 16.50 30.26 -11.83
C ALA C 281 16.55 28.77 -12.15
N THR C 282 15.40 28.08 -12.08
CA THR C 282 15.30 26.68 -12.44
C THR C 282 14.91 26.58 -13.92
N ILE C 283 15.39 25.57 -14.67
CA ILE C 283 14.94 25.41 -16.06
C ILE C 283 13.44 25.13 -16.03
N MET C 284 12.98 24.19 -15.21
CA MET C 284 11.58 23.77 -15.20
C MET C 284 10.81 24.55 -14.14
N GLY C 285 9.47 24.51 -14.21
CA GLY C 285 8.60 25.32 -13.35
C GLY C 285 7.97 24.52 -12.19
N SER C 286 6.98 23.68 -12.52
CA SER C 286 6.49 22.68 -11.58
C SER C 286 7.57 21.63 -11.45
N ARG C 287 7.80 21.16 -10.22
CA ARG C 287 8.86 20.22 -9.92
C ARG C 287 8.35 19.15 -8.96
N ASN C 288 8.68 17.89 -9.24
CA ASN C 288 8.09 16.78 -8.53
C ASN C 288 8.52 16.84 -7.06
N GLY C 289 7.58 17.14 -6.18
CA GLY C 289 7.91 17.29 -4.77
C GLY C 289 8.13 15.96 -4.05
N HIS C 290 7.94 14.84 -4.75
CA HIS C 290 8.19 13.53 -4.15
C HIS C 290 9.69 13.24 -4.19
N ALA C 291 10.38 13.77 -5.20
CA ALA C 291 11.78 13.42 -5.37
C ALA C 291 12.54 13.82 -4.11
N PRO C 292 12.36 15.07 -3.60
CA PRO C 292 13.03 15.48 -2.37
C PRO C 292 12.82 14.54 -1.18
N LEU C 293 11.63 13.93 -1.08
CA LEU C 293 11.31 13.05 0.03
C LEU C 293 12.13 11.77 -0.11
N PHE C 294 12.23 11.29 -1.34
CA PHE C 294 12.91 10.04 -1.59
C PHE C 294 14.39 10.25 -1.24
N LEU C 295 14.96 11.34 -1.76
CA LEU C 295 16.36 11.63 -1.50
C LEU C 295 16.57 11.87 -0.01
N TRP C 296 15.70 12.68 0.62
CA TRP C 296 15.80 12.94 2.06
C TRP C 296 15.83 11.65 2.86
N TYR C 297 14.94 10.73 2.53
CA TYR C 297 14.83 9.47 3.26
C TYR C 297 16.10 8.63 3.11
N THR C 298 16.67 8.53 1.91
CA THR C 298 17.82 7.65 1.66
C THR C 298 19.11 8.20 2.26
N LEU C 299 19.38 9.50 2.06
CA LEU C 299 20.54 10.18 2.64
C LEU C 299 20.50 9.99 4.16
N ASN C 300 19.33 10.29 4.75
CA ASN C 300 19.16 10.14 6.19
C ASN C 300 19.42 8.69 6.64
N ARG C 301 19.07 7.73 5.80
CA ARG C 301 19.09 6.34 6.19
C ARG C 301 20.50 5.79 6.11
N LYS C 302 21.29 6.29 5.15
CA LYS C 302 22.57 5.67 4.81
C LYS C 302 23.74 6.54 5.27
N GLY C 303 23.71 7.85 4.97
CA GLY C 303 24.76 8.77 5.37
C GLY C 303 26.03 8.59 4.55
N TYR C 304 27.08 9.38 4.86
CA TYR C 304 28.38 9.30 4.20
C TYR C 304 28.88 7.86 4.37
N LYS C 305 28.59 7.30 5.54
CA LYS C 305 29.01 5.97 5.93
C LYS C 305 28.45 4.94 4.95
N GLY C 306 27.11 4.88 4.86
CA GLY C 306 26.42 3.89 4.03
C GLY C 306 26.78 4.03 2.56
N PHE C 307 26.95 5.27 2.08
CA PHE C 307 27.35 5.49 0.70
C PHE C 307 28.75 4.92 0.49
N GLN C 308 29.63 5.11 1.48
CA GLN C 308 30.98 4.57 1.41
C GLN C 308 30.93 3.06 1.20
N LYS C 309 30.15 2.33 2.03
CA LYS C 309 30.06 0.88 1.91
C LYS C 309 29.72 0.50 0.48
N GLU C 310 28.64 1.12 -0.03
CA GLU C 310 28.05 0.72 -1.30
C GLU C 310 28.99 1.00 -2.46
N VAL C 311 29.69 2.13 -2.41
CA VAL C 311 30.66 2.47 -3.44
C VAL C 311 31.77 1.43 -3.48
N GLN C 312 32.33 1.10 -2.31
CA GLN C 312 33.40 0.12 -2.20
C GLN C 312 32.95 -1.22 -2.73
N LYS C 313 31.69 -1.59 -2.46
CA LYS C 313 31.14 -2.83 -2.97
C LYS C 313 31.00 -2.80 -4.51
N CYS C 314 30.56 -1.67 -5.07
CA CYS C 314 30.38 -1.57 -6.50
C CYS C 314 31.72 -1.68 -7.23
N LEU C 315 32.78 -1.17 -6.60
CA LEU C 315 34.11 -1.27 -7.17
C LEU C 315 34.57 -2.72 -7.09
N ARG C 316 34.46 -3.32 -5.90
CA ARG C 316 34.85 -4.72 -5.73
C ARG C 316 34.16 -5.59 -6.78
N ASN C 317 32.84 -5.41 -6.96
CA ASN C 317 32.05 -6.23 -7.86
C ASN C 317 32.35 -5.92 -9.32
N ALA C 318 32.68 -4.67 -9.62
CA ALA C 318 33.11 -4.35 -10.98
C ALA C 318 34.41 -5.10 -11.27
N HIS C 319 35.36 -5.02 -10.34
CA HIS C 319 36.65 -5.70 -10.46
C HIS C 319 36.47 -7.21 -10.57
N TYR C 320 35.50 -7.75 -9.82
CA TYR C 320 35.15 -9.15 -9.93
C TYR C 320 34.75 -9.47 -11.38
N LEU C 321 33.83 -8.68 -11.93
CA LEU C 321 33.29 -8.95 -13.25
C LEU C 321 34.40 -8.90 -14.30
N LYS C 322 35.30 -7.92 -14.19
CA LYS C 322 36.37 -7.75 -15.16
C LYS C 322 37.30 -8.98 -15.09
N ASP C 323 37.82 -9.29 -13.90
CA ASP C 323 38.65 -10.47 -13.69
C ASP C 323 38.04 -11.71 -14.36
N ARG C 324 36.76 -11.96 -14.05
CA ARG C 324 36.08 -13.17 -14.48
C ARG C 324 35.94 -13.22 -16.00
N LEU C 325 35.76 -12.05 -16.63
CA LEU C 325 35.68 -11.97 -18.07
C LEU C 325 37.03 -12.36 -18.69
N ARG C 326 38.14 -11.93 -18.07
CA ARG C 326 39.46 -12.18 -18.63
C ARG C 326 39.78 -13.67 -18.55
N GLU C 327 39.55 -14.26 -17.37
CA GLU C 327 39.69 -15.70 -17.13
C GLU C 327 38.93 -16.50 -18.19
N ALA C 328 37.73 -16.05 -18.56
CA ALA C 328 36.93 -16.73 -19.56
C ALA C 328 37.46 -16.47 -20.99
N GLY C 329 38.48 -15.60 -21.14
CA GLY C 329 39.09 -15.33 -22.43
C GLY C 329 38.58 -14.04 -23.08
N ILE C 330 37.59 -13.41 -22.43
CA ILE C 330 36.86 -12.27 -22.99
C ILE C 330 37.60 -10.97 -22.63
N SER C 331 37.87 -10.13 -23.63
CA SER C 331 38.60 -8.90 -23.36
C SER C 331 37.64 -7.85 -22.81
N ALA C 332 38.15 -7.14 -21.81
CA ALA C 332 37.37 -6.23 -20.98
C ALA C 332 38.30 -5.18 -20.39
N MET C 333 37.73 -4.04 -20.00
CA MET C 333 38.49 -2.95 -19.41
C MET C 333 37.69 -2.33 -18.27
N LEU C 334 38.39 -1.79 -17.27
CA LEU C 334 37.71 -1.06 -16.20
C LEU C 334 38.59 0.10 -15.70
N ASN C 335 38.23 1.32 -16.12
CA ASN C 335 38.96 2.50 -15.67
C ASN C 335 39.02 2.55 -14.16
N GLU C 336 40.04 3.27 -13.67
CA GLU C 336 40.10 3.71 -12.29
C GLU C 336 38.95 4.69 -12.12
N LEU C 337 38.40 4.75 -10.91
CA LEU C 337 37.29 5.67 -10.63
C LEU C 337 36.08 5.31 -11.49
N SER C 338 35.76 4.01 -11.53
CA SER C 338 34.66 3.52 -12.35
C SER C 338 34.14 2.19 -11.81
N SER C 339 32.80 2.05 -11.82
CA SER C 339 32.13 0.79 -11.59
C SER C 339 31.58 0.21 -12.91
N THR C 340 32.11 0.66 -14.06
CA THR C 340 31.55 0.25 -15.34
C THR C 340 32.59 -0.46 -16.20
N VAL C 341 32.21 -1.69 -16.55
CA VAL C 341 33.06 -2.67 -17.16
C VAL C 341 32.69 -2.73 -18.64
N VAL C 342 33.71 -2.45 -19.46
CA VAL C 342 33.56 -2.45 -20.91
C VAL C 342 34.21 -3.72 -21.43
N PHE C 343 33.42 -4.57 -22.08
CA PHE C 343 33.89 -5.85 -22.58
C PHE C 343 33.34 -6.05 -23.98
N GLU C 344 33.70 -7.19 -24.62
CA GLU C 344 33.37 -7.34 -26.03
C GLU C 344 31.88 -7.64 -26.18
N ARG C 345 31.26 -6.90 -27.09
CA ARG C 345 29.83 -6.95 -27.35
C ARG C 345 29.39 -8.38 -27.66
N PRO C 346 28.38 -8.92 -26.95
CA PRO C 346 27.69 -10.12 -27.39
C PRO C 346 27.28 -10.06 -28.86
N LYS C 347 27.50 -11.17 -29.58
CA LYS C 347 27.29 -11.22 -31.02
C LYS C 347 25.80 -11.21 -31.36
N ASP C 348 25.05 -12.19 -30.84
CA ASP C 348 23.60 -12.26 -31.03
C ASP C 348 22.96 -11.28 -30.06
N GLU C 349 22.42 -10.20 -30.61
CA GLU C 349 22.05 -9.08 -29.78
C GLU C 349 20.59 -9.20 -29.39
N GLU C 350 20.10 -10.44 -29.28
CA GLU C 350 18.93 -10.73 -28.49
C GLU C 350 19.39 -11.01 -27.05
N PHE C 351 20.60 -11.57 -26.91
CA PHE C 351 21.26 -11.70 -25.62
C PHE C 351 21.45 -10.32 -24.99
N VAL C 352 21.63 -9.31 -25.84
CA VAL C 352 21.80 -7.94 -25.42
C VAL C 352 20.48 -7.42 -24.86
N ARG C 353 19.36 -7.78 -25.51
CA ARG C 353 18.08 -7.26 -25.10
C ARG C 353 17.63 -7.91 -23.79
N ARG C 354 17.92 -9.21 -23.62
CA ARG C 354 17.52 -9.91 -22.41
C ARG C 354 18.26 -9.31 -21.21
N TRP C 355 19.53 -8.97 -21.40
CA TRP C 355 20.37 -8.45 -20.32
C TRP C 355 20.39 -6.92 -20.32
N GLN C 356 19.65 -6.31 -21.25
CA GLN C 356 19.46 -4.86 -21.27
C GLN C 356 20.83 -4.18 -21.22
N LEU C 357 21.76 -4.69 -22.04
CA LEU C 357 23.11 -4.18 -22.13
C LEU C 357 23.11 -2.95 -23.04
N ALA C 358 24.06 -2.03 -22.75
CA ALA C 358 24.29 -0.85 -23.57
C ALA C 358 25.49 -1.14 -24.47
N CYS C 359 25.30 -0.89 -25.77
CA CYS C 359 26.25 -1.32 -26.77
C CYS C 359 26.56 -0.17 -27.73
N GLN C 360 27.77 -0.24 -28.30
CA GLN C 360 28.28 0.78 -29.20
C GLN C 360 29.51 0.19 -29.90
N GLY C 361 29.50 0.27 -31.23
CA GLY C 361 30.50 -0.43 -32.03
C GLY C 361 30.50 -1.88 -31.63
N ASP C 362 31.69 -2.49 -31.49
CA ASP C 362 31.70 -3.85 -30.97
C ASP C 362 32.25 -3.83 -29.54
N ILE C 363 31.53 -3.07 -28.71
CA ILE C 363 31.73 -3.08 -27.28
C ILE C 363 30.38 -2.99 -26.58
N ALA C 364 30.32 -3.49 -25.34
CA ALA C 364 29.15 -3.32 -24.49
C ALA C 364 29.62 -3.08 -23.07
N HIS C 365 28.73 -2.52 -22.22
CA HIS C 365 29.13 -2.27 -20.84
C HIS C 365 28.09 -2.70 -19.84
N VAL C 366 28.61 -3.08 -18.67
CA VAL C 366 27.86 -3.36 -17.46
C VAL C 366 28.25 -2.32 -16.41
N VAL C 367 27.25 -1.56 -15.98
CA VAL C 367 27.42 -0.56 -14.93
C VAL C 367 27.02 -1.22 -13.61
N VAL C 368 28.01 -1.39 -12.74
CA VAL C 368 27.81 -2.11 -11.49
C VAL C 368 27.31 -1.11 -10.45
N MET C 369 26.00 -1.14 -10.23
CA MET C 369 25.32 -0.31 -9.25
C MET C 369 25.16 -1.12 -7.95
N PRO C 370 24.67 -0.53 -6.84
CA PRO C 370 24.34 -1.29 -5.64
C PRO C 370 23.45 -2.53 -5.84
N SER C 371 22.43 -2.43 -6.69
CA SER C 371 21.53 -3.54 -6.95
C SER C 371 22.24 -4.69 -7.71
N VAL C 372 23.35 -4.40 -8.40
CA VAL C 372 24.06 -5.44 -9.13
C VAL C 372 24.93 -6.22 -8.14
N THR C 373 24.61 -7.52 -8.09
CA THR C 373 25.02 -8.41 -7.03
C THR C 373 25.86 -9.53 -7.65
N ILE C 374 26.79 -10.11 -6.87
CA ILE C 374 27.67 -11.18 -7.37
C ILE C 374 26.86 -12.33 -7.96
N GLU C 375 25.81 -12.72 -7.24
CA GLU C 375 24.93 -13.78 -7.71
C GLU C 375 24.47 -13.47 -9.15
N LYS C 376 24.05 -12.22 -9.38
CA LYS C 376 23.45 -11.80 -10.64
C LYS C 376 24.53 -11.70 -11.73
N LEU C 377 25.77 -11.39 -11.33
CA LEU C 377 26.90 -11.33 -12.24
C LEU C 377 27.28 -12.75 -12.67
N ASP C 378 27.36 -13.65 -11.70
CA ASP C 378 27.62 -15.07 -11.94
C ASP C 378 26.58 -15.63 -12.94
N ASN C 379 25.31 -15.25 -12.79
CA ASN C 379 24.24 -15.71 -13.66
C ASN C 379 24.47 -15.22 -15.09
N PHE C 380 24.79 -13.94 -15.23
CA PHE C 380 25.14 -13.30 -16.50
C PHE C 380 26.31 -14.02 -17.19
N LEU C 381 27.36 -14.31 -16.43
CA LEU C 381 28.59 -14.91 -16.94
C LEU C 381 28.35 -16.31 -17.49
N LYS C 382 27.61 -17.16 -16.76
CA LYS C 382 27.25 -18.48 -17.24
C LYS C 382 26.55 -18.36 -18.57
N ASP C 383 25.55 -17.48 -18.63
CA ASP C 383 24.70 -17.40 -19.80
C ASP C 383 25.46 -16.78 -20.98
N LEU C 384 26.51 -15.99 -20.68
CA LEU C 384 27.35 -15.40 -21.72
C LEU C 384 28.22 -16.50 -22.32
N VAL C 385 29.03 -17.15 -21.47
CA VAL C 385 29.93 -18.24 -21.86
C VAL C 385 29.18 -19.27 -22.70
N LYS C 386 28.00 -19.71 -22.22
CA LYS C 386 27.15 -20.67 -22.91
C LYS C 386 26.80 -20.19 -24.33
N HIS C 387 26.38 -18.94 -24.47
CA HIS C 387 25.98 -18.41 -25.78
C HIS C 387 27.20 -18.05 -26.65
N ARG C 388 28.37 -17.85 -26.02
CA ARG C 388 29.62 -17.61 -26.74
C ARG C 388 29.98 -18.82 -27.59
N LEU C 389 29.94 -20.01 -26.97
CA LEU C 389 30.23 -21.27 -27.63
C LEU C 389 29.43 -21.36 -28.94
N ILE C 390 28.13 -21.05 -28.85
CA ILE C 390 27.22 -21.11 -29.99
C ILE C 390 27.62 -20.06 -31.04
N TRP C 391 27.93 -18.83 -30.61
CA TRP C 391 28.22 -17.75 -31.55
C TRP C 391 29.50 -18.03 -32.35
N TYR C 392 30.45 -18.77 -31.74
CA TYR C 392 31.82 -18.83 -32.25
C TYR C 392 32.27 -20.28 -32.50
N GLU C 393 31.30 -21.19 -32.67
CA GLU C 393 31.63 -22.59 -32.95
C GLU C 393 32.11 -22.77 -34.39
N ASP C 394 31.96 -21.74 -35.25
CA ASP C 394 32.42 -21.80 -36.63
C ASP C 394 33.96 -21.82 -36.72
N GLY C 395 34.64 -21.65 -35.57
CA GLY C 395 36.07 -21.33 -35.55
C GLY C 395 36.33 -19.84 -35.85
N SER C 396 35.28 -19.09 -36.21
CA SER C 396 35.31 -17.62 -36.31
C SER C 396 35.56 -17.03 -34.91
N GLN C 397 36.33 -15.93 -34.86
CA GLN C 397 36.81 -15.36 -33.61
C GLN C 397 36.12 -14.03 -33.32
N PRO C 398 36.20 -13.50 -32.08
CA PRO C 398 35.61 -12.19 -31.76
C PRO C 398 36.42 -11.05 -32.39
N PRO C 399 35.88 -9.81 -32.46
CA PRO C 399 36.64 -8.66 -32.95
C PRO C 399 37.78 -8.24 -32.00
N CYS C 400 38.66 -7.35 -32.44
CA CYS C 400 39.96 -7.21 -31.81
C CYS C 400 39.99 -6.18 -30.67
N LEU C 401 39.12 -5.18 -30.65
CA LEU C 401 38.78 -4.48 -29.40
C LEU C 401 39.87 -3.51 -28.92
N ALA C 402 41.07 -3.53 -29.50
CA ALA C 402 42.17 -2.65 -29.12
C ALA C 402 41.90 -1.20 -29.57
N SER C 403 41.27 -1.04 -30.73
CA SER C 403 40.73 0.26 -31.13
C SER C 403 39.90 0.87 -30.01
N GLU C 404 39.03 0.08 -29.39
CA GLU C 404 38.01 0.61 -28.50
C GLU C 404 38.53 0.78 -27.06
N VAL C 405 39.51 -0.03 -26.68
CA VAL C 405 39.75 -0.27 -25.27
C VAL C 405 41.24 -0.17 -24.91
N GLY C 406 42.14 -0.16 -25.91
CA GLY C 406 43.59 -0.14 -25.72
C GLY C 406 44.22 -1.51 -25.90
N THR C 407 45.42 -1.57 -26.51
CA THR C 407 46.12 -2.83 -26.76
C THR C 407 46.46 -3.53 -25.44
N ASN C 408 46.76 -2.73 -24.41
CA ASN C 408 47.12 -3.23 -23.09
C ASN C 408 45.95 -3.95 -22.42
N ASN C 409 44.74 -3.86 -22.98
CA ASN C 409 43.53 -4.40 -22.39
C ASN C 409 42.91 -5.49 -23.26
N CYS C 410 43.46 -5.70 -24.46
CA CYS C 410 42.89 -6.66 -25.41
C CYS C 410 43.55 -8.02 -25.28
N ILE C 411 42.77 -9.09 -25.60
CA ILE C 411 43.20 -10.48 -25.42
C ILE C 411 43.11 -11.27 -26.74
N CYS C 412 42.63 -10.67 -27.83
CA CYS C 412 42.52 -11.38 -29.10
C CYS C 412 43.84 -12.07 -29.40
N PRO C 413 43.86 -13.09 -30.33
CA PRO C 413 45.09 -13.79 -30.70
C PRO C 413 46.33 -12.90 -30.86
N ALA C 414 46.15 -11.77 -31.56
CA ALA C 414 47.18 -10.80 -31.87
C ALA C 414 47.75 -10.15 -30.59
N HIS C 415 46.97 -10.14 -29.51
CA HIS C 415 47.34 -9.31 -28.37
C HIS C 415 47.76 -10.18 -27.19
N LYS C 416 46.84 -10.88 -26.50
CA LYS C 416 47.15 -11.38 -25.16
C LYS C 416 48.27 -10.54 -24.53
N ALA C 417 48.20 -9.19 -24.69
CA ALA C 417 49.32 -8.28 -24.49
C ALA C 417 49.39 -7.83 -23.02
N THR D 1 6.76 -6.39 28.96
CA THR D 1 6.54 -4.99 28.51
C THR D 1 5.05 -4.80 28.29
N SER D 2 4.70 -3.58 27.90
CA SER D 2 3.39 -3.19 27.43
C SER D 2 3.55 -1.84 26.70
N LEU D 3 2.67 -1.54 25.75
CA LEU D 3 2.61 -0.22 25.13
C LEU D 3 1.31 0.45 25.54
N ALA D 4 1.41 1.35 26.52
CA ALA D 4 0.25 1.92 27.15
C ALA D 4 -0.66 2.54 26.10
N VAL D 5 -1.94 2.66 26.44
CA VAL D 5 -2.87 3.44 25.66
C VAL D 5 -3.17 4.66 26.53
N THR D 6 -2.67 5.82 26.11
CA THR D 6 -2.81 7.05 26.88
C THR D 6 -3.80 7.96 26.16
N GLU D 7 -4.52 8.79 26.92
CA GLU D 7 -5.49 9.69 26.33
C GLU D 7 -4.70 10.70 25.50
N PRO D 8 -5.22 11.18 24.35
CA PRO D 8 -4.57 12.28 23.65
C PRO D 8 -4.72 13.53 24.49
N GLU D 9 -3.75 14.46 24.37
CA GLU D 9 -3.84 15.76 25.01
C GLU D 9 -5.07 16.48 24.47
N VAL D 10 -5.50 17.58 25.12
CA VAL D 10 -6.60 18.39 24.61
C VAL D 10 -6.15 19.07 23.31
N ASN D 11 -4.83 19.27 23.18
CA ASN D 11 -4.18 19.96 22.09
C ASN D 11 -3.98 19.11 20.83
N ASP D 12 -4.41 17.83 20.83
CA ASP D 12 -3.83 16.85 19.92
C ASP D 12 -4.20 17.13 18.46
N GLU D 13 -5.42 17.64 18.23
CA GLU D 13 -5.91 17.98 16.90
C GLU D 13 -4.97 18.98 16.20
N PHE D 14 -4.36 19.88 16.98
CA PHE D 14 -3.45 20.89 16.49
C PHE D 14 -2.07 20.26 16.24
N THR D 15 -1.53 19.52 17.23
CA THR D 15 -0.11 19.16 17.31
C THR D 15 0.24 17.84 16.60
N GLY D 16 -0.72 16.92 16.55
CA GLY D 16 -0.53 15.60 15.93
C GLY D 16 0.57 14.77 16.60
N ASP D 17 0.69 14.90 17.94
CA ASP D 17 1.81 14.32 18.67
C ASP D 17 1.59 12.82 18.85
N LYS D 18 0.31 12.43 18.95
CA LYS D 18 -0.03 11.02 19.05
C LYS D 18 0.39 10.27 17.79
N GLU D 19 -0.11 10.69 16.60
CA GLU D 19 0.20 10.01 15.36
C GLU D 19 1.72 9.94 15.18
N ALA D 20 2.41 11.00 15.63
CA ALA D 20 3.86 11.02 15.53
C ALA D 20 4.48 9.98 16.48
N TYR D 21 4.00 9.92 17.74
CA TYR D 21 4.57 8.98 18.70
C TYR D 21 4.39 7.56 18.13
N MET D 22 3.15 7.28 17.72
CA MET D 22 2.72 5.95 17.27
C MET D 22 3.52 5.49 16.04
N ALA D 23 3.81 6.43 15.13
CA ALA D 23 4.60 6.15 13.95
C ALA D 23 5.97 5.57 14.30
N SER D 24 6.62 6.13 15.33
CA SER D 24 7.92 5.63 15.78
C SER D 24 7.74 4.25 16.40
N VAL D 25 6.70 4.08 17.23
CA VAL D 25 6.47 2.81 17.87
C VAL D 25 6.34 1.74 16.78
N LEU D 26 5.46 2.01 15.78
CA LEU D 26 5.20 1.08 14.70
C LEU D 26 6.46 0.84 13.86
N ALA D 27 7.23 1.91 13.60
CA ALA D 27 8.50 1.76 12.89
C ALA D 27 9.43 0.81 13.64
N ARG D 28 9.64 1.08 14.93
CA ARG D 28 10.48 0.27 15.80
C ARG D 28 9.97 -1.16 15.75
N TYR D 29 8.64 -1.33 15.85
CA TYR D 29 8.04 -2.66 15.91
C TYR D 29 8.37 -3.46 14.65
N ARG D 30 8.06 -2.83 13.50
CA ARG D 30 8.26 -3.41 12.19
C ARG D 30 9.69 -3.91 12.02
N LYS D 31 10.66 -3.13 12.49
CA LYS D 31 12.06 -3.50 12.33
C LYS D 31 12.35 -4.81 13.08
N THR D 32 11.72 -4.98 14.25
CA THR D 32 12.00 -6.16 15.05
C THR D 32 11.27 -7.33 14.38
N LEU D 33 10.07 -7.08 13.84
CA LEU D 33 9.36 -8.14 13.12
C LEU D 33 10.18 -8.64 11.93
N VAL D 34 10.88 -7.73 11.24
CA VAL D 34 11.61 -8.10 10.04
C VAL D 34 12.71 -9.09 10.41
N GLU D 35 13.42 -8.84 11.52
CA GLU D 35 14.55 -9.70 11.86
C GLU D 35 14.02 -11.01 12.47
N ARG D 36 12.93 -10.94 13.24
CA ARG D 36 12.35 -12.14 13.86
C ARG D 36 11.88 -13.09 12.75
N THR D 37 11.27 -12.52 11.70
CA THR D 37 10.83 -13.27 10.54
C THR D 37 12.02 -13.94 9.87
N LYS D 38 13.07 -13.13 9.60
CA LYS D 38 14.30 -13.59 8.98
C LYS D 38 14.82 -14.85 9.68
N ASN D 39 14.85 -14.86 11.02
CA ASN D 39 15.58 -15.87 11.76
C ASN D 39 14.65 -16.87 12.46
N HIS D 40 13.47 -17.11 11.88
CA HIS D 40 12.51 -18.01 12.52
C HIS D 40 12.65 -19.41 11.94
N LEU D 41 12.61 -20.44 12.82
CA LEU D 41 12.74 -21.84 12.41
C LEU D 41 11.79 -22.77 13.19
N GLY D 42 11.44 -22.46 14.45
CA GLY D 42 10.87 -23.45 15.36
C GLY D 42 9.41 -23.84 15.07
N TYR D 43 8.61 -22.91 14.48
CA TYR D 43 7.16 -23.08 14.42
C TYR D 43 6.68 -23.36 12.99
N PRO D 44 5.49 -24.00 12.85
CA PRO D 44 5.05 -24.55 11.57
C PRO D 44 4.32 -23.53 10.69
N TYR D 45 4.89 -22.34 10.60
CA TYR D 45 4.27 -21.27 9.85
C TYR D 45 5.19 -20.94 8.67
N ASN D 46 4.60 -21.02 7.47
CA ASN D 46 5.18 -20.50 6.25
C ASN D 46 5.09 -18.96 6.26
N LEU D 47 6.26 -18.33 6.25
CA LEU D 47 6.40 -16.89 6.35
C LEU D 47 6.56 -16.22 4.97
N ASP D 48 6.54 -17.05 3.92
CA ASP D 48 6.78 -16.65 2.54
C ASP D 48 5.44 -16.52 1.80
N PHE D 49 4.93 -15.28 1.70
CA PHE D 49 3.71 -15.04 0.94
C PHE D 49 3.70 -13.59 0.43
N ASP D 50 3.14 -13.41 -0.78
CA ASP D 50 2.88 -12.10 -1.37
C ASP D 50 1.41 -12.00 -1.77
N TYR D 51 0.65 -11.24 -0.98
CA TYR D 51 -0.73 -10.92 -1.25
C TYR D 51 -0.86 -9.43 -1.57
N GLY D 52 0.14 -8.89 -2.28
CA GLY D 52 0.08 -7.54 -2.81
C GLY D 52 -1.14 -7.35 -3.69
N ALA D 53 -1.53 -8.42 -4.43
CA ALA D 53 -2.67 -8.38 -5.34
C ALA D 53 -3.98 -8.10 -4.62
N LEU D 54 -4.02 -8.35 -3.30
CA LEU D 54 -5.22 -8.20 -2.47
C LEU D 54 -5.14 -6.91 -1.67
N GLY D 55 -4.09 -6.12 -1.96
CA GLY D 55 -3.82 -4.85 -1.30
C GLY D 55 -5.02 -3.93 -1.25
N GLN D 56 -5.82 -3.91 -2.31
CA GLN D 56 -6.86 -2.90 -2.45
C GLN D 56 -8.14 -3.33 -1.73
N LEU D 57 -8.12 -4.49 -1.05
CA LEU D 57 -9.31 -5.05 -0.44
C LEU D 57 -9.22 -4.99 1.07
N GLN D 58 -8.10 -4.47 1.58
CA GLN D 58 -7.70 -4.63 2.96
C GLN D 58 -8.49 -3.66 3.83
N HIS D 59 -9.26 -2.73 3.23
CA HIS D 59 -9.85 -1.65 4.00
C HIS D 59 -11.34 -1.88 4.27
N PHE D 60 -11.86 -3.02 3.82
CA PHE D 60 -13.27 -3.34 3.98
C PHE D 60 -13.40 -4.33 5.13
N SER D 61 -14.53 -4.28 5.85
CA SER D 61 -14.76 -5.28 6.88
C SER D 61 -15.62 -6.40 6.29
N ILE D 62 -14.89 -7.35 5.71
CA ILE D 62 -15.45 -8.53 5.09
C ILE D 62 -15.68 -9.57 6.18
N ASN D 63 -16.91 -10.10 6.21
CA ASN D 63 -17.38 -10.97 7.29
C ASN D 63 -18.34 -12.00 6.71
N ASN D 64 -17.91 -13.26 6.76
CA ASN D 64 -18.76 -14.37 6.35
C ASN D 64 -19.43 -14.91 7.60
N LEU D 65 -20.57 -14.32 7.97
CA LEU D 65 -21.41 -14.83 9.05
C LEU D 65 -21.83 -16.26 8.74
N GLY D 66 -21.76 -17.12 9.76
CA GLY D 66 -22.34 -18.46 9.73
C GLY D 66 -21.97 -19.27 8.48
N ASP D 67 -23.00 -19.91 7.89
CA ASP D 67 -22.81 -20.97 6.90
C ASP D 67 -22.25 -20.34 5.63
N PRO D 68 -21.13 -20.91 5.08
CA PRO D 68 -20.63 -20.50 3.76
C PRO D 68 -21.66 -20.59 2.63
N PHE D 69 -22.66 -21.46 2.82
CA PHE D 69 -23.57 -21.82 1.74
C PHE D 69 -24.88 -21.03 1.87
N ILE D 70 -25.33 -20.75 3.10
CA ILE D 70 -26.53 -19.96 3.32
C ILE D 70 -26.16 -18.49 3.11
N GLU D 71 -27.10 -17.71 2.54
CA GLU D 71 -26.94 -16.27 2.36
C GLU D 71 -27.38 -15.54 3.62
N SER D 72 -26.81 -14.33 3.78
CA SER D 72 -27.12 -13.42 4.86
C SER D 72 -27.27 -12.05 4.23
N ASN D 73 -27.95 -11.12 4.90
CA ASN D 73 -28.26 -9.80 4.35
C ASN D 73 -27.05 -8.86 4.38
N TYR D 74 -26.04 -9.19 5.23
CA TYR D 74 -24.78 -8.45 5.21
C TYR D 74 -24.02 -8.73 3.91
N GLY D 75 -23.75 -7.64 3.17
CA GLY D 75 -23.33 -7.76 1.78
C GLY D 75 -21.81 -7.71 1.63
N VAL D 76 -21.09 -7.37 2.71
CA VAL D 76 -19.64 -7.26 2.63
C VAL D 76 -19.04 -8.62 3.02
N HIS D 77 -19.00 -9.54 2.05
CA HIS D 77 -18.57 -10.91 2.35
C HIS D 77 -17.87 -11.49 1.14
N SER D 78 -17.38 -12.72 1.29
CA SER D 78 -16.55 -13.37 0.27
C SER D 78 -16.94 -14.84 0.07
N ARG D 79 -18.24 -15.14 0.22
CA ARG D 79 -18.73 -16.53 0.21
C ARG D 79 -18.29 -17.23 -1.09
N PRO D 80 -18.44 -16.61 -2.29
CA PRO D 80 -18.07 -17.28 -3.53
C PRO D 80 -16.61 -17.78 -3.52
N PHE D 81 -15.73 -16.97 -2.91
CA PHE D 81 -14.33 -17.35 -2.76
C PHE D 81 -14.23 -18.50 -1.76
N GLU D 82 -14.99 -18.42 -0.65
CA GLU D 82 -14.88 -19.45 0.38
C GLU D 82 -15.23 -20.82 -0.23
N VAL D 83 -16.37 -20.81 -0.94
CA VAL D 83 -16.93 -22.02 -1.53
C VAL D 83 -15.92 -22.61 -2.53
N GLY D 84 -15.36 -21.76 -3.38
CA GLY D 84 -14.35 -22.23 -4.30
C GLY D 84 -13.21 -22.94 -3.56
N VAL D 85 -12.86 -22.44 -2.37
CA VAL D 85 -11.71 -22.95 -1.64
C VAL D 85 -12.09 -24.30 -1.01
N LEU D 86 -13.35 -24.36 -0.55
CA LEU D 86 -13.86 -25.54 0.09
C LEU D 86 -13.95 -26.67 -0.94
N ASP D 87 -14.53 -26.36 -2.10
CA ASP D 87 -14.63 -27.32 -3.20
C ASP D 87 -13.25 -27.92 -3.47
N TRP D 88 -12.22 -27.08 -3.46
CA TRP D 88 -10.87 -27.53 -3.76
C TRP D 88 -10.40 -28.54 -2.73
N PHE D 89 -10.75 -28.27 -1.46
CA PHE D 89 -10.33 -29.14 -0.37
C PHE D 89 -11.15 -30.43 -0.37
N ALA D 90 -12.44 -30.34 -0.73
CA ALA D 90 -13.29 -31.50 -0.95
C ALA D 90 -12.69 -32.41 -2.03
N ARG D 91 -12.40 -31.85 -3.22
CA ARG D 91 -11.78 -32.62 -4.31
C ARG D 91 -10.50 -33.27 -3.81
N LEU D 92 -9.68 -32.53 -3.04
CA LEU D 92 -8.41 -33.06 -2.53
C LEU D 92 -8.64 -34.35 -1.74
N TRP D 93 -9.69 -34.38 -0.92
CA TRP D 93 -9.96 -35.55 -0.08
C TRP D 93 -11.13 -36.38 -0.62
N GLU D 94 -11.36 -36.30 -1.94
CA GLU D 94 -12.19 -37.25 -2.67
C GLU D 94 -13.59 -37.29 -2.07
N ILE D 95 -14.22 -36.11 -1.97
CA ILE D 95 -15.62 -36.05 -1.61
C ILE D 95 -16.28 -35.02 -2.52
N GLU D 96 -17.49 -35.35 -2.99
CA GLU D 96 -18.13 -34.62 -4.07
C GLU D 96 -18.78 -33.36 -3.48
N ARG D 97 -19.00 -32.36 -4.34
CA ARG D 97 -19.57 -31.10 -3.91
C ARG D 97 -20.81 -31.32 -3.03
N ASP D 98 -21.70 -32.25 -3.41
CA ASP D 98 -23.01 -32.35 -2.76
C ASP D 98 -22.98 -33.18 -1.48
N ASP D 99 -21.89 -33.94 -1.24
CA ASP D 99 -21.80 -34.81 -0.07
C ASP D 99 -21.15 -34.12 1.14
N TYR D 100 -20.26 -33.15 0.91
CA TYR D 100 -19.46 -32.57 1.98
C TYR D 100 -20.11 -31.30 2.50
N TRP D 101 -19.78 -30.97 3.75
CA TRP D 101 -19.97 -29.64 4.31
C TRP D 101 -18.68 -29.22 5.01
N GLY D 102 -18.41 -27.91 4.97
CA GLY D 102 -17.20 -27.39 5.58
C GLY D 102 -17.24 -25.87 5.68
N TYR D 103 -16.18 -25.31 6.27
CA TYR D 103 -16.02 -23.86 6.35
C TYR D 103 -14.57 -23.52 6.67
N ILE D 104 -14.24 -22.24 6.55
CA ILE D 104 -12.92 -21.75 6.85
C ILE D 104 -12.88 -21.25 8.29
N THR D 105 -12.01 -21.92 9.07
CA THR D 105 -11.91 -21.77 10.52
C THR D 105 -10.97 -20.62 10.88
N ASN D 106 -10.96 -20.22 12.15
CA ASN D 106 -10.01 -19.24 12.67
C ASN D 106 -8.63 -19.86 12.87
N CYS D 107 -8.55 -21.19 13.07
CA CYS D 107 -7.27 -21.80 13.39
C CYS D 107 -7.41 -23.33 13.42
N GLY D 108 -6.31 -24.00 13.78
CA GLY D 108 -6.30 -25.44 13.97
C GLY D 108 -7.16 -25.89 15.16
N THR D 109 -7.15 -25.14 16.28
CA THR D 109 -7.90 -25.62 17.43
C THR D 109 -9.40 -25.62 17.06
N GLU D 110 -9.84 -24.60 16.31
CA GLU D 110 -11.25 -24.49 15.97
C GLU D 110 -11.68 -25.73 15.20
N GLY D 111 -10.81 -26.22 14.32
CA GLY D 111 -11.12 -27.41 13.51
C GLY D 111 -11.30 -28.64 14.40
N ASN D 112 -10.36 -28.83 15.32
CA ASN D 112 -10.43 -29.88 16.31
C ASN D 112 -11.71 -29.72 17.14
N LEU D 113 -11.99 -28.51 17.62
CA LEU D 113 -13.23 -28.24 18.35
C LEU D 113 -14.45 -28.65 17.52
N HIS D 114 -14.44 -28.35 16.21
CA HIS D 114 -15.62 -28.61 15.40
C HIS D 114 -15.79 -30.11 15.17
N GLY D 115 -14.74 -30.78 14.67
CA GLY D 115 -14.78 -32.19 14.32
C GLY D 115 -15.11 -33.07 15.52
N ILE D 116 -14.52 -32.79 16.66
CA ILE D 116 -14.81 -33.52 17.87
C ILE D 116 -16.24 -33.26 18.31
N LEU D 117 -16.75 -32.02 18.19
CA LEU D 117 -18.14 -31.73 18.55
C LEU D 117 -19.06 -32.55 17.64
N VAL D 118 -18.69 -32.68 16.36
CA VAL D 118 -19.47 -33.46 15.41
C VAL D 118 -19.49 -34.93 15.87
N GLY D 119 -18.31 -35.46 16.19
CA GLY D 119 -18.21 -36.81 16.69
C GLY D 119 -19.17 -37.03 17.86
N ARG D 120 -19.23 -36.06 18.79
CA ARG D 120 -20.04 -36.18 19.99
C ARG D 120 -21.52 -36.23 19.63
N GLU D 121 -21.98 -35.41 18.68
CA GLU D 121 -23.40 -35.38 18.36
C GLU D 121 -23.77 -36.63 17.56
N MET D 122 -22.78 -37.25 16.90
CA MET D 122 -22.94 -38.57 16.30
C MET D 122 -23.15 -39.63 17.38
N PHE D 123 -22.26 -39.63 18.39
CA PHE D 123 -22.24 -40.65 19.41
C PHE D 123 -22.19 -39.95 20.77
N PRO D 124 -23.34 -39.42 21.26
CA PRO D 124 -23.39 -38.76 22.57
C PRO D 124 -22.80 -39.55 23.75
N ASP D 125 -22.66 -40.88 23.62
CA ASP D 125 -22.11 -41.73 24.68
C ASP D 125 -20.70 -42.22 24.32
N GLY D 126 -20.21 -41.83 23.12
CA GLY D 126 -18.86 -42.14 22.68
C GLY D 126 -17.78 -41.77 23.71
N ILE D 127 -16.70 -42.58 23.72
CA ILE D 127 -15.45 -42.22 24.36
C ILE D 127 -14.57 -41.58 23.29
N LEU D 128 -13.87 -40.50 23.67
CA LEU D 128 -12.86 -39.92 22.81
C LEU D 128 -11.54 -40.64 23.08
N TYR D 129 -10.96 -41.27 22.04
CA TYR D 129 -9.63 -41.86 22.10
C TYR D 129 -8.70 -40.97 21.28
N ALA D 130 -7.52 -40.67 21.84
CA ALA D 130 -6.53 -39.83 21.16
C ALA D 130 -5.12 -40.17 21.67
N SER D 131 -4.13 -40.13 20.76
CA SER D 131 -2.73 -40.22 21.13
C SER D 131 -2.40 -39.28 22.31
N ARG D 132 -1.43 -39.66 23.16
CA ARG D 132 -0.93 -38.76 24.19
C ARG D 132 -0.24 -37.55 23.57
N GLU D 133 0.21 -37.66 22.31
CA GLU D 133 0.97 -36.60 21.67
C GLU D 133 0.08 -35.81 20.70
N SER D 134 -1.25 -36.01 20.79
CA SER D 134 -2.16 -35.16 20.03
C SER D 134 -2.21 -33.80 20.72
N HIS D 135 -2.64 -32.76 19.98
CA HIS D 135 -2.51 -31.38 20.41
C HIS D 135 -3.43 -31.12 21.61
N TYR D 136 -3.06 -30.15 22.44
CA TYR D 136 -3.81 -29.93 23.68
C TYR D 136 -5.24 -29.48 23.38
N SER D 137 -5.51 -28.93 22.19
CA SER D 137 -6.88 -28.60 21.82
C SER D 137 -7.82 -29.82 21.89
N VAL D 138 -7.30 -31.01 21.57
CA VAL D 138 -8.10 -32.22 21.60
C VAL D 138 -8.61 -32.47 23.02
N PHE D 139 -7.75 -32.28 24.02
CA PHE D 139 -8.08 -32.57 25.40
C PHE D 139 -8.95 -31.45 25.96
N LYS D 140 -8.68 -30.22 25.51
CA LYS D 140 -9.52 -29.08 25.86
C LYS D 140 -10.94 -29.33 25.39
N ALA D 141 -11.10 -29.82 24.15
CA ALA D 141 -12.40 -30.09 23.60
C ALA D 141 -13.15 -31.10 24.47
N ALA D 142 -12.47 -32.16 24.92
CA ALA D 142 -13.06 -33.17 25.80
C ALA D 142 -13.60 -32.51 27.06
N ARG D 143 -12.77 -31.71 27.75
CA ARG D 143 -13.17 -30.97 28.93
C ARG D 143 -14.34 -30.02 28.62
N MET D 144 -14.21 -29.22 27.56
CA MET D 144 -15.23 -28.24 27.24
C MET D 144 -16.58 -28.91 27.01
N TYR D 145 -16.55 -30.02 26.27
CA TYR D 145 -17.72 -30.72 25.80
C TYR D 145 -18.17 -31.87 26.73
N ARG D 146 -17.50 -32.03 27.88
CA ARG D 146 -17.88 -32.99 28.91
C ARG D 146 -17.93 -34.40 28.31
N MET D 147 -16.77 -34.88 27.87
CA MET D 147 -16.66 -36.15 27.18
C MET D 147 -15.59 -36.95 27.90
N GLU D 148 -15.84 -38.27 27.98
CA GLU D 148 -14.85 -39.19 28.50
C GLU D 148 -13.74 -39.30 27.47
N CYS D 149 -12.50 -39.15 27.93
CA CYS D 149 -11.36 -39.24 27.04
C CYS D 149 -10.38 -40.27 27.56
N GLU D 150 -9.96 -41.12 26.61
CA GLU D 150 -9.00 -42.17 26.83
C GLU D 150 -7.73 -41.85 26.02
N LYS D 151 -6.68 -41.40 26.72
CA LYS D 151 -5.40 -41.07 26.10
C LYS D 151 -4.63 -42.34 25.74
N VAL D 152 -4.58 -42.66 24.45
CA VAL D 152 -3.83 -43.81 23.96
C VAL D 152 -2.33 -43.51 24.01
N ASP D 153 -1.55 -44.57 24.31
CA ASP D 153 -0.09 -44.54 24.29
C ASP D 153 0.43 -44.37 22.87
N THR D 154 1.73 -44.09 22.80
CA THR D 154 2.40 -43.60 21.60
C THR D 154 3.69 -44.39 21.39
N LEU D 155 4.08 -44.67 20.14
CA LEU D 155 5.40 -45.21 19.83
C LEU D 155 6.48 -44.13 20.00
N MET D 156 7.76 -44.52 19.85
CA MET D 156 8.88 -43.59 19.94
C MET D 156 8.77 -42.51 18.88
N SER D 157 8.21 -42.87 17.72
CA SER D 157 8.03 -41.92 16.63
C SER D 157 7.10 -40.77 17.03
N GLY D 158 6.15 -41.04 17.95
CA GLY D 158 5.09 -40.11 18.30
C GLY D 158 3.72 -40.54 17.76
N GLU D 159 3.71 -41.59 16.90
CA GLU D 159 2.49 -42.22 16.44
C GLU D 159 1.67 -42.84 17.57
N ILE D 160 0.35 -42.89 17.37
CA ILE D 160 -0.53 -43.70 18.21
C ILE D 160 -0.06 -45.15 18.12
N ASP D 161 0.06 -45.79 19.29
CA ASP D 161 0.31 -47.20 19.43
C ASP D 161 -1.02 -47.92 19.29
N CYS D 162 -1.27 -48.54 18.12
CA CYS D 162 -2.55 -49.17 17.83
C CYS D 162 -2.76 -50.42 18.69
N ASP D 163 -1.71 -51.00 19.27
CA ASP D 163 -1.87 -52.13 20.19
C ASP D 163 -2.56 -51.64 21.46
N ASP D 164 -2.10 -50.53 22.04
CA ASP D 164 -2.72 -49.93 23.21
C ASP D 164 -4.12 -49.43 22.88
N LEU D 165 -4.38 -49.04 21.62
CA LEU D 165 -5.73 -48.68 21.23
C LEU D 165 -6.64 -49.89 21.35
N ARG D 166 -6.18 -51.09 20.89
CA ARG D 166 -6.95 -52.33 21.04
C ARG D 166 -7.41 -52.47 22.49
N LYS D 167 -6.44 -52.49 23.41
CA LYS D 167 -6.70 -52.67 24.83
C LYS D 167 -7.84 -51.74 25.26
N LYS D 168 -7.69 -50.45 24.93
CA LYS D 168 -8.61 -49.40 25.33
C LYS D 168 -10.01 -49.62 24.75
N LEU D 169 -10.08 -49.87 23.43
CA LEU D 169 -11.34 -50.14 22.74
C LEU D 169 -12.04 -51.36 23.35
N LEU D 170 -11.33 -52.51 23.44
CA LEU D 170 -11.86 -53.76 23.97
C LEU D 170 -12.46 -53.53 25.38
N ALA D 171 -11.75 -52.75 26.20
CA ALA D 171 -12.22 -52.45 27.54
C ALA D 171 -13.47 -51.57 27.52
N ASN D 172 -13.88 -51.05 26.35
CA ASN D 172 -15.03 -50.17 26.26
C ASN D 172 -15.86 -50.49 24.99
N LYS D 173 -16.06 -51.80 24.70
CA LYS D 173 -16.90 -52.25 23.59
C LYS D 173 -18.36 -51.85 23.81
N ASP D 174 -18.74 -51.67 25.08
CA ASP D 174 -20.08 -51.23 25.45
C ASP D 174 -20.51 -50.01 24.63
N LYS D 175 -19.63 -49.00 24.51
CA LYS D 175 -19.97 -47.70 23.98
C LYS D 175 -19.25 -47.43 22.66
N PRO D 176 -19.76 -46.48 21.83
CA PRO D 176 -19.10 -46.13 20.57
C PRO D 176 -17.73 -45.46 20.79
N ALA D 177 -17.04 -45.19 19.67
CA ALA D 177 -15.68 -44.67 19.72
C ALA D 177 -15.56 -43.42 18.85
N ILE D 178 -15.06 -42.32 19.45
CA ILE D 178 -14.71 -41.11 18.73
C ILE D 178 -13.19 -40.98 18.75
N LEU D 179 -12.55 -40.97 17.57
CA LEU D 179 -11.10 -40.94 17.48
C LEU D 179 -10.58 -39.61 16.95
N ASN D 180 -9.43 -39.19 17.50
CA ASN D 180 -8.64 -38.10 16.95
C ASN D 180 -7.32 -38.65 16.40
N VAL D 181 -7.21 -38.57 15.07
CA VAL D 181 -6.08 -39.09 14.34
C VAL D 181 -5.18 -37.91 13.91
N ASN D 182 -3.89 -37.98 14.28
CA ASN D 182 -2.96 -36.90 14.04
C ASN D 182 -2.24 -37.09 12.71
N ILE D 183 -2.50 -36.19 11.75
CA ILE D 183 -1.66 -36.09 10.58
C ILE D 183 -0.60 -35.04 10.86
N GLY D 184 0.46 -35.48 11.54
CA GLY D 184 1.56 -34.61 11.90
C GLY D 184 1.38 -34.06 13.30
N THR D 185 2.02 -34.71 14.30
CA THR D 185 1.94 -34.29 15.68
C THR D 185 2.83 -33.08 15.94
N THR D 186 2.35 -32.20 16.84
CA THR D 186 3.03 -30.97 17.17
C THR D 186 4.52 -31.16 17.40
N VAL D 187 4.89 -32.15 18.22
CA VAL D 187 6.25 -32.24 18.74
C VAL D 187 7.18 -33.04 17.83
N LYS D 188 6.77 -34.25 17.37
CA LYS D 188 7.72 -35.09 16.65
C LYS D 188 7.40 -35.18 15.16
N GLY D 189 6.31 -34.52 14.76
CA GLY D 189 5.83 -34.64 13.40
C GLY D 189 5.52 -36.08 13.02
N ALA D 190 4.88 -36.84 13.93
CA ALA D 190 4.40 -38.18 13.67
C ALA D 190 3.09 -38.16 12.87
N VAL D 191 2.90 -39.17 12.02
CA VAL D 191 1.61 -39.43 11.38
C VAL D 191 0.99 -40.72 11.91
N ASP D 192 -0.09 -40.59 12.69
CA ASP D 192 -0.90 -41.73 13.07
C ASP D 192 -1.24 -42.49 11.78
N ASP D 193 -1.06 -43.82 11.83
CA ASP D 193 -1.43 -44.70 10.73
C ASP D 193 -2.95 -44.84 10.71
N LEU D 194 -3.61 -44.07 9.84
CA LEU D 194 -5.06 -44.05 9.79
C LEU D 194 -5.58 -45.46 9.48
N ASP D 195 -4.98 -46.14 8.50
CA ASP D 195 -5.46 -47.45 8.07
C ASP D 195 -5.42 -48.48 9.19
N LEU D 196 -4.32 -48.49 9.94
CA LEU D 196 -4.16 -49.45 11.04
C LEU D 196 -5.13 -49.10 12.16
N VAL D 197 -5.53 -47.81 12.24
CA VAL D 197 -6.52 -47.40 13.23
C VAL D 197 -7.87 -47.95 12.80
N ILE D 198 -8.24 -47.71 11.54
CA ILE D 198 -9.50 -48.22 11.01
C ILE D 198 -9.48 -49.74 11.22
N LYS D 199 -8.37 -50.40 10.82
CA LYS D 199 -8.24 -51.85 10.95
C LYS D 199 -8.52 -52.26 12.39
N THR D 200 -7.77 -51.70 13.35
CA THR D 200 -7.93 -52.02 14.77
C THR D 200 -9.40 -51.91 15.20
N LEU D 201 -10.07 -50.84 14.73
CA LEU D 201 -11.45 -50.57 15.13
C LEU D 201 -12.34 -51.73 14.70
N GLU D 202 -12.23 -52.13 13.42
CA GLU D 202 -13.11 -53.14 12.84
C GLU D 202 -12.90 -54.48 13.53
N GLU D 203 -11.64 -54.87 13.71
CA GLU D 203 -11.38 -56.15 14.33
C GLU D 203 -11.42 -56.04 15.86
N CYS D 204 -11.93 -54.93 16.41
CA CYS D 204 -12.38 -54.90 17.80
C CYS D 204 -13.91 -54.80 17.86
N GLY D 205 -14.55 -54.97 16.70
CA GLY D 205 -16.00 -55.07 16.61
C GLY D 205 -16.69 -53.71 16.62
N PHE D 206 -15.96 -52.69 16.15
CA PHE D 206 -16.54 -51.39 15.88
C PHE D 206 -16.72 -51.30 14.36
N SER D 207 -17.94 -51.54 13.90
CA SER D 207 -18.23 -51.31 12.49
C SER D 207 -18.36 -49.81 12.31
N HIS D 208 -18.33 -49.39 11.05
CA HIS D 208 -18.72 -48.04 10.70
C HIS D 208 -20.13 -47.89 11.30
N ASP D 209 -20.55 -46.67 11.66
CA ASP D 209 -21.80 -46.44 12.37
C ASP D 209 -21.65 -46.72 13.85
N ARG D 210 -20.47 -47.19 14.33
CA ARG D 210 -20.25 -47.22 15.77
C ARG D 210 -18.92 -46.53 16.13
N PHE D 211 -18.29 -45.82 15.16
CA PHE D 211 -17.18 -44.92 15.45
C PHE D 211 -17.23 -43.67 14.56
N TYR D 212 -16.45 -42.66 14.95
CA TYR D 212 -16.26 -41.42 14.20
C TYR D 212 -14.80 -41.01 14.31
N ILE D 213 -14.17 -40.71 13.17
CA ILE D 213 -12.78 -40.27 13.15
C ILE D 213 -12.71 -38.82 12.67
N HIS D 214 -12.07 -37.97 13.49
CA HIS D 214 -11.58 -36.68 13.03
C HIS D 214 -10.08 -36.77 12.78
N CYS D 215 -9.66 -36.34 11.58
CA CYS D 215 -8.24 -36.19 11.26
C CYS D 215 -7.76 -34.76 11.50
N ASP D 216 -6.95 -34.56 12.54
CA ASP D 216 -6.28 -33.28 12.75
C ASP D 216 -5.02 -33.21 11.91
N GLY D 217 -5.14 -32.62 10.70
CA GLY D 217 -4.01 -32.51 9.79
C GLY D 217 -3.45 -31.09 9.71
N ALA D 218 -3.54 -30.33 10.83
CA ALA D 218 -3.12 -28.93 10.89
C ALA D 218 -1.95 -28.63 9.96
N LEU D 219 -0.79 -29.25 10.23
CA LEU D 219 0.38 -29.00 9.42
C LEU D 219 0.35 -29.87 8.17
N PHE D 220 0.54 -31.18 8.41
CA PHE D 220 0.98 -32.12 7.39
C PHE D 220 -0.22 -32.61 6.58
N GLY D 221 -1.43 -32.33 7.05
CA GLY D 221 -2.65 -32.72 6.35
C GLY D 221 -2.68 -32.20 4.93
N LEU D 222 -2.01 -31.05 4.68
CA LEU D 222 -1.95 -30.47 3.35
C LEU D 222 -0.71 -30.97 2.61
N MET D 223 0.25 -31.54 3.33
CA MET D 223 1.49 -31.91 2.69
C MET D 223 1.45 -33.38 2.22
N MET D 224 0.96 -34.28 3.08
CA MET D 224 0.87 -35.72 2.81
C MET D 224 0.27 -36.00 1.44
N PRO D 225 -0.88 -35.41 1.06
CA PRO D 225 -1.49 -35.67 -0.25
C PRO D 225 -0.48 -35.65 -1.39
N PHE D 226 0.59 -34.85 -1.26
CA PHE D 226 1.55 -34.64 -2.35
C PHE D 226 2.81 -35.46 -2.11
N VAL D 227 2.77 -36.36 -1.11
CA VAL D 227 3.83 -37.32 -0.92
C VAL D 227 3.43 -38.59 -1.65
N LYS D 228 4.26 -39.01 -2.61
CA LYS D 228 4.01 -40.21 -3.40
C LYS D 228 4.16 -41.42 -2.49
N ARG D 229 3.23 -42.38 -2.63
CA ARG D 229 3.21 -43.59 -1.84
C ARG D 229 3.05 -43.22 -0.36
N ALA D 230 1.98 -42.49 -0.03
CA ALA D 230 1.68 -42.15 1.35
C ALA D 230 0.23 -42.51 1.64
N PRO D 231 -0.09 -43.13 2.80
CA PRO D 231 -1.47 -43.46 3.13
C PRO D 231 -2.36 -42.22 3.00
N LYS D 232 -3.41 -42.33 2.17
CA LYS D 232 -4.26 -41.21 1.83
C LYS D 232 -5.32 -41.03 2.91
N VAL D 233 -5.59 -39.78 3.27
CA VAL D 233 -6.78 -39.50 4.02
C VAL D 233 -7.81 -39.07 2.97
N THR D 234 -8.98 -39.72 3.02
CA THR D 234 -9.98 -39.58 1.97
C THR D 234 -11.33 -39.99 2.55
N PHE D 235 -12.41 -39.43 2.00
CA PHE D 235 -13.74 -39.78 2.49
C PHE D 235 -14.19 -41.14 1.95
N ASN D 236 -13.32 -41.78 1.15
CA ASN D 236 -13.46 -43.16 0.70
C ASN D 236 -13.11 -44.15 1.81
N LYS D 237 -12.48 -43.66 2.88
CA LYS D 237 -12.34 -44.44 4.12
C LYS D 237 -13.33 -43.89 5.12
N PRO D 238 -13.64 -44.62 6.22
CA PRO D 238 -14.58 -44.18 7.24
C PRO D 238 -14.03 -43.03 8.09
N ILE D 239 -13.96 -41.88 7.41
CA ILE D 239 -13.44 -40.62 7.89
C ILE D 239 -14.66 -39.73 8.17
N GLY D 240 -14.71 -39.13 9.37
CA GLY D 240 -15.71 -38.16 9.72
C GLY D 240 -15.39 -36.76 9.18
N SER D 241 -14.14 -36.32 9.39
CA SER D 241 -13.77 -34.93 9.17
C SER D 241 -12.25 -34.77 9.13
N VAL D 242 -11.81 -33.66 8.52
CA VAL D 242 -10.41 -33.29 8.39
C VAL D 242 -10.24 -31.79 8.60
N SER D 243 -9.34 -31.42 9.52
CA SER D 243 -8.94 -30.04 9.72
C SER D 243 -7.54 -29.83 9.15
N VAL D 244 -7.27 -28.59 8.70
CA VAL D 244 -5.99 -28.20 8.14
C VAL D 244 -5.81 -26.68 8.29
N SER D 245 -4.56 -26.23 8.52
CA SER D 245 -4.25 -24.84 8.82
C SER D 245 -3.68 -24.09 7.61
N GLY D 246 -4.26 -22.89 7.36
CA GLY D 246 -3.84 -22.00 6.29
C GLY D 246 -2.52 -21.31 6.62
N HIS D 247 -2.42 -20.83 7.86
CA HIS D 247 -1.29 -20.03 8.28
C HIS D 247 -0.04 -20.90 8.41
N LYS D 248 -0.24 -22.22 8.40
CA LYS D 248 0.88 -23.14 8.49
C LYS D 248 1.56 -23.25 7.10
N PHE D 249 1.07 -24.14 6.22
CA PHE D 249 1.78 -24.40 4.96
C PHE D 249 1.55 -23.28 3.94
N VAL D 250 0.30 -22.85 3.75
CA VAL D 250 -0.01 -21.91 2.69
C VAL D 250 0.72 -20.59 2.93
N GLY D 251 0.73 -20.13 4.20
CA GLY D 251 1.26 -18.83 4.54
C GLY D 251 0.16 -17.78 4.49
N CYS D 252 -0.18 -17.22 5.66
CA CYS D 252 -1.18 -16.16 5.80
C CYS D 252 -0.77 -15.16 6.88
N PRO D 253 -1.10 -13.87 6.70
CA PRO D 253 -0.99 -12.88 7.79
C PRO D 253 -1.91 -13.09 9.00
N MET D 254 -3.09 -13.68 8.77
CA MET D 254 -4.03 -14.03 9.84
C MET D 254 -4.11 -15.57 9.95
N PRO D 255 -4.36 -16.14 11.15
CA PRO D 255 -4.58 -17.57 11.27
C PRO D 255 -5.94 -17.93 10.66
N CYS D 256 -6.02 -19.18 10.18
CA CYS D 256 -7.20 -19.70 9.53
C CYS D 256 -6.97 -21.17 9.22
N GLY D 257 -8.05 -21.85 8.85
CA GLY D 257 -7.92 -23.21 8.35
C GLY D 257 -9.17 -23.66 7.61
N VAL D 258 -9.25 -24.96 7.39
CA VAL D 258 -10.36 -25.53 6.65
C VAL D 258 -10.80 -26.78 7.40
N GLN D 259 -12.06 -26.80 7.83
CA GLN D 259 -12.70 -28.00 8.36
C GLN D 259 -13.60 -28.58 7.26
N ILE D 260 -13.44 -29.88 6.99
CA ILE D 260 -14.30 -30.55 6.04
C ILE D 260 -14.81 -31.85 6.63
N THR D 261 -16.14 -32.02 6.61
CA THR D 261 -16.85 -33.19 7.11
C THR D 261 -17.86 -33.63 6.04
N ARG D 262 -18.74 -34.58 6.41
CA ARG D 262 -19.80 -35.06 5.54
C ARG D 262 -21.11 -34.31 5.81
N MET D 263 -21.91 -34.12 4.75
CA MET D 263 -23.20 -33.45 4.83
C MET D 263 -24.14 -34.12 5.83
N GLU D 264 -24.17 -35.46 5.79
CA GLU D 264 -24.98 -36.28 6.68
C GLU D 264 -24.72 -35.94 8.15
N HIS D 265 -23.44 -35.76 8.49
CA HIS D 265 -23.04 -35.51 9.86
C HIS D 265 -23.54 -34.15 10.35
N ILE D 266 -23.70 -33.19 9.43
CA ILE D 266 -23.95 -31.81 9.82
C ILE D 266 -25.44 -31.59 10.06
N LYS D 267 -26.30 -32.40 9.43
CA LYS D 267 -27.73 -32.37 9.68
C LYS D 267 -28.04 -32.95 11.06
N VAL D 268 -27.26 -33.95 11.47
CA VAL D 268 -27.30 -34.54 12.80
C VAL D 268 -26.64 -33.60 13.83
N LEU D 269 -26.17 -32.43 13.40
CA LEU D 269 -25.68 -31.41 14.33
C LEU D 269 -26.77 -30.37 14.58
N SER D 270 -27.81 -30.33 13.72
CA SER D 270 -28.67 -29.17 13.54
C SER D 270 -28.78 -28.35 14.82
N ASP D 280 -27.10 -23.20 11.93
CA ASP D 280 -25.71 -22.69 12.06
C ASP D 280 -24.81 -23.73 12.73
N ALA D 281 -23.86 -24.28 11.94
CA ALA D 281 -23.05 -25.42 12.33
C ALA D 281 -21.57 -25.08 12.51
N THR D 282 -21.23 -23.78 12.54
CA THR D 282 -19.87 -23.31 12.77
C THR D 282 -19.71 -23.05 14.26
N ILE D 283 -18.51 -23.28 14.84
CA ILE D 283 -18.29 -22.92 16.24
C ILE D 283 -18.44 -21.41 16.38
N MET D 284 -17.79 -20.64 15.50
CA MET D 284 -17.76 -19.19 15.63
C MET D 284 -18.87 -18.57 14.79
N GLY D 285 -19.14 -17.26 15.02
CA GLY D 285 -20.22 -16.53 14.35
C GLY D 285 -19.73 -15.63 13.22
N SER D 286 -19.12 -14.48 13.59
CA SER D 286 -18.40 -13.67 12.63
C SER D 286 -17.14 -14.41 12.24
N ARG D 287 -16.81 -14.38 10.95
CA ARG D 287 -15.67 -15.09 10.42
C ARG D 287 -14.93 -14.19 9.44
N ASN D 288 -13.59 -14.14 9.57
CA ASN D 288 -12.82 -13.14 8.85
C ASN D 288 -12.92 -13.47 7.36
N GLY D 289 -13.59 -12.59 6.62
CA GLY D 289 -13.85 -12.83 5.20
C GLY D 289 -12.60 -12.61 4.32
N HIS D 290 -11.50 -12.15 4.92
CA HIS D 290 -10.26 -11.99 4.19
C HIS D 290 -9.57 -13.34 4.04
N ALA D 291 -9.76 -14.25 5.00
CA ALA D 291 -9.03 -15.50 4.98
C ALA D 291 -9.35 -16.24 3.69
N PRO D 292 -10.64 -16.38 3.32
CA PRO D 292 -11.00 -17.03 2.05
C PRO D 292 -10.31 -16.44 0.83
N LEU D 293 -10.08 -15.12 0.81
CA LEU D 293 -9.44 -14.46 -0.32
C LEU D 293 -7.99 -14.88 -0.41
N PHE D 294 -7.35 -14.95 0.74
CA PHE D 294 -5.94 -15.29 0.81
C PHE D 294 -5.78 -16.72 0.29
N LEU D 295 -6.61 -17.62 0.83
CA LEU D 295 -6.54 -19.03 0.43
C LEU D 295 -6.89 -19.15 -1.05
N TRP D 296 -7.99 -18.49 -1.49
CA TRP D 296 -8.40 -18.53 -2.90
C TRP D 296 -7.24 -18.14 -3.82
N TYR D 297 -6.56 -17.04 -3.47
CA TYR D 297 -5.50 -16.48 -4.30
C TYR D 297 -4.33 -17.49 -4.41
N THR D 298 -3.91 -18.11 -3.29
CA THR D 298 -2.72 -18.94 -3.30
C THR D 298 -2.98 -20.27 -4.00
N LEU D 299 -4.13 -20.92 -3.67
CA LEU D 299 -4.52 -22.19 -4.30
C LEU D 299 -4.56 -22.00 -5.81
N ASN D 300 -5.25 -20.93 -6.25
CA ASN D 300 -5.34 -20.61 -7.67
C ASN D 300 -3.96 -20.44 -8.29
N ARG D 301 -3.03 -19.86 -7.52
CA ARG D 301 -1.75 -19.44 -8.07
C ARG D 301 -0.82 -20.63 -8.18
N LYS D 302 -0.95 -21.62 -7.29
CA LYS D 302 0.04 -22.67 -7.13
C LYS D 302 -0.50 -24.02 -7.62
N GLY D 303 -1.72 -24.38 -7.16
CA GLY D 303 -2.36 -25.62 -7.58
C GLY D 303 -1.71 -26.85 -6.93
N TYR D 304 -2.21 -28.05 -7.32
CA TYR D 304 -1.70 -29.32 -6.83
C TYR D 304 -0.21 -29.37 -7.20
N LYS D 305 0.10 -28.83 -8.38
CA LYS D 305 1.45 -28.85 -8.90
C LYS D 305 2.39 -28.10 -7.97
N GLY D 306 2.09 -26.81 -7.75
CA GLY D 306 2.91 -25.94 -6.92
C GLY D 306 3.10 -26.48 -5.50
N PHE D 307 2.02 -27.04 -4.92
CA PHE D 307 2.09 -27.62 -3.59
C PHE D 307 3.04 -28.81 -3.61
N GLN D 308 2.98 -29.62 -4.68
CA GLN D 308 3.86 -30.75 -4.83
C GLN D 308 5.32 -30.31 -4.75
N LYS D 309 5.69 -29.29 -5.53
CA LYS D 309 7.07 -28.80 -5.54
C LYS D 309 7.52 -28.50 -4.12
N GLU D 310 6.70 -27.69 -3.43
CA GLU D 310 7.09 -27.13 -2.15
C GLU D 310 7.21 -28.22 -1.09
N VAL D 311 6.31 -29.21 -1.12
CA VAL D 311 6.36 -30.32 -0.17
C VAL D 311 7.66 -31.09 -0.36
N GLN D 312 7.99 -31.42 -1.62
CA GLN D 312 9.20 -32.16 -1.96
C GLN D 312 10.42 -31.39 -1.46
N LYS D 313 10.39 -30.05 -1.61
CA LYS D 313 11.49 -29.22 -1.15
C LYS D 313 11.60 -29.24 0.38
N CYS D 314 10.46 -29.20 1.08
CA CYS D 314 10.47 -29.18 2.54
C CYS D 314 11.03 -30.48 3.09
N LEU D 315 10.75 -31.59 2.39
CA LEU D 315 11.30 -32.88 2.81
C LEU D 315 12.80 -32.89 2.55
N ARG D 316 13.20 -32.52 1.33
CA ARG D 316 14.61 -32.49 0.99
C ARG D 316 15.38 -31.67 2.04
N ASN D 317 14.87 -30.48 2.38
CA ASN D 317 15.56 -29.56 3.28
C ASN D 317 15.50 -30.05 4.72
N ALA D 318 14.43 -30.74 5.11
CA ALA D 318 14.40 -31.36 6.42
C ALA D 318 15.51 -32.41 6.50
N HIS D 319 15.58 -33.28 5.46
CA HIS D 319 16.60 -34.31 5.38
C HIS D 319 18.01 -33.70 5.37
N TYR D 320 18.17 -32.56 4.70
CA TYR D 320 19.42 -31.82 4.74
C TYR D 320 19.79 -31.49 6.18
N LEU D 321 18.85 -30.87 6.90
CA LEU D 321 19.13 -30.42 8.26
C LEU D 321 19.50 -31.61 9.15
N LYS D 322 18.80 -32.73 9.01
CA LYS D 322 19.06 -33.90 9.83
C LYS D 322 20.47 -34.42 9.54
N ASP D 323 20.78 -34.70 8.26
CA ASP D 323 22.12 -35.11 7.85
C ASP D 323 23.18 -34.24 8.51
N ARG D 324 23.04 -32.93 8.36
CA ARG D 324 24.06 -31.97 8.77
C ARG D 324 24.23 -31.97 10.30
N LEU D 325 23.13 -32.20 11.03
CA LEU D 325 23.19 -32.31 12.47
C LEU D 325 24.00 -33.54 12.89
N ARG D 326 23.83 -34.65 12.17
CA ARG D 326 24.51 -35.90 12.53
C ARG D 326 26.01 -35.77 12.29
N GLU D 327 26.38 -35.25 11.09
CA GLU D 327 27.77 -34.94 10.75
C GLU D 327 28.44 -34.11 11.83
N ALA D 328 27.71 -33.11 12.36
CA ALA D 328 28.25 -32.24 13.40
C ALA D 328 28.30 -32.95 14.76
N GLY D 329 27.77 -34.18 14.86
CA GLY D 329 27.86 -34.95 16.09
C GLY D 329 26.57 -34.92 16.90
N ILE D 330 25.60 -34.12 16.44
CA ILE D 330 24.39 -33.82 17.19
C ILE D 330 23.32 -34.87 16.85
N SER D 331 22.70 -35.46 17.88
CA SER D 331 21.66 -36.45 17.63
C SER D 331 20.35 -35.75 17.28
N ALA D 332 19.70 -36.34 16.27
CA ALA D 332 18.52 -35.80 15.63
C ALA D 332 17.69 -36.93 15.04
N MET D 333 16.40 -36.67 14.83
CA MET D 333 15.47 -37.65 14.27
C MET D 333 14.56 -36.94 13.26
N LEU D 334 14.16 -37.68 12.22
CA LEU D 334 13.17 -37.16 11.28
C LEU D 334 12.29 -38.30 10.76
N ASN D 335 11.07 -38.42 11.31
CA ASN D 335 10.09 -39.39 10.82
C ASN D 335 9.92 -39.26 9.31
N GLU D 336 9.51 -40.36 8.67
CA GLU D 336 8.99 -40.26 7.32
C GLU D 336 7.64 -39.59 7.45
N LEU D 337 7.22 -38.96 6.37
CA LEU D 337 5.99 -38.20 6.37
C LEU D 337 6.11 -37.02 7.33
N SER D 338 7.25 -36.33 7.32
CA SER D 338 7.49 -35.21 8.24
C SER D 338 8.52 -34.25 7.67
N SER D 339 8.25 -32.93 7.83
CA SER D 339 9.26 -31.91 7.59
C SER D 339 9.84 -31.35 8.89
N THR D 340 9.70 -32.08 10.01
CA THR D 340 10.09 -31.54 11.31
C THR D 340 11.15 -32.41 11.98
N VAL D 341 12.27 -31.73 12.26
CA VAL D 341 13.50 -32.35 12.68
C VAL D 341 13.65 -32.11 14.18
N VAL D 342 13.75 -33.22 14.91
CA VAL D 342 13.89 -33.21 16.35
C VAL D 342 15.34 -33.53 16.69
N PHE D 343 16.02 -32.60 17.36
CA PHE D 343 17.41 -32.73 17.72
C PHE D 343 17.60 -32.29 19.16
N GLU D 344 18.83 -32.37 19.67
CA GLU D 344 19.07 -32.11 21.07
C GLU D 344 18.97 -30.62 21.37
N ARG D 345 18.18 -30.30 22.40
CA ARG D 345 17.85 -28.94 22.80
C ARG D 345 19.13 -28.13 23.04
N PRO D 346 19.29 -26.96 22.38
CA PRO D 346 20.33 -26.00 22.77
C PRO D 346 20.36 -25.71 24.27
N LYS D 347 21.57 -25.68 24.85
CA LYS D 347 21.76 -25.58 26.29
C LYS D 347 21.39 -24.19 26.79
N ASP D 348 22.07 -23.16 26.25
CA ASP D 348 21.81 -21.77 26.60
C ASP D 348 20.58 -21.35 25.81
N GLU D 349 19.47 -21.15 26.53
CA GLU D 349 18.19 -21.07 25.85
C GLU D 349 17.86 -19.60 25.58
N GLU D 350 18.90 -18.79 25.41
CA GLU D 350 18.77 -17.54 24.70
C GLU D 350 18.99 -17.81 23.21
N PHE D 351 19.82 -18.81 22.89
CA PHE D 351 19.98 -19.31 21.53
C PHE D 351 18.64 -19.83 21.03
N VAL D 352 17.84 -20.37 21.96
CA VAL D 352 16.51 -20.86 21.65
C VAL D 352 15.60 -19.70 21.26
N ARG D 353 15.71 -18.57 21.98
CA ARG D 353 14.81 -17.46 21.75
C ARG D 353 15.18 -16.74 20.46
N ARG D 354 16.48 -16.65 20.15
CA ARG D 354 16.93 -15.97 18.93
C ARG D 354 16.41 -16.74 17.72
N TRP D 355 16.44 -18.08 17.79
CA TRP D 355 16.04 -18.94 16.69
C TRP D 355 14.58 -19.38 16.83
N GLN D 356 13.90 -18.92 17.88
CA GLN D 356 12.47 -19.14 18.05
C GLN D 356 12.17 -20.62 17.90
N LEU D 357 12.99 -21.44 18.59
CA LEU D 357 12.87 -22.89 18.57
C LEU D 357 11.80 -23.32 19.56
N ALA D 358 11.18 -24.47 19.25
CA ALA D 358 10.20 -25.08 20.13
C ALA D 358 10.85 -26.20 20.90
N CYS D 359 10.70 -26.19 22.22
CA CYS D 359 11.46 -27.07 23.09
C CYS D 359 10.55 -27.77 24.09
N GLN D 360 11.02 -28.93 24.57
CA GLN D 360 10.29 -29.79 25.48
C GLN D 360 11.27 -30.82 26.02
N GLY D 361 11.33 -30.96 27.37
CA GLY D 361 12.38 -31.76 28.00
C GLY D 361 13.74 -31.34 27.44
N ASP D 362 14.62 -32.30 27.11
CA ASP D 362 15.86 -31.91 26.46
C ASP D 362 15.78 -32.29 24.99
N ILE D 363 14.76 -31.76 24.32
CA ILE D 363 14.64 -31.87 22.87
C ILE D 363 14.12 -30.54 22.32
N ALA D 364 14.44 -30.25 21.05
CA ALA D 364 13.89 -29.10 20.36
C ALA D 364 13.63 -29.50 18.92
N HIS D 365 12.78 -28.74 18.20
CA HIS D 365 12.52 -29.05 16.81
C HIS D 365 12.56 -27.82 15.90
N VAL D 366 12.92 -28.11 14.64
CA VAL D 366 12.83 -27.19 13.52
C VAL D 366 11.82 -27.75 12.52
N VAL D 367 10.76 -26.97 12.26
CA VAL D 367 9.74 -27.31 11.30
C VAL D 367 10.12 -26.64 9.98
N VAL D 368 10.44 -27.47 8.99
CA VAL D 368 10.91 -26.98 7.70
C VAL D 368 9.70 -26.69 6.84
N MET D 369 9.37 -25.39 6.75
CA MET D 369 8.27 -24.92 5.92
C MET D 369 8.85 -24.44 4.58
N PRO D 370 8.01 -24.04 3.59
CA PRO D 370 8.51 -23.38 2.38
C PRO D 370 9.47 -22.19 2.58
N SER D 371 9.19 -21.34 3.57
CA SER D 371 10.02 -20.17 3.83
C SER D 371 11.39 -20.57 4.38
N VAL D 372 11.52 -21.77 4.94
CA VAL D 372 12.81 -22.23 5.47
C VAL D 372 13.66 -22.73 4.31
N THR D 373 14.79 -22.04 4.17
CA THR D 373 15.65 -22.10 2.99
C THR D 373 17.01 -22.65 3.42
N ILE D 374 17.73 -23.29 2.50
CA ILE D 374 19.04 -23.88 2.82
C ILE D 374 19.98 -22.82 3.38
N GLU D 375 20.00 -21.63 2.77
CA GLU D 375 20.81 -20.53 3.27
C GLU D 375 20.54 -20.33 4.77
N LYS D 376 19.25 -20.32 5.16
CA LYS D 376 18.83 -20.01 6.52
C LYS D 376 19.18 -21.16 7.46
N LEU D 377 19.17 -22.39 6.92
CA LEU D 377 19.54 -23.58 7.69
C LEU D 377 21.05 -23.56 7.95
N ASP D 378 21.81 -23.27 6.90
CA ASP D 378 23.26 -23.14 6.98
C ASP D 378 23.64 -22.12 8.05
N ASN D 379 22.91 -20.98 8.09
CA ASN D 379 23.18 -19.92 9.06
C ASN D 379 22.95 -20.44 10.48
N PHE D 380 21.82 -21.13 10.68
CA PHE D 380 21.48 -21.77 11.94
C PHE D 380 22.56 -22.75 12.41
N LEU D 381 23.04 -23.61 11.49
CA LEU D 381 24.00 -24.67 11.78
C LEU D 381 25.34 -24.11 12.24
N LYS D 382 25.86 -23.09 11.53
CA LYS D 382 27.09 -22.42 11.93
C LYS D 382 26.94 -21.91 13.35
N ASP D 383 25.83 -21.20 13.61
CA ASP D 383 25.67 -20.52 14.87
C ASP D 383 25.43 -21.52 16.00
N LEU D 384 24.92 -22.71 15.66
CA LEU D 384 24.70 -23.78 16.64
C LEU D 384 26.06 -24.34 17.04
N VAL D 385 26.78 -24.87 16.05
CA VAL D 385 28.10 -25.47 16.24
C VAL D 385 29.00 -24.55 17.06
N LYS D 386 29.05 -23.25 16.67
CA LYS D 386 29.82 -22.23 17.35
C LYS D 386 29.45 -22.14 18.85
N HIS D 387 28.14 -22.10 19.16
CA HIS D 387 27.68 -21.98 20.54
C HIS D 387 27.77 -23.31 21.30
N ARG D 388 27.81 -24.43 20.57
CA ARG D 388 27.98 -25.75 21.17
C ARG D 388 29.36 -25.85 21.84
N LEU D 389 30.40 -25.44 21.12
CA LEU D 389 31.77 -25.43 21.63
C LEU D 389 31.81 -24.71 22.99
N ILE D 390 31.16 -23.54 23.06
CA ILE D 390 31.12 -22.72 24.27
C ILE D 390 30.34 -23.44 25.37
N TRP D 391 29.19 -24.05 25.05
CA TRP D 391 28.35 -24.70 26.04
C TRP D 391 29.08 -25.86 26.71
N TYR D 392 29.98 -26.53 25.97
CA TYR D 392 30.46 -27.85 26.34
C TYR D 392 31.99 -27.89 26.46
N GLU D 393 32.62 -26.71 26.57
CA GLU D 393 34.08 -26.65 26.71
C GLU D 393 34.51 -26.76 28.18
N ASP D 394 33.67 -27.33 29.05
CA ASP D 394 34.03 -27.65 30.43
C ASP D 394 34.04 -29.15 30.67
N GLY D 395 33.99 -29.94 29.58
CA GLY D 395 33.87 -31.39 29.66
C GLY D 395 32.44 -31.85 30.00
N SER D 396 31.53 -30.88 30.22
CA SER D 396 30.09 -31.13 30.31
C SER D 396 29.57 -31.70 28.99
N GLN D 397 28.61 -32.65 29.06
CA GLN D 397 28.23 -33.41 27.88
C GLN D 397 26.79 -33.09 27.47
N PRO D 398 26.43 -33.25 26.17
CA PRO D 398 25.05 -33.04 25.72
C PRO D 398 24.13 -34.15 26.21
N PRO D 399 22.79 -33.95 26.22
CA PRO D 399 21.89 -34.95 26.81
C PRO D 399 21.75 -36.20 25.93
N CYS D 400 21.16 -37.27 26.49
CA CYS D 400 21.27 -38.58 25.87
C CYS D 400 20.15 -38.85 24.84
N LEU D 401 18.95 -38.27 24.99
CA LEU D 401 18.01 -38.15 23.88
C LEU D 401 17.32 -39.47 23.52
N ALA D 402 17.79 -40.63 23.98
CA ALA D 402 17.27 -41.93 23.53
C ALA D 402 15.91 -42.21 24.14
N SER D 403 15.70 -41.74 25.39
CA SER D 403 14.37 -41.69 26.00
C SER D 403 13.38 -41.04 25.05
N GLU D 404 13.76 -39.91 24.44
CA GLU D 404 12.82 -39.07 23.73
C GLU D 404 12.64 -39.52 22.28
N VAL D 405 13.66 -40.17 21.69
CA VAL D 405 13.75 -40.24 20.25
C VAL D 405 14.07 -41.66 19.75
N GLY D 406 14.49 -42.57 20.66
CA GLY D 406 14.89 -43.93 20.32
C GLY D 406 16.42 -44.09 20.24
N THR D 407 16.94 -45.25 20.69
CA THR D 407 18.38 -45.51 20.68
C THR D 407 18.93 -45.53 19.26
N ASN D 408 18.11 -45.97 18.29
CA ASN D 408 18.49 -46.05 16.90
C ASN D 408 18.76 -44.66 16.31
N ASN D 409 18.38 -43.59 17.03
CA ASN D 409 18.49 -42.22 16.55
C ASN D 409 19.49 -41.41 17.36
N CYS D 410 19.98 -41.97 18.48
CA CYS D 410 20.87 -41.25 19.37
C CYS D 410 22.34 -41.51 19.04
N ILE D 411 23.20 -40.51 19.29
CA ILE D 411 24.62 -40.52 18.94
C ILE D 411 25.49 -40.28 20.17
N CYS D 412 24.91 -39.96 21.34
CA CYS D 412 25.69 -39.71 22.54
C CYS D 412 26.69 -40.84 22.72
N PRO D 413 27.77 -40.67 23.53
CA PRO D 413 28.85 -41.66 23.61
C PRO D 413 28.37 -43.11 23.73
N ALA D 414 27.38 -43.33 24.63
CA ALA D 414 26.80 -44.64 24.90
C ALA D 414 26.11 -45.25 23.68
N HIS D 415 25.72 -44.42 22.70
CA HIS D 415 24.79 -44.89 21.69
C HIS D 415 25.34 -44.84 20.27
N LYS D 416 26.43 -44.10 20.00
CA LYS D 416 27.10 -44.25 18.72
C LYS D 416 27.02 -45.71 18.26
N ALA D 417 27.25 -46.68 19.18
CA ALA D 417 27.24 -48.13 18.92
C ALA D 417 25.86 -48.79 19.10
N ALA D 418 24.80 -48.19 18.52
CA ALA D 418 23.49 -48.82 18.31
C ALA D 418 22.76 -48.04 17.20
N1 PLP E . -23.84 -10.50 20.73
C2 PLP E . -24.69 -9.68 20.09
C2A PLP E . -25.53 -8.76 20.91
C3 PLP E . -24.75 -9.66 18.69
O3 PLP E . -25.62 -8.80 18.05
C4 PLP E . -23.91 -10.52 17.92
C4A PLP E . -24.02 -10.51 16.44
C5 PLP E . -23.03 -11.37 18.64
C6 PLP E . -23.04 -11.31 20.01
C5A PLP E . -22.12 -12.34 17.98
O4P PLP E . -20.81 -11.74 17.73
P PLP E . -19.89 -12.24 16.49
O1P PLP E . -20.83 -12.31 15.28
O2P PLP E . -19.33 -13.62 16.83
O3P PLP E . -18.85 -11.12 16.41
ZN ZN F . -51.16 -0.88 15.56
C1 GOL G . -23.54 -10.40 13.92
O1 GOL G . -22.20 -10.34 14.41
C2 GOL G . -24.59 -10.13 15.00
O2 GOL G . -25.11 -8.82 14.81
C3 GOL G . -25.77 -11.09 14.95
O3 GOL G . -25.46 -12.38 14.43
N1 PLP H . 1.04 27.87 -18.54
C2 PLP H . 0.07 28.39 -17.81
C2A PLP H . -1.07 29.08 -18.51
C3 PLP H . 0.09 28.31 -16.41
O3 PLP H . -0.96 28.91 -15.74
C4 PLP H . 1.18 27.65 -15.76
C4A PLP H . 1.19 27.56 -14.27
C5 PLP H . 2.18 27.08 -16.57
C6 PLP H . 2.08 27.24 -17.93
C5A PLP H . 3.40 26.37 -16.02
O4P PLP H . 3.46 24.93 -16.25
P PLP H . 4.29 24.05 -15.17
O1P PLP H . 3.65 22.66 -15.08
O2P PLP H . 5.72 23.98 -15.68
O3P PLP H . 4.17 24.83 -13.86
ZN ZN I . -14.26 50.38 -9.05
C1 GOL J . 1.30 26.73 -11.87
O1 GOL J . 1.92 25.58 -12.48
C2 GOL J . 1.36 27.97 -12.74
O2 GOL J . 2.59 28.65 -12.51
C3 GOL J . 0.24 28.96 -12.42
O3 GOL J . -0.99 28.31 -12.14
N1 PLP K . 25.32 12.45 -18.04
C2 PLP K . 25.80 11.20 -18.16
C2A PLP K . 27.26 10.97 -17.92
C3 PLP K . 24.93 10.12 -18.44
O3 PLP K . 25.39 8.81 -18.53
C4 PLP K . 23.54 10.37 -18.62
C4A PLP K . 22.69 9.19 -18.92
C5 PLP K . 23.09 11.71 -18.49
C6 PLP K . 24.01 12.69 -18.20
C5A PLP K . 21.66 12.15 -18.66
O4P PLP K . 20.88 11.87 -17.47
P PLP K . 19.24 11.69 -17.57
O1P PLP K . 18.74 13.05 -18.08
O2P PLP K . 18.77 11.40 -16.14
O3P PLP K . 18.95 10.53 -18.54
ZN ZN L . 43.60 -7.25 -30.18
C1 GOL M . 22.13 6.56 -19.19
O1 GOL M . 23.51 6.24 -19.06
C2 GOL M . 21.98 7.98 -19.70
O2 GOL M . 22.25 7.93 -21.11
C3 GOL M . 20.60 8.57 -19.47
O3 GOL M . 19.93 8.12 -18.29
N1 PLP N . -2.64 -29.46 15.66
C2 PLP N . -1.31 -29.54 15.58
C2A PLP N . -0.68 -30.82 15.16
C3 PLP N . -0.51 -28.44 15.92
O3 PLP N . 0.86 -28.60 15.81
C4 PLP N . -1.12 -27.22 16.31
C4A PLP N . -0.25 -26.09 16.70
C5 PLP N . -2.54 -27.16 16.37
C6 PLP N . -3.24 -28.30 16.04
C5A PLP N . -3.32 -25.96 16.83
O4P PLP N . -3.72 -25.04 15.77
P PLP N . -3.80 -23.42 15.98
O1P PLP N . -5.16 -23.15 16.64
O2P PLP N . -3.73 -22.85 14.57
O3P PLP N . -2.63 -22.94 16.86
ZN ZN O . 22.03 -41.57 23.96
C1 GOL P . 0.02 -24.11 16.75
O1 GOL P . 0.71 -22.94 16.32
C2 GOL P . 0.97 -25.22 17.17
O2 GOL P . 1.13 -25.21 18.61
C3 GOL P . 2.33 -25.21 16.48
O3 GOL P . 3.26 -26.16 17.03
#